data_2WVJ
#
_entry.id   2WVJ
#
_cell.length_a   156.902
_cell.length_b   123.252
_cell.length_c   121.024
_cell.angle_alpha   90.00
_cell.angle_beta   132.98
_cell.angle_gamma   90.00
#
_symmetry.space_group_name_H-M   'C 1 2 1'
#
loop_
_entity.id
_entity.type
_entity.pdbx_description
1 polymer 'THYMIDINE KINASE, CYTOSOLIC'
2 non-polymer "THYMIDINE-5'-TRIPHOSPHATE"
3 non-polymer 'ZINC ION'
4 non-polymer 'MAGNESIUM ION'
5 water water
#
_entity_poly.entity_id   1
_entity_poly.type   'polypeptide(L)'
_entity_poly.pdbx_seq_one_letter_code
;MSCINLPTVLPGSPSKTRGQIQVILGPMFSGKSTELMRRVRRFQIAQYKCLVIKYAKDTRYSSSFCTHDRNTMEALPACL
LRDVAQEALGVAVIGIDEGQFFPDIVEFCEAMANAGKTVIVAALDGTFQRKPFGAILNLVPLAESVVKLTAVCMECFREA
AYSKRLGTEKEVEVIGGADKYHSVCRLCYFKKA
;
_entity_poly.pdbx_strand_id   A,B,C,D,E,F,G,H
#
loop_
_chem_comp.id
_chem_comp.type
_chem_comp.name
_chem_comp.formula
MG non-polymer 'MAGNESIUM ION' 'Mg 2'
TTP non-polymer THYMIDINE-5'-TRIPHOSPHATE 'C10 H17 N2 O14 P3'
ZN non-polymer 'ZINC ION' 'Zn 2'
#
# COMPACT_ATOMS: atom_id res chain seq x y z
N ARG A 18 7.54 9.08 -42.57
CA ARG A 18 7.75 8.69 -41.14
C ARG A 18 6.50 8.95 -40.30
N GLY A 19 5.82 7.88 -39.93
CA GLY A 19 4.62 7.98 -39.11
C GLY A 19 5.00 8.01 -37.65
N GLN A 20 4.06 8.46 -36.81
CA GLN A 20 4.29 8.48 -35.38
C GLN A 20 2.99 8.55 -34.58
N ILE A 21 3.08 8.22 -33.29
CA ILE A 21 1.97 8.38 -32.35
C ILE A 21 2.35 9.36 -31.23
N GLN A 22 1.52 10.37 -31.02
CA GLN A 22 1.66 11.30 -29.90
C GLN A 22 0.44 11.17 -29.00
N VAL A 23 0.68 11.06 -27.70
CA VAL A 23 -0.40 10.89 -26.73
C VAL A 23 -0.44 12.08 -25.77
N ILE A 24 -1.62 12.67 -25.63
CA ILE A 24 -1.87 13.77 -24.71
C ILE A 24 -2.79 13.27 -23.59
N LEU A 25 -2.19 12.97 -22.44
CA LEU A 25 -2.97 12.49 -21.30
C LEU A 25 -3.27 13.63 -20.34
N GLY A 26 -4.11 13.34 -19.35
CA GLY A 26 -4.41 14.27 -18.28
C GLY A 26 -5.79 14.00 -17.71
N PRO A 27 -6.13 14.68 -16.61
CA PRO A 27 -7.47 14.54 -16.04
C PRO A 27 -8.46 15.37 -16.86
N MET A 28 -9.72 15.37 -16.43
CA MET A 28 -10.70 16.28 -17.00
C MET A 28 -10.29 17.74 -16.72
N PHE A 29 -10.70 18.64 -17.62
CA PHE A 29 -10.55 20.09 -17.48
C PHE A 29 -9.11 20.60 -17.61
N SER A 30 -8.23 19.75 -18.18
CA SER A 30 -6.82 20.09 -18.39
C SER A 30 -6.55 20.60 -19.81
N GLY A 31 -7.59 20.60 -20.66
CA GLY A 31 -7.53 21.13 -22.02
C GLY A 31 -6.81 20.25 -23.03
N LYS A 32 -6.96 18.94 -22.88
CA LYS A 32 -6.36 17.94 -23.77
C LYS A 32 -6.79 18.11 -25.24
N SER A 33 -8.07 18.36 -25.47
CA SER A 33 -8.57 18.50 -26.85
C SER A 33 -8.18 19.85 -27.47
N THR A 34 -7.92 20.84 -26.61
CA THR A 34 -7.37 22.13 -27.05
C THR A 34 -5.91 21.98 -27.49
N GLU A 35 -5.13 21.20 -26.74
CA GLU A 35 -3.77 20.86 -27.16
C GLU A 35 -3.77 19.98 -28.41
N LEU A 36 -4.74 19.06 -28.52
CA LEU A 36 -4.91 18.27 -29.74
C LEU A 36 -5.07 19.18 -30.95
N MET A 37 -6.01 20.12 -30.84
CA MET A 37 -6.29 21.06 -31.94
C MET A 37 -5.11 21.97 -32.28
N ARG A 38 -4.39 22.45 -31.28
CA ARG A 38 -3.16 23.23 -31.52
C ARG A 38 -2.15 22.45 -32.36
N ARG A 39 -1.93 21.18 -32.01
CA ARG A 39 -0.95 20.37 -32.72
C ARG A 39 -1.38 20.08 -34.17
N VAL A 40 -2.68 19.80 -34.35
CA VAL A 40 -3.23 19.50 -35.67
C VAL A 40 -3.22 20.73 -36.61
N ARG A 41 -3.66 21.88 -36.11
CA ARG A 41 -3.70 23.13 -36.89
C ARG A 41 -2.32 23.58 -37.42
N ARG A 42 -1.25 23.24 -36.69
CA ARG A 42 0.13 23.50 -37.13
C ARG A 42 0.45 22.79 -38.44
N PHE A 43 0.01 21.53 -38.56
CA PHE A 43 0.14 20.78 -39.81
C PHE A 43 -0.81 21.30 -40.88
N GLN A 44 -2.06 21.59 -40.50
CA GLN A 44 -3.07 22.08 -41.44
C GLN A 44 -2.63 23.38 -42.12
N ILE A 45 -2.11 24.31 -41.31
CA ILE A 45 -1.65 25.62 -41.77
C ILE A 45 -0.47 25.48 -42.77
N ALA A 46 0.30 24.40 -42.65
CA ALA A 46 1.38 24.07 -43.59
C ALA A 46 0.93 23.19 -44.75
N GLN A 47 -0.38 23.13 -44.99
CA GLN A 47 -0.99 22.45 -46.16
C GLN A 47 -1.09 20.92 -46.05
N TYR A 48 -0.95 20.38 -44.84
CA TYR A 48 -1.19 18.96 -44.59
C TYR A 48 -2.69 18.67 -44.58
N LYS A 49 -3.08 17.54 -45.18
CA LYS A 49 -4.47 17.08 -45.05
C LYS A 49 -4.66 16.49 -43.65
N CYS A 50 -5.72 16.91 -42.97
CA CYS A 50 -5.99 16.49 -41.60
C CYS A 50 -7.39 15.93 -41.39
N LEU A 51 -7.52 15.01 -40.44
CA LEU A 51 -8.82 14.49 -40.01
C LEU A 51 -8.87 14.41 -38.48
N VAL A 52 -9.92 14.98 -37.90
CA VAL A 52 -10.15 14.86 -36.46
C VAL A 52 -11.35 13.96 -36.19
N ILE A 53 -11.17 13.02 -35.27
CA ILE A 53 -12.21 12.09 -34.85
C ILE A 53 -12.57 12.38 -33.39
N LYS A 54 -13.88 12.37 -33.11
CA LYS A 54 -14.38 12.50 -31.74
C LYS A 54 -15.34 11.36 -31.42
N TYR A 55 -15.47 11.04 -30.13
CA TYR A 55 -16.37 9.98 -29.67
C TYR A 55 -17.83 10.40 -29.84
N ALA A 56 -18.58 9.63 -30.61
CA ALA A 56 -19.94 9.98 -31.04
C ALA A 56 -20.96 10.11 -29.92
N LYS A 57 -20.66 9.53 -28.75
CA LYS A 57 -21.63 9.51 -27.65
C LYS A 57 -21.41 10.60 -26.59
N ASP A 58 -20.25 11.24 -26.60
CA ASP A 58 -20.07 12.46 -25.81
C ASP A 58 -20.62 13.62 -26.64
N THR A 59 -21.80 14.08 -26.24
CA THR A 59 -22.56 15.07 -26.98
C THR A 59 -22.20 16.51 -26.57
N ARG A 60 -22.32 16.79 -25.28
CA ARG A 60 -21.98 18.10 -24.67
C ARG A 60 -21.75 19.25 -25.67
N ALA A 75 -14.40 16.71 -39.08
CA ALA A 75 -14.46 16.44 -37.64
C ALA A 75 -15.49 15.34 -37.32
N LEU A 76 -15.15 14.11 -37.72
CA LEU A 76 -16.11 13.00 -37.71
C LEU A 76 -16.37 12.35 -36.35
N PRO A 77 -17.64 12.25 -35.94
CA PRO A 77 -17.97 11.43 -34.77
C PRO A 77 -17.93 9.93 -35.10
N ALA A 78 -17.59 9.10 -34.10
CA ALA A 78 -17.50 7.64 -34.27
C ALA A 78 -17.53 6.90 -32.93
N CYS A 79 -17.92 5.62 -32.99
CA CYS A 79 -17.89 4.73 -31.82
C CYS A 79 -16.77 3.70 -31.93
N LEU A 80 -16.41 3.36 -33.17
CA LEU A 80 -15.28 2.51 -33.46
C LEU A 80 -14.44 3.21 -34.50
N LEU A 81 -13.12 3.19 -34.32
CA LEU A 81 -12.22 3.84 -35.26
C LEU A 81 -12.21 3.08 -36.59
N ARG A 82 -12.52 1.79 -36.53
CA ARG A 82 -12.76 0.97 -37.72
C ARG A 82 -13.74 1.65 -38.69
N ASP A 83 -14.79 2.26 -38.15
CA ASP A 83 -15.85 2.87 -38.95
C ASP A 83 -15.39 4.03 -39.82
N VAL A 84 -14.17 4.49 -39.56
CA VAL A 84 -13.70 5.77 -40.08
C VAL A 84 -12.25 5.67 -40.59
N ALA A 85 -11.70 4.46 -40.55
CA ALA A 85 -10.31 4.18 -40.92
C ALA A 85 -9.96 4.40 -42.39
N GLN A 86 -10.89 4.11 -43.30
CA GLN A 86 -10.66 4.33 -44.73
C GLN A 86 -10.51 5.82 -45.04
N GLU A 87 -11.27 6.65 -44.32
CA GLU A 87 -11.18 8.11 -44.43
C GLU A 87 -9.84 8.63 -43.90
N ALA A 88 -9.36 8.02 -42.82
CA ALA A 88 -8.07 8.38 -42.22
C ALA A 88 -6.89 8.04 -43.12
N LEU A 89 -7.09 7.05 -43.99
CA LEU A 89 -6.09 6.66 -44.99
C LEU A 89 -5.79 7.74 -46.04
N GLY A 90 -6.78 8.55 -46.36
CA GLY A 90 -6.62 9.62 -47.36
C GLY A 90 -6.06 10.92 -46.81
N VAL A 91 -5.50 10.83 -45.60
CA VAL A 91 -5.08 11.99 -44.80
C VAL A 91 -3.64 11.78 -44.28
N ALA A 92 -2.93 12.85 -43.96
CA ALA A 92 -1.56 12.71 -43.46
C ALA A 92 -1.46 12.79 -41.94
N VAL A 93 -2.35 13.58 -41.34
CA VAL A 93 -2.37 13.84 -39.90
C VAL A 93 -3.74 13.46 -39.33
N ILE A 94 -3.74 12.59 -38.33
CA ILE A 94 -4.99 12.14 -37.67
C ILE A 94 -5.06 12.54 -36.19
N GLY A 95 -6.13 13.26 -35.83
CA GLY A 95 -6.39 13.61 -34.43
C GLY A 95 -7.54 12.82 -33.86
N ILE A 96 -7.33 12.21 -32.70
CA ILE A 96 -8.40 11.48 -32.00
C ILE A 96 -8.66 12.12 -30.65
N ASP A 97 -9.91 12.55 -30.44
CA ASP A 97 -10.33 13.11 -29.17
C ASP A 97 -11.09 12.07 -28.35
N GLU A 98 -10.86 12.09 -27.04
CA GLU A 98 -11.45 11.13 -26.08
C GLU A 98 -11.16 9.69 -26.48
N GLY A 99 -9.87 9.42 -26.73
CA GLY A 99 -9.43 8.12 -27.22
C GLY A 99 -9.71 6.94 -26.32
N GLN A 100 -9.93 7.23 -25.03
CA GLN A 100 -10.21 6.21 -24.02
C GLN A 100 -11.48 5.41 -24.31
N PHE A 101 -12.43 6.03 -25.02
CA PHE A 101 -13.73 5.43 -25.31
C PHE A 101 -13.71 4.48 -26.51
N PHE A 102 -12.63 4.49 -27.28
CA PHE A 102 -12.52 3.64 -28.46
C PHE A 102 -11.85 2.31 -28.11
N PRO A 103 -12.60 1.19 -28.23
CA PRO A 103 -12.07 -0.14 -27.90
C PRO A 103 -10.91 -0.55 -28.80
N ASP A 104 -10.88 -0.03 -30.03
CA ASP A 104 -9.84 -0.35 -31.01
C ASP A 104 -8.75 0.72 -31.15
N ILE A 105 -8.60 1.58 -30.12
CA ILE A 105 -7.60 2.65 -30.13
C ILE A 105 -6.17 2.17 -30.48
N VAL A 106 -5.75 1.06 -29.87
CA VAL A 106 -4.37 0.60 -30.01
C VAL A 106 -4.04 0.16 -31.45
N GLU A 107 -4.87 -0.73 -32.01
CA GLU A 107 -4.62 -1.26 -33.35
C GLU A 107 -4.73 -0.22 -34.46
N PHE A 108 -5.68 0.71 -34.32
CA PHE A 108 -5.85 1.79 -35.28
C PHE A 108 -4.62 2.72 -35.33
N CYS A 109 -4.20 3.21 -34.16
CA CYS A 109 -3.09 4.15 -34.06
C CYS A 109 -1.77 3.54 -34.52
N GLU A 110 -1.56 2.28 -34.15
CA GLU A 110 -0.37 1.55 -34.53
C GLU A 110 -0.32 1.27 -36.03
N ALA A 111 -1.46 0.86 -36.61
CA ALA A 111 -1.54 0.62 -38.05
C ALA A 111 -1.39 1.90 -38.88
N MET A 112 -2.03 2.98 -38.43
CA MET A 112 -1.96 4.26 -39.14
C MET A 112 -0.58 4.87 -39.08
N ALA A 113 0.11 4.71 -37.95
CA ALA A 113 1.47 5.24 -37.80
C ALA A 113 2.47 4.44 -38.64
N ASN A 114 2.25 3.14 -38.72
CA ASN A 114 3.08 2.26 -39.56
C ASN A 114 2.81 2.45 -41.06
N ALA A 115 1.67 3.06 -41.38
CA ALA A 115 1.34 3.46 -42.76
C ALA A 115 1.83 4.89 -43.07
N GLY A 116 2.57 5.48 -42.13
CA GLY A 116 3.21 6.78 -42.33
C GLY A 116 2.43 8.02 -41.90
N LYS A 117 1.37 7.83 -41.11
CA LYS A 117 0.57 8.97 -40.64
C LYS A 117 1.05 9.48 -39.28
N THR A 118 0.85 10.78 -39.05
CA THR A 118 1.02 11.36 -37.73
C THR A 118 -0.31 11.23 -36.99
N VAL A 119 -0.29 10.50 -35.89
CA VAL A 119 -1.50 10.23 -35.11
C VAL A 119 -1.37 10.92 -33.75
N ILE A 120 -2.32 11.79 -33.44
CA ILE A 120 -2.31 12.58 -32.21
C ILE A 120 -3.57 12.29 -31.40
N VAL A 121 -3.37 11.78 -30.18
CA VAL A 121 -4.49 11.32 -29.34
C VAL A 121 -4.62 12.10 -28.04
N ALA A 122 -5.77 12.73 -27.84
CA ALA A 122 -6.15 13.30 -26.54
C ALA A 122 -7.00 12.28 -25.79
N ALA A 123 -6.62 12.00 -24.55
CA ALA A 123 -7.34 11.01 -23.75
C ALA A 123 -7.09 11.12 -22.25
N LEU A 124 -8.14 10.83 -21.49
CA LEU A 124 -8.06 10.58 -20.05
C LEU A 124 -7.16 9.36 -19.80
N ASP A 125 -6.19 9.51 -18.90
CA ASP A 125 -5.37 8.36 -18.52
C ASP A 125 -6.08 7.47 -17.49
N GLY A 126 -6.92 8.09 -16.68
CA GLY A 126 -7.58 7.41 -15.58
C GLY A 126 -9.07 7.67 -15.48
N THR A 127 -9.79 6.68 -14.98
CA THR A 127 -11.21 6.81 -14.64
C THR A 127 -11.37 7.59 -13.33
N PHE A 128 -12.62 7.82 -12.94
CA PHE A 128 -12.96 8.41 -11.64
C PHE A 128 -12.35 7.66 -10.45
N GLN A 129 -11.86 6.44 -10.70
CA GLN A 129 -11.24 5.60 -9.67
C GLN A 129 -9.72 5.55 -9.79
N ARG A 130 -9.16 6.41 -10.64
CA ARG A 130 -7.71 6.46 -10.88
C ARG A 130 -7.15 5.10 -11.35
N LYS A 131 -7.93 4.43 -12.18
CA LYS A 131 -7.55 3.19 -12.86
C LYS A 131 -7.39 3.48 -14.35
N PRO A 132 -6.57 2.69 -15.07
CA PRO A 132 -6.46 2.87 -16.52
C PRO A 132 -7.82 2.91 -17.22
N PHE A 133 -8.01 3.89 -18.09
CA PHE A 133 -9.29 4.08 -18.77
C PHE A 133 -9.30 3.30 -20.08
N GLY A 134 -9.98 2.15 -20.07
CA GLY A 134 -10.02 1.28 -21.24
C GLY A 134 -8.64 0.76 -21.57
N ALA A 135 -8.27 0.83 -22.84
CA ALA A 135 -6.98 0.31 -23.31
C ALA A 135 -5.97 1.42 -23.63
N ILE A 136 -6.31 2.65 -23.27
CA ILE A 136 -5.51 3.83 -23.66
C ILE A 136 -4.01 3.72 -23.36
N LEU A 137 -3.65 3.14 -22.22
CA LEU A 137 -2.26 3.10 -21.76
C LEU A 137 -1.39 2.09 -22.52
N ASN A 138 -2.03 1.17 -23.26
CA ASN A 138 -1.31 0.28 -24.16
C ASN A 138 -0.67 1.05 -25.33
N LEU A 139 -1.12 2.30 -25.53
CA LEU A 139 -0.52 3.20 -26.51
C LEU A 139 0.87 3.72 -26.10
N VAL A 140 1.11 3.83 -24.80
CA VAL A 140 2.36 4.42 -24.29
C VAL A 140 3.64 3.76 -24.88
N PRO A 141 3.78 2.42 -24.77
CA PRO A 141 4.98 1.74 -25.33
C PRO A 141 5.03 1.75 -26.87
N LEU A 142 3.94 2.15 -27.50
CA LEU A 142 3.90 2.25 -28.96
C LEU A 142 4.17 3.67 -29.43
N ALA A 143 4.19 4.61 -28.49
CA ALA A 143 4.20 6.03 -28.83
C ALA A 143 5.58 6.68 -28.77
N GLU A 144 5.86 7.57 -29.71
CA GLU A 144 7.07 8.38 -29.65
C GLU A 144 6.94 9.61 -28.74
N SER A 145 5.73 10.11 -28.56
CA SER A 145 5.49 11.23 -27.67
C SER A 145 4.37 10.93 -26.67
N VAL A 146 4.62 11.20 -25.39
CA VAL A 146 3.61 11.07 -24.34
C VAL A 146 3.79 12.19 -23.30
N VAL A 147 2.74 12.98 -23.10
CA VAL A 147 2.71 13.99 -22.03
C VAL A 147 1.49 13.73 -21.14
N LYS A 148 1.56 14.17 -19.88
CA LYS A 148 0.36 14.23 -19.04
C LYS A 148 0.11 15.66 -18.58
N LEU A 149 -0.99 16.21 -19.06
CA LEU A 149 -1.37 17.57 -18.73
C LEU A 149 -1.94 17.66 -17.32
N THR A 150 -2.17 18.90 -16.93
CA THR A 150 -2.52 19.26 -15.59
C THR A 150 -3.75 20.17 -15.61
N ALA A 151 -4.63 20.00 -14.63
CA ALA A 151 -5.77 20.88 -14.45
C ALA A 151 -5.62 21.69 -13.15
N VAL A 152 -6.58 22.58 -12.88
CA VAL A 152 -6.64 23.24 -11.56
C VAL A 152 -7.64 22.47 -10.69
N CYS A 153 -7.23 22.16 -9.45
CA CYS A 153 -8.12 21.51 -8.47
C CYS A 153 -9.29 22.43 -8.17
N MET A 154 -10.49 21.95 -8.44
CA MET A 154 -11.69 22.76 -8.22
C MET A 154 -12.09 22.89 -6.75
N GLU A 155 -11.33 22.26 -5.85
CA GLU A 155 -11.66 22.30 -4.42
C GLU A 155 -10.65 23.05 -3.53
N CYS A 156 -9.36 22.94 -3.85
CA CYS A 156 -8.32 23.67 -3.11
C CYS A 156 -7.50 24.58 -4.03
N PHE A 157 -7.71 24.46 -5.33
CA PHE A 157 -7.10 25.34 -6.34
C PHE A 157 -5.58 25.20 -6.52
N ARG A 158 -5.04 24.09 -6.04
CA ARG A 158 -3.68 23.69 -6.42
C ARG A 158 -3.74 22.92 -7.74
N GLU A 159 -2.63 22.31 -8.12
CA GLU A 159 -2.55 21.56 -9.36
C GLU A 159 -3.30 20.23 -9.24
N ALA A 160 -4.08 19.89 -10.26
CA ALA A 160 -4.92 18.70 -10.27
C ALA A 160 -4.50 17.66 -11.31
N ALA A 161 -4.43 16.40 -10.87
CA ALA A 161 -3.98 15.28 -11.70
C ALA A 161 -5.05 14.22 -11.95
N TYR A 162 -6.21 14.38 -11.29
CA TYR A 162 -7.23 13.32 -11.25
C TYR A 162 -8.64 13.86 -11.49
N SER A 163 -9.56 12.94 -11.79
CA SER A 163 -10.96 13.28 -11.98
C SER A 163 -11.83 12.63 -10.90
N LYS A 164 -12.60 13.45 -10.19
CA LYS A 164 -13.45 13.01 -9.11
C LYS A 164 -14.91 13.04 -9.54
N ARG A 165 -15.59 11.90 -9.45
CA ARG A 165 -17.02 11.83 -9.68
C ARG A 165 -17.75 12.40 -8.47
N LEU A 166 -18.73 13.25 -8.72
CA LEU A 166 -19.45 13.91 -7.63
C LEU A 166 -20.65 13.07 -7.15
N GLY A 167 -21.28 12.36 -8.07
CA GLY A 167 -22.44 11.51 -7.76
C GLY A 167 -22.06 10.12 -7.30
N THR A 168 -23.04 9.21 -7.34
CA THR A 168 -22.86 7.86 -6.78
C THR A 168 -22.87 6.73 -7.81
N GLU A 169 -23.04 7.07 -9.09
CA GLU A 169 -23.06 6.05 -10.13
C GLU A 169 -21.77 5.23 -10.19
N LYS A 170 -21.92 3.97 -10.57
CA LYS A 170 -20.90 2.96 -10.38
C LYS A 170 -20.16 2.61 -11.67
N GLU A 171 -20.87 2.73 -12.79
CA GLU A 171 -20.32 2.39 -14.10
C GLU A 171 -19.25 3.40 -14.54
N VAL A 172 -18.34 2.94 -15.41
CA VAL A 172 -17.24 3.78 -15.88
C VAL A 172 -17.73 4.91 -16.79
N GLU A 173 -18.51 4.56 -17.82
CA GLU A 173 -18.98 5.57 -18.79
C GLU A 173 -20.20 6.36 -18.26
N VAL A 174 -19.92 7.57 -17.78
CA VAL A 174 -20.95 8.52 -17.39
C VAL A 174 -20.55 9.89 -17.98
N ILE A 175 -21.22 10.27 -19.06
CA ILE A 175 -20.89 11.50 -19.79
C ILE A 175 -21.33 12.72 -18.96
N GLY A 176 -20.52 13.78 -19.00
CA GLY A 176 -20.83 15.01 -18.29
C GLY A 176 -19.61 15.87 -17.97
N GLY A 177 -19.86 17.12 -17.57
CA GLY A 177 -18.81 18.08 -17.27
C GLY A 177 -18.66 18.34 -15.78
N ALA A 178 -18.54 19.64 -15.44
CA ALA A 178 -18.28 20.08 -14.06
C ALA A 178 -19.47 19.87 -13.11
N ASP A 179 -20.64 19.60 -13.68
CA ASP A 179 -21.81 19.25 -12.91
C ASP A 179 -21.70 17.82 -12.36
N LYS A 180 -20.88 17.00 -13.01
CA LYS A 180 -20.73 15.58 -12.64
C LYS A 180 -19.33 15.21 -12.13
N TYR A 181 -18.34 16.05 -12.41
CA TYR A 181 -16.94 15.76 -12.05
C TYR A 181 -16.18 17.00 -11.58
N HIS A 182 -15.22 16.79 -10.70
CA HIS A 182 -14.20 17.81 -10.38
C HIS A 182 -12.81 17.30 -10.69
N SER A 183 -12.01 18.13 -11.34
CA SER A 183 -10.56 17.91 -11.41
C SER A 183 -10.01 18.18 -10.01
N VAL A 184 -9.19 17.26 -9.48
CA VAL A 184 -8.70 17.34 -8.10
C VAL A 184 -7.24 16.91 -7.93
N CYS A 185 -6.60 17.44 -6.89
CA CYS A 185 -5.30 16.96 -6.44
C CYS A 185 -5.48 15.67 -5.62
N ARG A 186 -4.37 15.09 -5.18
CA ARG A 186 -4.39 13.85 -4.40
C ARG A 186 -5.17 14.00 -3.09
N LEU A 187 -4.87 15.05 -2.33
CA LEU A 187 -5.50 15.28 -1.03
C LEU A 187 -7.01 15.47 -1.12
N CYS A 188 -7.46 16.24 -2.10
CA CYS A 188 -8.89 16.49 -2.29
C CYS A 188 -9.63 15.27 -2.81
N TYR A 189 -8.95 14.45 -3.63
CA TYR A 189 -9.50 13.18 -4.09
C TYR A 189 -9.90 12.29 -2.92
N PHE A 190 -9.02 12.18 -1.93
CA PHE A 190 -9.23 11.29 -0.78
C PHE A 190 -9.97 11.93 0.39
N LYS A 191 -10.75 12.98 0.11
CA LYS A 191 -11.62 13.58 1.11
C LYS A 191 -12.98 12.87 1.10
N ARG B 18 -0.27 34.93 -4.21
CA ARG B 18 1.02 34.37 -4.73
C ARG B 18 1.06 34.41 -6.28
N GLY B 19 1.79 35.39 -6.81
CA GLY B 19 1.80 35.68 -8.25
C GLY B 19 2.87 34.99 -9.07
N GLN B 20 2.79 35.15 -10.39
CA GLN B 20 3.55 34.33 -11.32
C GLN B 20 3.59 34.90 -12.74
N ILE B 21 4.72 34.75 -13.43
CA ILE B 21 4.77 35.00 -14.87
C ILE B 21 5.11 33.70 -15.61
N GLN B 22 4.26 33.35 -16.57
CA GLN B 22 4.55 32.26 -17.50
C GLN B 22 4.69 32.85 -18.89
N VAL B 23 5.68 32.37 -19.63
CA VAL B 23 5.97 32.89 -20.95
C VAL B 23 5.91 31.77 -22.00
N ILE B 24 5.06 31.97 -23.01
CA ILE B 24 4.94 31.06 -24.14
C ILE B 24 5.58 31.71 -25.37
N LEU B 25 6.77 31.23 -25.72
CA LEU B 25 7.49 31.77 -26.87
C LEU B 25 7.33 30.83 -28.07
N GLY B 26 7.77 31.30 -29.23
CA GLY B 26 7.79 30.49 -30.43
C GLY B 26 7.72 31.33 -31.69
N PRO B 27 7.91 30.69 -32.86
CA PRO B 27 7.76 31.42 -34.11
C PRO B 27 6.28 31.61 -34.43
N MET B 28 6.00 32.29 -35.54
CA MET B 28 4.65 32.40 -36.04
C MET B 28 4.11 31.01 -36.35
N PHE B 29 2.79 30.85 -36.24
CA PHE B 29 2.09 29.62 -36.64
C PHE B 29 2.32 28.40 -35.73
N SER B 30 2.83 28.64 -34.52
CA SER B 30 3.08 27.55 -33.55
C SER B 30 1.94 27.37 -32.54
N GLY B 31 0.89 28.18 -32.68
CA GLY B 31 -0.27 28.13 -31.79
C GLY B 31 -0.05 28.68 -30.39
N LYS B 32 0.76 29.72 -30.26
CA LYS B 32 0.98 30.40 -28.98
C LYS B 32 -0.31 30.94 -28.33
N SER B 33 -1.22 31.49 -29.14
CA SER B 33 -2.51 32.02 -28.66
C SER B 33 -3.44 30.91 -28.19
N THR B 34 -3.37 29.77 -28.87
CA THR B 34 -4.16 28.60 -28.51
C THR B 34 -3.71 28.05 -27.15
N GLU B 35 -2.39 27.94 -26.96
CA GLU B 35 -1.82 27.49 -25.68
C GLU B 35 -2.10 28.48 -24.55
N LEU B 36 -2.07 29.77 -24.86
CA LEU B 36 -2.45 30.82 -23.90
C LEU B 36 -3.88 30.62 -23.41
N MET B 37 -4.79 30.44 -24.35
CA MET B 37 -6.20 30.21 -24.03
C MET B 37 -6.42 28.89 -23.29
N ARG B 38 -5.69 27.83 -23.64
CA ARG B 38 -5.76 26.58 -22.89
C ARG B 38 -5.44 26.81 -21.42
N ARG B 39 -4.32 27.51 -21.16
CA ARG B 39 -3.91 27.76 -19.78
C ARG B 39 -4.88 28.66 -19.03
N VAL B 40 -5.40 29.69 -19.69
CA VAL B 40 -6.37 30.62 -19.07
C VAL B 40 -7.69 29.93 -18.71
N ARG B 41 -8.21 29.11 -19.64
CA ARG B 41 -9.48 28.39 -19.44
C ARG B 41 -9.41 27.37 -18.30
N ARG B 42 -8.23 26.81 -18.06
CA ARG B 42 -8.01 25.93 -16.90
C ARG B 42 -8.37 26.62 -15.57
N PHE B 43 -7.99 27.90 -15.45
CA PHE B 43 -8.28 28.69 -14.25
C PHE B 43 -9.73 29.18 -14.22
N GLN B 44 -10.23 29.60 -15.38
CA GLN B 44 -11.58 30.10 -15.53
C GLN B 44 -12.62 29.05 -15.12
N ILE B 45 -12.39 27.82 -15.56
CA ILE B 45 -13.28 26.70 -15.28
C ILE B 45 -13.34 26.38 -13.77
N ALA B 46 -12.26 26.70 -13.06
CA ALA B 46 -12.22 26.58 -11.60
C ALA B 46 -12.66 27.88 -10.88
N GLN B 47 -13.37 28.75 -11.61
CA GLN B 47 -14.01 29.97 -11.08
C GLN B 47 -13.06 31.14 -10.74
N TYR B 48 -11.89 31.16 -11.36
CA TYR B 48 -11.00 32.34 -11.25
C TYR B 48 -11.53 33.44 -12.16
N LYS B 49 -11.41 34.69 -11.73
CA LYS B 49 -11.64 35.83 -12.62
C LYS B 49 -10.45 36.02 -13.55
N CYS B 50 -10.75 36.10 -14.85
CA CYS B 50 -9.75 36.11 -15.90
C CYS B 50 -9.94 37.30 -16.84
N LEU B 51 -8.81 37.80 -17.35
CA LEU B 51 -8.82 38.83 -18.37
C LEU B 51 -7.78 38.49 -19.42
N VAL B 52 -8.15 38.63 -20.69
CA VAL B 52 -7.20 38.48 -21.79
C VAL B 52 -7.02 39.83 -22.49
N ILE B 53 -5.77 40.18 -22.74
CA ILE B 53 -5.40 41.41 -23.44
C ILE B 53 -4.76 41.07 -24.77
N LYS B 54 -5.20 41.76 -25.82
CA LYS B 54 -4.70 41.55 -27.17
C LYS B 54 -4.08 42.85 -27.71
N TYR B 55 -3.14 42.73 -28.63
CA TYR B 55 -2.56 43.91 -29.28
C TYR B 55 -3.51 44.51 -30.32
N ALA B 56 -3.86 45.78 -30.10
CA ALA B 56 -4.92 46.48 -30.85
C ALA B 56 -4.64 46.69 -32.34
N LYS B 57 -3.38 46.92 -32.69
CA LYS B 57 -3.02 47.18 -34.09
C LYS B 57 -2.87 45.90 -34.94
N ASP B 58 -3.42 44.80 -34.44
CA ASP B 58 -3.44 43.54 -35.19
C ASP B 58 -4.88 43.04 -35.31
N THR B 59 -5.54 43.41 -36.41
CA THR B 59 -6.93 43.03 -36.66
C THR B 59 -7.04 41.93 -37.73
N ARG B 60 -6.21 40.89 -37.60
CA ARG B 60 -6.31 39.71 -38.44
C ARG B 60 -7.40 38.78 -37.90
N ALA B 75 -11.88 40.21 -23.70
CA ALA B 75 -10.76 40.15 -24.63
C ALA B 75 -10.35 41.55 -25.11
N LEU B 76 -9.72 42.30 -24.19
CA LEU B 76 -9.44 43.73 -24.38
C LEU B 76 -8.31 44.04 -25.37
N PRO B 77 -8.62 44.82 -26.42
CA PRO B 77 -7.55 45.36 -27.25
C PRO B 77 -6.80 46.50 -26.54
N ALA B 78 -5.50 46.59 -26.76
CA ALA B 78 -4.67 47.63 -26.16
C ALA B 78 -3.39 47.88 -26.95
N CYS B 79 -2.85 49.09 -26.82
CA CYS B 79 -1.56 49.47 -27.42
C CYS B 79 -0.50 49.58 -26.34
N LEU B 80 -0.94 49.94 -25.13
CA LEU B 80 -0.07 49.99 -23.95
C LEU B 80 -0.76 49.26 -22.81
N LEU B 81 0.00 48.44 -22.09
CA LEU B 81 -0.58 47.66 -20.98
C LEU B 81 -0.99 48.57 -19.81
N ARG B 82 -0.27 49.68 -19.64
CA ARG B 82 -0.66 50.76 -18.74
C ARG B 82 -2.14 51.15 -18.86
N ASP B 83 -2.64 51.22 -20.09
CA ASP B 83 -4.02 51.65 -20.37
C ASP B 83 -5.08 50.71 -19.78
N VAL B 84 -4.62 49.57 -19.30
CA VAL B 84 -5.48 48.44 -19.01
C VAL B 84 -5.24 47.87 -17.59
N ALA B 85 -4.24 48.43 -16.90
CA ALA B 85 -3.77 47.93 -15.61
C ALA B 85 -4.82 47.85 -14.49
N GLN B 86 -5.82 48.72 -14.52
CA GLN B 86 -6.85 48.76 -13.49
C GLN B 86 -7.89 47.65 -13.66
N GLU B 87 -8.20 47.35 -14.91
CA GLU B 87 -9.01 46.20 -15.26
C GLU B 87 -8.28 44.91 -14.85
N ALA B 88 -6.97 44.87 -15.07
CA ALA B 88 -6.13 43.71 -14.74
C ALA B 88 -6.03 43.49 -13.23
N LEU B 89 -5.96 44.58 -12.47
CA LEU B 89 -5.94 44.53 -11.01
C LEU B 89 -7.20 43.92 -10.39
N GLY B 90 -8.31 43.94 -11.13
CA GLY B 90 -9.59 43.39 -10.66
C GLY B 90 -9.80 41.90 -10.93
N VAL B 91 -8.84 41.26 -11.60
CA VAL B 91 -8.92 39.81 -11.89
C VAL B 91 -7.76 39.04 -11.25
N ALA B 92 -7.86 37.72 -11.24
CA ALA B 92 -6.82 36.87 -10.65
C ALA B 92 -5.79 36.38 -11.67
N VAL B 93 -6.25 36.19 -12.91
CA VAL B 93 -5.41 35.63 -13.98
C VAL B 93 -5.44 36.55 -15.19
N ILE B 94 -4.26 36.95 -15.67
CA ILE B 94 -4.14 37.85 -16.82
C ILE B 94 -3.42 37.16 -17.98
N GLY B 95 -4.08 37.11 -19.13
CA GLY B 95 -3.47 36.62 -20.36
C GLY B 95 -3.12 37.77 -21.28
N ILE B 96 -1.95 37.68 -21.92
CA ILE B 96 -1.51 38.67 -22.90
C ILE B 96 -1.07 38.01 -24.22
N ASP B 97 -1.77 38.34 -25.30
CA ASP B 97 -1.44 37.85 -26.64
C ASP B 97 -0.58 38.88 -27.40
N GLU B 98 0.42 38.36 -28.12
CA GLU B 98 1.36 39.19 -28.90
C GLU B 98 2.10 40.21 -28.03
N GLY B 99 2.67 39.71 -26.93
CA GLY B 99 3.34 40.52 -25.92
C GLY B 99 4.55 41.30 -26.42
N GLN B 100 5.10 40.87 -27.56
CA GLN B 100 6.27 41.52 -28.15
C GLN B 100 5.98 42.96 -28.58
N PHE B 101 4.74 43.23 -28.94
CA PHE B 101 4.34 44.55 -29.42
C PHE B 101 4.12 45.59 -28.32
N PHE B 102 4.10 45.15 -27.06
CA PHE B 102 3.85 46.05 -25.94
C PHE B 102 5.14 46.60 -25.36
N PRO B 103 5.33 47.93 -25.41
CA PRO B 103 6.58 48.55 -24.97
C PRO B 103 6.81 48.33 -23.47
N ASP B 104 5.70 48.20 -22.74
CA ASP B 104 5.73 48.09 -21.28
C ASP B 104 5.47 46.66 -20.77
N ILE B 105 5.72 45.68 -21.62
CA ILE B 105 5.49 44.27 -21.28
C ILE B 105 6.20 43.85 -19.99
N VAL B 106 7.46 44.24 -19.84
CA VAL B 106 8.28 43.83 -18.70
C VAL B 106 7.75 44.40 -17.39
N GLU B 107 7.57 45.71 -17.34
CA GLU B 107 7.14 46.38 -16.11
C GLU B 107 5.71 46.00 -15.69
N PHE B 108 4.83 45.80 -16.66
CA PHE B 108 3.44 45.42 -16.38
C PHE B 108 3.36 44.02 -15.76
N CYS B 109 4.01 43.04 -16.40
CA CYS B 109 3.97 41.65 -15.93
C CYS B 109 4.58 41.52 -14.54
N GLU B 110 5.71 42.20 -14.33
CA GLU B 110 6.36 42.21 -13.04
C GLU B 110 5.46 42.84 -11.96
N ALA B 111 4.89 44.01 -12.24
CA ALA B 111 3.95 44.65 -11.31
C ALA B 111 2.73 43.77 -10.98
N MET B 112 2.20 43.09 -11.99
CA MET B 112 1.02 42.25 -11.80
C MET B 112 1.33 40.97 -11.01
N ALA B 113 2.46 40.32 -11.32
CA ALA B 113 2.87 39.11 -10.60
C ALA B 113 3.22 39.40 -9.14
N ASN B 114 3.77 40.58 -8.87
CA ASN B 114 4.08 40.98 -7.49
C ASN B 114 2.83 41.38 -6.69
N ALA B 115 1.78 41.78 -7.39
CA ALA B 115 0.46 42.03 -6.78
C ALA B 115 -0.37 40.74 -6.64
N GLY B 116 0.24 39.60 -6.91
CA GLY B 116 -0.39 38.30 -6.68
C GLY B 116 -1.15 37.68 -7.85
N LYS B 117 -1.06 38.29 -9.03
CA LYS B 117 -1.74 37.77 -10.21
C LYS B 117 -0.93 36.69 -10.94
N THR B 118 -1.63 35.76 -11.59
CA THR B 118 -1.00 34.80 -12.51
C THR B 118 -1.00 35.41 -13.92
N VAL B 119 0.20 35.68 -14.43
CA VAL B 119 0.35 36.33 -15.74
C VAL B 119 0.91 35.37 -16.78
N ILE B 120 0.16 35.19 -17.86
CA ILE B 120 0.53 34.26 -18.93
C ILE B 120 0.66 35.04 -20.23
N VAL B 121 1.84 34.97 -20.83
CA VAL B 121 2.17 35.80 -21.99
C VAL B 121 2.45 34.93 -23.20
N ALA B 122 1.70 35.16 -24.29
CA ALA B 122 2.05 34.60 -25.59
C ALA B 122 2.80 35.67 -26.39
N ALA B 123 3.92 35.27 -26.98
CA ALA B 123 4.75 36.22 -27.73
C ALA B 123 5.75 35.54 -28.66
N LEU B 124 6.03 36.20 -29.78
CA LEU B 124 7.17 35.86 -30.62
C LEU B 124 8.45 36.15 -29.83
N ASP B 125 9.42 35.24 -29.91
CA ASP B 125 10.72 35.52 -29.32
C ASP B 125 11.61 36.34 -30.27
N GLY B 126 11.44 36.07 -31.57
CA GLY B 126 12.30 36.64 -32.59
C GLY B 126 11.55 37.32 -33.70
N THR B 127 12.17 38.38 -34.24
CA THR B 127 11.68 39.05 -35.43
C THR B 127 12.02 38.18 -36.65
N PHE B 128 11.66 38.70 -37.83
CA PHE B 128 12.09 38.11 -39.11
C PHE B 128 13.61 38.03 -39.30
N GLN B 129 14.36 38.78 -38.49
CA GLN B 129 15.83 38.74 -38.54
C GLN B 129 16.44 37.80 -37.51
N ARG B 130 15.58 37.03 -36.84
CA ARG B 130 15.96 36.18 -35.70
C ARG B 130 16.71 36.99 -34.63
N LYS B 131 16.18 38.17 -34.34
CA LYS B 131 16.69 39.05 -33.29
C LYS B 131 15.62 39.18 -32.21
N PRO B 132 16.02 39.49 -30.96
CA PRO B 132 15.00 39.62 -29.91
C PRO B 132 13.88 40.57 -30.35
N PHE B 133 12.64 40.18 -30.11
CA PHE B 133 11.52 40.99 -30.57
C PHE B 133 11.11 41.97 -29.46
N GLY B 134 11.61 43.20 -29.56
CA GLY B 134 11.33 44.23 -28.56
C GLY B 134 12.00 43.92 -27.24
N ALA B 135 11.26 44.11 -26.15
CA ALA B 135 11.77 43.86 -24.80
C ALA B 135 11.34 42.52 -24.23
N ILE B 136 10.78 41.65 -25.09
CA ILE B 136 10.11 40.43 -24.64
C ILE B 136 11.00 39.46 -23.85
N LEU B 137 12.26 39.33 -24.25
CA LEU B 137 13.16 38.37 -23.60
C LEU B 137 13.60 38.82 -22.21
N ASN B 138 13.43 40.11 -21.90
CA ASN B 138 13.66 40.61 -20.54
C ASN B 138 12.68 40.02 -19.51
N LEU B 139 11.58 39.44 -19.99
CA LEU B 139 10.65 38.69 -19.13
C LEU B 139 11.24 37.40 -18.60
N VAL B 140 12.15 36.80 -19.38
CA VAL B 140 12.68 35.47 -19.09
C VAL B 140 13.32 35.34 -17.69
N PRO B 141 14.28 36.22 -17.33
CA PRO B 141 14.83 36.18 -15.95
C PRO B 141 13.81 36.48 -14.86
N LEU B 142 12.68 37.05 -15.24
CA LEU B 142 11.61 37.40 -14.30
C LEU B 142 10.54 36.32 -14.18
N ALA B 143 10.58 35.33 -15.08
CA ALA B 143 9.50 34.33 -15.22
C ALA B 143 9.78 33.03 -14.49
N GLU B 144 8.75 32.44 -13.89
CA GLU B 144 8.91 31.13 -13.28
C GLU B 144 8.74 29.97 -14.28
N SER B 145 8.07 30.25 -15.39
CA SER B 145 7.90 29.27 -16.44
C SER B 145 8.16 29.88 -17.83
N VAL B 146 9.04 29.22 -18.60
CA VAL B 146 9.32 29.65 -19.97
C VAL B 146 9.38 28.45 -20.92
N VAL B 147 8.61 28.53 -22.00
CA VAL B 147 8.63 27.50 -23.03
C VAL B 147 8.78 28.12 -24.43
N LYS B 148 9.45 27.39 -25.33
CA LYS B 148 9.44 27.75 -26.73
C LYS B 148 8.75 26.67 -27.56
N LEU B 149 7.66 27.04 -28.20
CA LEU B 149 6.89 26.13 -29.04
C LEU B 149 7.50 26.00 -30.42
N THR B 150 7.06 24.96 -31.13
CA THR B 150 7.51 24.63 -32.47
C THR B 150 6.37 24.83 -33.47
N ALA B 151 6.71 25.24 -34.69
CA ALA B 151 5.77 25.23 -35.80
C ALA B 151 6.14 24.12 -36.77
N VAL B 152 5.42 24.02 -37.88
CA VAL B 152 5.81 23.13 -38.98
C VAL B 152 6.42 24.01 -40.08
N CYS B 153 7.59 23.61 -40.60
CA CYS B 153 8.23 24.33 -41.71
C CYS B 153 7.35 24.30 -42.95
N MET B 154 7.02 25.47 -43.46
CA MET B 154 6.12 25.60 -44.61
C MET B 154 6.84 25.35 -45.94
N GLU B 155 8.13 25.05 -45.87
CA GLU B 155 8.94 24.89 -47.07
C GLU B 155 9.54 23.49 -47.20
N CYS B 156 9.86 22.85 -46.07
CA CYS B 156 10.33 21.46 -46.11
C CYS B 156 9.53 20.52 -45.21
N PHE B 157 8.64 21.08 -44.40
CA PHE B 157 7.71 20.33 -43.54
C PHE B 157 8.35 19.55 -42.37
N ARG B 158 9.57 19.94 -42.01
CA ARG B 158 10.17 19.51 -40.76
C ARG B 158 9.75 20.52 -39.68
N GLU B 159 10.25 20.37 -38.45
CA GLU B 159 9.93 21.30 -37.37
C GLU B 159 10.52 22.69 -37.61
N ALA B 160 9.74 23.74 -37.30
CA ALA B 160 10.13 25.13 -37.53
C ALA B 160 10.28 25.94 -36.24
N ALA B 161 11.34 26.75 -36.17
CA ALA B 161 11.64 27.56 -34.98
C ALA B 161 11.65 29.06 -35.28
N TYR B 162 11.56 29.41 -36.56
CA TYR B 162 11.77 30.78 -37.00
C TYR B 162 10.63 31.29 -37.89
N SER B 163 10.56 32.62 -37.99
CA SER B 163 9.60 33.30 -38.85
C SER B 163 10.35 34.00 -39.99
N LYS B 164 10.05 33.61 -41.22
CA LYS B 164 10.69 34.17 -42.42
C LYS B 164 9.74 35.13 -43.14
N ARG B 165 10.20 36.36 -43.35
CA ARG B 165 9.45 37.36 -44.09
C ARG B 165 9.55 37.09 -45.59
N LEU B 166 8.40 37.09 -46.27
CA LEU B 166 8.37 36.80 -47.71
C LEU B 166 8.72 38.03 -48.55
N GLY B 167 8.25 39.20 -48.13
CA GLY B 167 8.48 40.45 -48.86
C GLY B 167 9.82 41.12 -48.54
N THR B 168 9.96 42.37 -48.95
CA THR B 168 11.23 43.10 -48.82
C THR B 168 11.18 44.30 -47.87
N GLU B 169 10.04 44.50 -47.21
CA GLU B 169 9.94 45.57 -46.22
C GLU B 169 10.97 45.34 -45.10
N LYS B 170 11.57 46.42 -44.62
CA LYS B 170 12.72 46.36 -43.73
C LYS B 170 12.37 46.66 -42.27
N GLU B 171 11.21 47.27 -42.05
CA GLU B 171 10.77 47.63 -40.71
C GLU B 171 10.32 46.39 -39.93
N VAL B 172 10.56 46.42 -38.61
CA VAL B 172 10.23 45.28 -37.75
C VAL B 172 8.73 44.94 -37.81
N GLU B 173 7.89 45.92 -37.47
CA GLU B 173 6.45 45.70 -37.39
C GLU B 173 5.76 45.75 -38.77
N VAL B 174 5.42 44.56 -39.28
CA VAL B 174 4.58 44.42 -40.47
C VAL B 174 3.53 43.33 -40.18
N ILE B 175 2.29 43.76 -39.99
CA ILE B 175 1.20 42.85 -39.63
C ILE B 175 0.79 42.01 -40.84
N GLY B 176 0.56 40.73 -40.62
CA GLY B 176 0.18 39.80 -41.69
C GLY B 176 0.19 38.33 -41.26
N GLY B 177 -0.42 37.49 -42.08
CA GLY B 177 -0.44 36.04 -41.83
C GLY B 177 0.50 35.26 -42.74
N ALA B 178 0.03 34.11 -43.22
CA ALA B 178 0.84 33.21 -44.06
C ALA B 178 1.10 33.76 -45.47
N ASP B 179 0.42 34.83 -45.82
CA ASP B 179 0.67 35.52 -47.09
C ASP B 179 1.94 36.37 -47.03
N LYS B 180 2.30 36.81 -45.83
CA LYS B 180 3.48 37.65 -45.62
C LYS B 180 4.64 36.96 -44.89
N TYR B 181 4.37 35.81 -44.26
CA TYR B 181 5.40 35.07 -43.51
C TYR B 181 5.25 33.55 -43.67
N HIS B 182 6.39 32.85 -43.63
CA HIS B 182 6.44 31.40 -43.46
C HIS B 182 7.15 31.04 -42.15
N SER B 183 6.59 30.07 -41.41
CA SER B 183 7.35 29.40 -40.35
C SER B 183 8.36 28.47 -41.04
N VAL B 184 9.61 28.52 -40.58
CA VAL B 184 10.71 27.80 -41.23
C VAL B 184 11.69 27.14 -40.26
N CYS B 185 12.33 26.07 -40.72
CA CYS B 185 13.47 25.50 -40.02
C CYS B 185 14.71 26.34 -40.33
N ARG B 186 15.84 25.98 -39.73
CA ARG B 186 17.12 26.66 -39.95
C ARG B 186 17.57 26.69 -41.41
N LEU B 187 17.55 25.53 -42.07
CA LEU B 187 17.99 25.40 -43.46
C LEU B 187 17.14 26.26 -44.39
N CYS B 188 15.82 26.15 -44.24
CA CYS B 188 14.90 26.92 -45.07
C CYS B 188 15.00 28.42 -44.80
N TYR B 189 15.28 28.80 -43.56
CA TYR B 189 15.51 30.21 -43.24
C TYR B 189 16.63 30.81 -44.11
N PHE B 190 17.70 30.04 -44.30
CA PHE B 190 18.88 30.52 -45.03
C PHE B 190 18.90 30.19 -46.53
N LYS B 191 17.89 29.46 -47.02
CA LYS B 191 17.81 29.13 -48.45
C LYS B 191 17.80 30.34 -49.37
N LYS B 192 18.70 30.31 -50.36
CA LYS B 192 18.82 31.40 -51.34
C LYS B 192 18.15 31.00 -52.66
N ARG C 18 2.26 16.80 1.73
CA ARG C 18 1.78 16.72 0.32
C ARG C 18 2.64 15.76 -0.53
N GLY C 19 2.27 14.49 -0.49
CA GLY C 19 2.95 13.44 -1.25
C GLY C 19 2.62 13.47 -2.74
N GLN C 20 3.34 12.66 -3.49
CA GLN C 20 3.43 12.84 -4.92
C GLN C 20 4.10 11.65 -5.59
N ILE C 21 3.66 11.32 -6.81
CA ILE C 21 4.35 10.37 -7.68
C ILE C 21 4.72 11.07 -9.00
N GLN C 22 6.00 11.03 -9.35
CA GLN C 22 6.46 11.47 -10.66
C GLN C 22 7.03 10.27 -11.38
N VAL C 23 6.67 10.13 -12.65
CA VAL C 23 7.13 9.00 -13.44
C VAL C 23 7.93 9.47 -14.66
N ILE C 24 9.13 8.93 -14.80
CA ILE C 24 10.00 9.20 -15.92
C ILE C 24 10.08 7.94 -16.80
N LEU C 25 9.28 7.92 -17.85
CA LEU C 25 9.31 6.81 -18.80
C LEU C 25 10.29 7.06 -19.95
N GLY C 26 10.52 6.03 -20.77
CA GLY C 26 11.35 6.16 -21.96
C GLY C 26 11.96 4.82 -22.37
N PRO C 27 12.57 4.77 -23.57
CA PRO C 27 13.27 3.55 -23.95
C PRO C 27 14.61 3.46 -23.23
N MET C 28 15.38 2.41 -23.52
CA MET C 28 16.74 2.32 -23.01
C MET C 28 17.59 3.46 -23.60
N PHE C 29 18.65 3.83 -22.87
CA PHE C 29 19.66 4.80 -23.33
C PHE C 29 19.13 6.24 -23.48
N SER C 30 18.03 6.55 -22.79
CA SER C 30 17.42 7.88 -22.86
C SER C 30 17.75 8.74 -21.63
N GLY C 31 18.51 8.17 -20.70
CA GLY C 31 18.98 8.88 -19.50
C GLY C 31 17.96 9.02 -18.38
N LYS C 32 17.08 8.04 -18.24
CA LYS C 32 16.05 8.03 -17.20
C LYS C 32 16.64 8.14 -15.79
N SER C 33 17.69 7.35 -15.51
CA SER C 33 18.42 7.38 -14.23
C SER C 33 19.05 8.73 -13.93
N THR C 34 19.58 9.37 -14.97
CA THR C 34 20.20 10.70 -14.86
C THR C 34 19.16 11.75 -14.52
N GLU C 35 18.02 11.70 -15.21
CA GLU C 35 16.88 12.58 -14.90
C GLU C 35 16.38 12.33 -13.48
N LEU C 36 16.30 11.06 -13.09
CA LEU C 36 15.94 10.70 -11.72
C LEU C 36 16.85 11.39 -10.71
N MET C 37 18.16 11.27 -10.92
CA MET C 37 19.15 11.85 -10.01
C MET C 37 19.14 13.38 -10.03
N ARG C 38 18.94 13.96 -11.21
CA ARG C 38 18.75 15.41 -11.31
C ARG C 38 17.61 15.86 -10.40
N ARG C 39 16.46 15.17 -10.47
CA ARG C 39 15.29 15.55 -9.71
C ARG C 39 15.47 15.32 -8.20
N VAL C 40 16.12 14.22 -7.83
CA VAL C 40 16.44 13.90 -6.44
C VAL C 40 17.41 14.92 -5.83
N ARG C 41 18.48 15.25 -6.56
CA ARG C 41 19.50 16.19 -6.08
C ARG C 41 18.97 17.60 -5.84
N ARG C 42 17.96 18.00 -6.60
CA ARG C 42 17.27 19.29 -6.40
C ARG C 42 16.69 19.42 -4.99
N PHE C 43 16.08 18.34 -4.50
CA PHE C 43 15.56 18.27 -3.14
C PHE C 43 16.70 18.15 -2.12
N GLN C 44 17.67 17.28 -2.42
CA GLN C 44 18.78 16.99 -1.51
C GLN C 44 19.56 18.25 -1.15
N ILE C 45 19.86 19.06 -2.17
CA ILE C 45 20.59 20.32 -1.99
C ILE C 45 19.79 21.36 -1.17
N ALA C 46 18.46 21.19 -1.13
CA ALA C 46 17.59 22.02 -0.29
C ALA C 46 17.29 21.39 1.08
N GLN C 47 18.13 20.43 1.48
CA GLN C 47 18.11 19.83 2.84
C GLN C 47 17.12 18.67 3.05
N TYR C 48 16.43 18.25 2.00
CA TYR C 48 15.54 17.08 2.08
C TYR C 48 16.34 15.81 2.27
N LYS C 49 15.88 14.94 3.17
CA LYS C 49 16.41 13.60 3.31
C LYS C 49 15.89 12.73 2.16
N CYS C 50 16.81 12.08 1.46
CA CYS C 50 16.50 11.33 0.26
C CYS C 50 16.99 9.89 0.33
N LEU C 51 16.33 9.01 -0.41
CA LEU C 51 16.75 7.64 -0.59
C LEU C 51 16.53 7.22 -2.04
N VAL C 52 17.56 6.66 -2.66
CA VAL C 52 17.46 6.09 -3.99
C VAL C 52 17.50 4.56 -3.88
N ILE C 53 16.55 3.91 -4.56
CA ILE C 53 16.46 2.45 -4.59
C ILE C 53 16.71 1.96 -6.01
N LYS C 54 17.65 1.02 -6.14
CA LYS C 54 17.98 0.43 -7.43
C LYS C 54 17.70 -1.08 -7.42
N TYR C 55 17.35 -1.63 -8.58
CA TYR C 55 17.04 -3.05 -8.70
C TYR C 55 18.30 -3.91 -8.59
N ALA C 56 18.32 -4.78 -7.57
CA ALA C 56 19.51 -5.56 -7.22
C ALA C 56 20.06 -6.40 -8.38
N LYS C 57 19.15 -7.07 -9.10
CA LYS C 57 19.52 -8.05 -10.12
C LYS C 57 20.08 -7.46 -11.42
N ASP C 58 19.99 -6.14 -11.59
CA ASP C 58 20.66 -5.51 -12.72
C ASP C 58 22.13 -5.32 -12.37
N THR C 59 22.97 -6.18 -12.94
CA THR C 59 24.37 -6.29 -12.57
C THR C 59 25.33 -5.53 -13.49
N ARG C 60 24.78 -4.59 -14.26
CA ARG C 60 25.58 -3.79 -15.19
C ARG C 60 26.53 -2.86 -14.45
N ALA C 75 22.68 4.39 -3.25
CA ALA C 75 21.48 3.67 -3.66
C ALA C 75 21.39 2.28 -3.02
N LEU C 76 20.26 2.00 -2.35
CA LEU C 76 19.99 0.70 -1.75
C LEU C 76 19.52 -0.31 -2.80
N PRO C 77 20.27 -1.42 -2.98
CA PRO C 77 19.80 -2.50 -3.85
C PRO C 77 18.61 -3.23 -3.25
N ALA C 78 17.64 -3.57 -4.10
CA ALA C 78 16.42 -4.27 -3.67
C ALA C 78 15.84 -5.10 -4.80
N CYS C 79 15.07 -6.13 -4.45
CA CYS C 79 14.32 -6.93 -5.41
C CYS C 79 12.82 -6.76 -5.17
N LEU C 80 12.47 -6.40 -3.95
CA LEU C 80 11.10 -6.04 -3.57
C LEU C 80 11.15 -4.75 -2.79
N LEU C 81 10.23 -3.84 -3.09
CA LEU C 81 10.18 -2.56 -2.42
C LEU C 81 9.72 -2.68 -0.95
N ARG C 82 9.02 -3.77 -0.63
CA ARG C 82 8.69 -4.16 0.75
C ARG C 82 9.95 -4.27 1.62
N ASP C 83 11.02 -4.80 1.03
CA ASP C 83 12.27 -5.05 1.76
C ASP C 83 13.04 -3.79 2.17
N VAL C 84 12.55 -2.61 1.75
CA VAL C 84 13.22 -1.34 2.03
C VAL C 84 12.22 -0.28 2.54
N ALA C 85 10.97 -0.70 2.72
CA ALA C 85 9.88 0.21 3.12
C ALA C 85 10.14 0.96 4.44
N GLN C 86 10.83 0.30 5.36
CA GLN C 86 11.17 0.88 6.67
C GLN C 86 12.19 2.01 6.51
N GLU C 87 13.20 1.78 5.68
CA GLU C 87 14.21 2.77 5.35
C GLU C 87 13.58 3.93 4.59
N ALA C 88 12.59 3.62 3.75
CA ALA C 88 11.90 4.62 2.94
C ALA C 88 10.97 5.52 3.76
N LEU C 89 10.52 5.00 4.90
CA LEU C 89 9.63 5.75 5.80
C LEU C 89 10.31 6.91 6.55
N GLY C 90 11.61 6.79 6.81
CA GLY C 90 12.37 7.85 7.49
C GLY C 90 13.03 8.85 6.55
N VAL C 91 12.39 9.10 5.41
CA VAL C 91 12.93 9.93 4.34
C VAL C 91 11.78 10.71 3.68
N ALA C 92 12.08 11.91 3.16
CA ALA C 92 11.04 12.75 2.54
C ALA C 92 10.86 12.49 1.04
N VAL C 93 11.95 12.16 0.36
CA VAL C 93 11.97 11.97 -1.10
C VAL C 93 12.51 10.58 -1.44
N ILE C 94 11.73 9.81 -2.20
CA ILE C 94 12.15 8.47 -2.61
C ILE C 94 12.33 8.36 -4.12
N GLY C 95 13.55 8.06 -4.55
CA GLY C 95 13.83 7.78 -5.96
C GLY C 95 13.94 6.29 -6.23
N ILE C 96 13.31 5.84 -7.32
CA ILE C 96 13.34 4.42 -7.73
C ILE C 96 13.80 4.26 -9.18
N ASP C 97 14.90 3.55 -9.37
CA ASP C 97 15.45 3.26 -10.69
C ASP C 97 15.04 1.87 -11.16
N GLU C 98 14.73 1.75 -12.46
CA GLU C 98 14.28 0.50 -13.08
C GLU C 98 13.07 -0.09 -12.35
N GLY C 99 12.05 0.75 -12.16
CA GLY C 99 10.84 0.39 -11.42
C GLY C 99 10.00 -0.69 -12.04
N GLN C 100 10.21 -0.95 -13.34
CA GLN C 100 9.47 -2.00 -14.05
C GLN C 100 9.70 -3.39 -13.44
N PHE C 101 10.83 -3.56 -12.74
CA PHE C 101 11.29 -4.85 -12.24
C PHE C 101 10.81 -5.19 -10.84
N PHE C 102 10.07 -4.27 -10.21
CA PHE C 102 9.52 -4.50 -8.89
C PHE C 102 8.05 -4.92 -9.00
N PRO C 103 7.72 -6.13 -8.49
CA PRO C 103 6.34 -6.63 -8.55
C PRO C 103 5.38 -5.77 -7.73
N ASP C 104 5.92 -5.06 -6.74
CA ASP C 104 5.11 -4.20 -5.86
C ASP C 104 5.24 -2.70 -6.16
N ILE C 105 5.78 -2.34 -7.32
CA ILE C 105 6.03 -0.94 -7.68
C ILE C 105 4.81 -0.03 -7.47
N VAL C 106 3.67 -0.44 -8.01
CA VAL C 106 2.43 0.34 -7.98
C VAL C 106 1.95 0.66 -6.56
N GLU C 107 1.76 -0.38 -5.76
CA GLU C 107 1.21 -0.26 -4.41
C GLU C 107 2.16 0.45 -3.44
N PHE C 108 3.46 0.17 -3.58
CA PHE C 108 4.48 0.85 -2.80
C PHE C 108 4.41 2.35 -3.06
N CYS C 109 4.49 2.74 -4.33
CA CYS C 109 4.50 4.16 -4.71
C CYS C 109 3.26 4.93 -4.25
N GLU C 110 2.09 4.34 -4.46
CA GLU C 110 0.83 4.94 -4.01
C GLU C 110 0.76 5.06 -2.49
N ALA C 111 1.25 4.05 -1.78
CA ALA C 111 1.26 4.07 -0.31
C ALA C 111 2.21 5.13 0.24
N MET C 112 3.40 5.22 -0.36
CA MET C 112 4.40 6.19 0.07
C MET C 112 3.95 7.64 -0.19
N ALA C 113 3.34 7.88 -1.35
CA ALA C 113 2.79 9.20 -1.67
C ALA C 113 1.64 9.61 -0.74
N ASN C 114 0.79 8.64 -0.38
CA ASN C 114 -0.30 8.89 0.55
C ASN C 114 0.19 9.12 1.99
N ALA C 115 1.41 8.67 2.26
CA ALA C 115 2.08 8.92 3.55
C ALA C 115 2.84 10.27 3.56
N GLY C 116 2.78 11.01 2.45
CA GLY C 116 3.37 12.34 2.36
C GLY C 116 4.72 12.43 1.66
N LYS C 117 5.18 11.31 1.11
CA LYS C 117 6.48 11.26 0.43
C LYS C 117 6.42 11.71 -1.03
N THR C 118 7.52 12.29 -1.52
CA THR C 118 7.68 12.55 -2.95
C THR C 118 8.38 11.35 -3.58
N VAL C 119 7.65 10.61 -4.40
CA VAL C 119 8.17 9.41 -5.04
C VAL C 119 8.45 9.67 -6.52
N ILE C 120 9.69 9.42 -6.93
CA ILE C 120 10.13 9.66 -8.29
C ILE C 120 10.63 8.36 -8.90
N VAL C 121 10.01 7.95 -10.01
CA VAL C 121 10.25 6.64 -10.59
C VAL C 121 10.81 6.75 -12.00
N ALA C 122 11.99 6.18 -12.21
CA ALA C 122 12.53 5.96 -13.55
C ALA C 122 12.24 4.51 -13.96
N ALA C 123 11.70 4.34 -15.16
CA ALA C 123 11.23 3.04 -15.62
C ALA C 123 11.06 2.97 -17.13
N LEU C 124 11.36 1.79 -17.68
CA LEU C 124 11.01 1.45 -19.06
C LEU C 124 9.50 1.33 -19.16
N ASP C 125 8.92 2.03 -20.15
CA ASP C 125 7.48 1.91 -20.41
C ASP C 125 7.16 0.64 -21.19
N GLY C 126 8.09 0.24 -22.06
CA GLY C 126 7.89 -0.90 -22.94
C GLY C 126 8.98 -1.95 -22.87
N THR C 127 8.59 -3.20 -23.11
CA THR C 127 9.55 -4.30 -23.28
C THR C 127 10.12 -4.26 -24.72
N PHE C 128 10.99 -5.23 -25.01
CA PHE C 128 11.55 -5.41 -26.37
C PHE C 128 10.47 -5.68 -27.44
N GLN C 129 9.25 -6.03 -26.99
CA GLN C 129 8.13 -6.28 -27.89
C GLN C 129 7.18 -5.10 -27.97
N ARG C 130 7.60 -3.97 -27.38
CA ARG C 130 6.79 -2.76 -27.27
C ARG C 130 5.42 -3.02 -26.61
N LYS C 131 5.43 -3.88 -25.60
CA LYS C 131 4.27 -4.14 -24.75
C LYS C 131 4.57 -3.49 -23.40
N PRO C 132 3.52 -3.19 -22.61
CA PRO C 132 3.74 -2.68 -21.25
C PRO C 132 4.71 -3.55 -20.45
N PHE C 133 5.69 -2.91 -19.81
CA PHE C 133 6.66 -3.63 -19.00
C PHE C 133 6.11 -3.89 -17.60
N GLY C 134 5.60 -5.11 -17.40
CA GLY C 134 4.96 -5.47 -16.14
C GLY C 134 3.78 -4.59 -15.81
N ALA C 135 3.72 -4.14 -14.56
CA ALA C 135 2.60 -3.34 -14.05
C ALA C 135 2.88 -1.83 -14.07
N ILE C 136 4.00 -1.44 -14.67
CA ILE C 136 4.52 -0.07 -14.54
C ILE C 136 3.57 1.05 -14.97
N LEU C 137 2.79 0.79 -16.02
CA LEU C 137 1.85 1.77 -16.56
C LEU C 137 0.66 2.05 -15.64
N ASN C 138 0.40 1.16 -14.68
CA ASN C 138 -0.64 1.38 -13.67
C ASN C 138 -0.35 2.60 -12.78
N LEU C 139 0.91 3.02 -12.76
CA LEU C 139 1.32 4.23 -12.03
C LEU C 139 0.79 5.52 -12.64
N VAL C 140 0.59 5.53 -13.97
CA VAL C 140 0.20 6.73 -14.72
C VAL C 140 -1.07 7.43 -14.18
N PRO C 141 -2.19 6.68 -14.04
CA PRO C 141 -3.42 7.27 -13.47
C PRO C 141 -3.29 7.71 -12.01
N LEU C 142 -2.27 7.19 -11.32
CA LEU C 142 -2.02 7.57 -9.93
C LEU C 142 -1.06 8.75 -9.79
N ALA C 143 -0.39 9.13 -10.89
CA ALA C 143 0.75 10.03 -10.82
C ALA C 143 0.40 11.49 -11.14
N GLU C 144 1.00 12.43 -10.42
CA GLU C 144 0.75 13.84 -10.76
C GLU C 144 1.60 14.35 -11.95
N SER C 145 2.71 13.66 -12.23
CA SER C 145 3.62 14.03 -13.30
C SER C 145 4.06 12.79 -14.07
N VAL C 146 3.93 12.84 -15.40
CA VAL C 146 4.38 11.74 -16.28
C VAL C 146 5.02 12.31 -17.54
N VAL C 147 6.20 11.78 -17.86
CA VAL C 147 6.99 12.22 -19.00
C VAL C 147 7.53 10.97 -19.73
N LYS C 148 7.67 11.06 -21.04
CA LYS C 148 8.41 10.04 -21.79
C LYS C 148 9.61 10.66 -22.49
N LEU C 149 10.81 10.21 -22.12
CA LEU C 149 12.05 10.70 -22.69
C LEU C 149 12.32 10.04 -24.04
N THR C 150 13.27 10.61 -24.78
CA THR C 150 13.72 10.03 -26.05
C THR C 150 15.21 9.68 -25.99
N ALA C 151 15.57 8.64 -26.72
CA ALA C 151 16.97 8.29 -26.94
C ALA C 151 17.36 8.68 -28.37
N VAL C 152 18.58 8.34 -28.77
CA VAL C 152 19.03 8.51 -30.15
C VAL C 152 19.06 7.11 -30.76
N CYS C 153 18.45 6.98 -31.94
CA CYS C 153 18.41 5.69 -32.63
C CYS C 153 19.82 5.26 -33.03
N MET C 154 20.20 4.06 -32.61
CA MET C 154 21.56 3.57 -32.82
C MET C 154 21.80 3.02 -34.22
N GLU C 155 20.74 2.98 -35.03
CA GLU C 155 20.83 2.41 -36.37
C GLU C 155 20.67 3.43 -37.49
N CYS C 156 19.92 4.51 -37.24
CA CYS C 156 19.77 5.59 -38.24
C CYS C 156 19.99 6.99 -37.63
N PHE C 157 20.14 7.03 -36.31
CA PHE C 157 20.54 8.26 -35.59
C PHE C 157 19.50 9.39 -35.55
N ARG C 158 18.25 9.06 -35.86
CA ARG C 158 17.11 9.95 -35.58
C ARG C 158 16.67 9.71 -34.13
N GLU C 159 15.59 10.37 -33.70
CA GLU C 159 15.08 10.17 -32.34
C GLU C 159 14.52 8.75 -32.14
N ALA C 160 14.78 8.18 -30.97
CA ALA C 160 14.36 6.81 -30.65
C ALA C 160 13.38 6.75 -29.47
N ALA C 161 12.35 5.90 -29.62
CA ALA C 161 11.30 5.76 -28.60
C ALA C 161 11.18 4.32 -28.08
N TYR C 162 11.92 3.39 -28.69
CA TYR C 162 11.76 1.96 -28.40
C TYR C 162 13.10 1.26 -28.13
N SER C 163 13.02 0.09 -27.50
CA SER C 163 14.21 -0.75 -27.23
C SER C 163 14.15 -2.06 -28.03
N LYS C 164 15.16 -2.27 -28.88
CA LYS C 164 15.23 -3.46 -29.73
C LYS C 164 16.24 -4.47 -29.16
N ARG C 165 15.75 -5.67 -28.87
CA ARG C 165 16.62 -6.77 -28.45
C ARG C 165 17.43 -7.30 -29.65
N LEU C 166 18.74 -7.45 -29.46
CA LEU C 166 19.62 -7.88 -30.54
C LEU C 166 19.70 -9.41 -30.67
N GLY C 167 19.37 -10.11 -29.59
CA GLY C 167 19.48 -11.57 -29.56
C GLY C 167 18.20 -12.34 -29.85
N THR C 168 18.21 -13.63 -29.51
CA THR C 168 17.13 -14.55 -29.86
C THR C 168 16.23 -14.91 -28.67
N GLU C 169 16.72 -14.66 -27.46
CA GLU C 169 15.99 -14.98 -26.22
C GLU C 169 14.59 -14.35 -26.16
N LYS C 170 13.63 -15.10 -25.59
CA LYS C 170 12.21 -14.74 -25.65
C LYS C 170 11.62 -14.26 -24.32
N GLU C 171 12.28 -14.56 -23.21
CA GLU C 171 11.84 -14.09 -21.90
C GLU C 171 12.01 -12.56 -21.79
N VAL C 172 11.16 -11.93 -20.99
CA VAL C 172 11.17 -10.48 -20.84
C VAL C 172 12.44 -9.99 -20.14
N GLU C 173 12.71 -10.49 -18.93
CA GLU C 173 13.89 -10.08 -18.18
C GLU C 173 15.20 -10.69 -18.72
N VAL C 174 15.93 -9.89 -19.49
CA VAL C 174 17.30 -10.21 -19.89
C VAL C 174 18.18 -8.97 -19.65
N ILE C 175 19.03 -9.04 -18.62
CA ILE C 175 19.89 -7.93 -18.22
C ILE C 175 21.02 -7.71 -19.23
N GLY C 176 21.24 -6.46 -19.61
CA GLY C 176 22.28 -6.11 -20.58
C GLY C 176 22.21 -4.67 -21.05
N GLY C 177 23.28 -4.21 -21.68
CA GLY C 177 23.36 -2.86 -22.21
C GLY C 177 23.34 -2.83 -23.72
N ALA C 178 24.19 -1.99 -24.30
CA ALA C 178 24.23 -1.79 -25.76
C ALA C 178 24.73 -3.02 -26.52
N ASP C 179 25.32 -3.98 -25.79
CA ASP C 179 25.71 -5.27 -26.36
C ASP C 179 24.50 -6.17 -26.64
N LYS C 180 23.40 -5.93 -25.92
CA LYS C 180 22.18 -6.73 -26.06
C LYS C 180 20.98 -5.98 -26.64
N TYR C 181 20.96 -4.65 -26.52
CA TYR C 181 19.83 -3.83 -26.98
C TYR C 181 20.28 -2.58 -27.74
N HIS C 182 19.47 -2.17 -28.73
CA HIS C 182 19.62 -0.88 -29.39
C HIS C 182 18.40 0.00 -29.09
N SER C 183 18.64 1.26 -28.76
CA SER C 183 17.56 2.24 -28.76
C SER C 183 17.28 2.54 -30.22
N VAL C 184 16.01 2.57 -30.58
CA VAL C 184 15.63 2.47 -31.96
C VAL C 184 14.34 3.27 -32.28
N CYS C 185 14.29 3.88 -33.46
CA CYS C 185 13.07 4.54 -33.94
C CYS C 185 12.09 3.48 -34.47
N ARG C 186 10.89 3.93 -34.84
CA ARG C 186 9.83 3.06 -35.38
C ARG C 186 10.28 2.24 -36.60
N LEU C 187 10.83 2.92 -37.61
CA LEU C 187 11.26 2.27 -38.86
C LEU C 187 12.34 1.23 -38.63
N CYS C 188 13.37 1.59 -37.86
CA CYS C 188 14.47 0.68 -37.56
C CYS C 188 14.05 -0.50 -36.68
N TYR C 189 12.99 -0.30 -35.88
CA TYR C 189 12.45 -1.37 -35.05
C TYR C 189 11.90 -2.52 -35.90
N PHE C 190 11.24 -2.16 -36.99
CA PHE C 190 10.63 -3.15 -37.88
C PHE C 190 11.54 -3.56 -39.05
N LYS C 191 12.73 -2.98 -39.10
CA LYS C 191 13.71 -3.22 -40.16
C LYS C 191 14.27 -4.64 -40.10
N ARG D 18 22.80 18.41 -40.48
CA ARG D 18 21.68 19.26 -40.00
C ARG D 18 21.91 19.77 -38.56
N GLY D 19 22.18 21.08 -38.45
CA GLY D 19 22.61 21.69 -37.20
C GLY D 19 21.50 22.24 -36.32
N GLN D 20 21.83 22.43 -35.05
CA GLN D 20 20.83 22.76 -34.03
C GLN D 20 21.44 23.53 -32.84
N ILE D 21 20.62 24.40 -32.24
CA ILE D 21 20.93 24.98 -30.92
C ILE D 21 19.82 24.61 -29.92
N GLN D 22 20.22 23.99 -28.82
CA GLN D 22 19.31 23.74 -27.71
C GLN D 22 19.77 24.54 -26.50
N VAL D 23 18.84 25.18 -25.81
CA VAL D 23 19.19 25.99 -24.64
C VAL D 23 18.49 25.47 -23.39
N ILE D 24 19.28 25.24 -22.36
CA ILE D 24 18.81 24.83 -21.03
C ILE D 24 19.01 25.97 -20.03
N LEU D 25 17.92 26.69 -19.75
CA LEU D 25 17.93 27.78 -18.79
C LEU D 25 17.43 27.34 -17.41
N GLY D 26 17.57 28.22 -16.43
CA GLY D 26 17.06 27.96 -15.08
C GLY D 26 17.90 28.71 -14.06
N PRO D 27 17.42 28.76 -12.80
CA PRO D 27 18.23 29.39 -11.76
C PRO D 27 19.36 28.43 -11.36
N MET D 28 20.21 28.85 -10.43
CA MET D 28 21.18 27.91 -9.86
C MET D 28 20.44 26.75 -9.18
N PHE D 29 21.14 25.60 -9.07
CA PHE D 29 20.66 24.41 -8.35
C PHE D 29 19.47 23.70 -9.03
N SER D 30 19.20 24.04 -10.29
CA SER D 30 18.10 23.42 -11.03
C SER D 30 18.58 22.21 -11.83
N GLY D 31 19.87 21.92 -11.73
CA GLY D 31 20.47 20.77 -12.41
C GLY D 31 20.63 20.92 -13.92
N LYS D 32 20.92 22.14 -14.38
CA LYS D 32 21.17 22.41 -15.81
C LYS D 32 22.35 21.63 -16.39
N SER D 33 23.44 21.52 -15.62
CA SER D 33 24.64 20.78 -16.07
C SER D 33 24.38 19.28 -16.21
N THR D 34 23.56 18.75 -15.31
CA THR D 34 23.15 17.35 -15.34
C THR D 34 22.30 17.06 -16.58
N GLU D 35 21.33 17.95 -16.86
CA GLU D 35 20.51 17.85 -18.06
C GLU D 35 21.36 17.99 -19.33
N LEU D 36 22.35 18.88 -19.29
CA LEU D 36 23.31 19.01 -20.39
C LEU D 36 23.99 17.66 -20.67
N MET D 37 24.56 17.06 -19.63
CA MET D 37 25.23 15.78 -19.76
C MET D 37 24.28 14.65 -20.19
N ARG D 38 23.04 14.66 -19.71
CA ARG D 38 22.05 13.66 -20.13
C ARG D 38 21.84 13.69 -21.64
N ARG D 39 21.70 14.89 -22.18
CA ARG D 39 21.46 15.08 -23.62
C ARG D 39 22.67 14.68 -24.48
N VAL D 40 23.86 15.13 -24.06
CA VAL D 40 25.09 14.82 -24.78
C VAL D 40 25.39 13.31 -24.79
N ARG D 41 25.21 12.65 -23.63
CA ARG D 41 25.49 11.22 -23.50
C ARG D 41 24.60 10.33 -24.37
N ARG D 42 23.38 10.79 -24.67
CA ARG D 42 22.49 10.09 -25.59
C ARG D 42 23.12 10.00 -26.98
N PHE D 43 23.80 11.08 -27.38
CA PHE D 43 24.53 11.13 -28.65
C PHE D 43 25.81 10.30 -28.59
N GLN D 44 26.59 10.46 -27.53
CA GLN D 44 27.84 9.73 -27.33
C GLN D 44 27.66 8.20 -27.37
N ILE D 45 26.61 7.72 -26.70
CA ILE D 45 26.29 6.29 -26.64
C ILE D 45 25.87 5.75 -28.01
N ALA D 46 25.43 6.64 -28.89
CA ALA D 46 25.12 6.29 -30.28
C ALA D 46 26.30 6.59 -31.21
N GLN D 47 27.49 6.67 -30.60
CA GLN D 47 28.79 6.76 -31.31
C GLN D 47 29.05 8.07 -32.06
N TYR D 48 28.34 9.14 -31.67
CA TYR D 48 28.65 10.48 -32.14
C TYR D 48 29.90 10.99 -31.44
N LYS D 49 30.74 11.74 -32.16
CA LYS D 49 31.86 12.45 -31.54
C LYS D 49 31.31 13.65 -30.77
N CYS D 50 31.72 13.77 -29.50
CA CYS D 50 31.21 14.80 -28.60
C CYS D 50 32.32 15.63 -27.96
N LEU D 51 32.00 16.87 -27.62
CA LEU D 51 32.88 17.76 -26.89
C LEU D 51 32.06 18.58 -25.89
N VAL D 52 32.52 18.60 -24.65
CA VAL D 52 31.92 19.42 -23.62
C VAL D 52 32.90 20.52 -23.24
N ILE D 53 32.38 21.74 -23.14
CA ILE D 53 33.19 22.90 -22.82
C ILE D 53 32.69 23.51 -21.52
N LYS D 54 33.64 23.79 -20.61
CA LYS D 54 33.34 24.42 -19.33
C LYS D 54 34.03 25.77 -19.21
N TYR D 55 33.44 26.65 -18.42
CA TYR D 55 34.02 27.94 -18.08
C TYR D 55 35.17 27.74 -17.08
N ALA D 56 36.38 28.10 -17.53
CA ALA D 56 37.63 27.86 -16.79
C ALA D 56 37.72 28.54 -15.43
N LYS D 57 37.10 29.71 -15.30
CA LYS D 57 37.19 30.49 -14.06
C LYS D 57 36.30 29.95 -12.93
N ASP D 58 35.34 29.08 -13.27
CA ASP D 58 34.55 28.40 -12.24
C ASP D 58 35.22 27.08 -11.87
N THR D 59 35.99 27.12 -10.80
CA THR D 59 36.84 26.01 -10.40
C THR D 59 36.21 25.18 -9.27
N ARG D 60 34.93 25.41 -9.01
CA ARG D 60 34.23 24.72 -7.92
C ARG D 60 34.23 23.21 -8.10
N TYR D 61 34.40 22.51 -6.98
CA TYR D 61 34.16 21.09 -6.90
C TYR D 61 32.64 20.91 -6.98
N SER D 62 32.18 20.24 -8.04
CA SER D 62 30.73 20.01 -8.32
C SER D 62 30.35 20.47 -9.73
N ALA D 75 35.75 17.29 -20.74
CA ALA D 75 35.36 18.70 -20.60
C ALA D 75 36.56 19.65 -20.72
N LEU D 76 36.71 20.29 -21.87
CA LEU D 76 37.73 21.32 -22.08
C LEU D 76 37.38 22.63 -21.37
N PRO D 77 38.29 23.14 -20.51
CA PRO D 77 38.09 24.46 -19.94
C PRO D 77 38.41 25.58 -20.94
N ALA D 78 37.65 26.67 -20.87
CA ALA D 78 37.84 27.81 -21.76
C ALA D 78 37.26 29.09 -21.16
N CYS D 79 37.84 30.22 -21.57
CA CYS D 79 37.35 31.55 -21.21
C CYS D 79 36.66 32.21 -22.39
N LEU D 80 37.00 31.74 -23.59
CA LEU D 80 36.39 32.17 -24.84
C LEU D 80 36.16 30.93 -25.69
N LEU D 81 34.99 30.84 -26.32
CA LEU D 81 34.64 29.68 -27.11
C LEU D 81 35.48 29.59 -28.40
N ARG D 82 35.89 30.76 -28.88
CA ARG D 82 36.85 30.93 -29.98
C ARG D 82 38.15 30.13 -29.74
N ASP D 83 38.60 30.07 -28.49
CA ASP D 83 39.83 29.35 -28.13
C ASP D 83 39.75 27.83 -28.29
N VAL D 84 38.53 27.31 -28.45
CA VAL D 84 38.31 25.88 -28.62
C VAL D 84 37.56 25.59 -29.94
N ALA D 85 37.42 26.62 -30.78
CA ALA D 85 36.74 26.50 -32.08
C ALA D 85 37.29 25.36 -32.96
N GLN D 86 38.61 25.17 -32.90
CA GLN D 86 39.29 24.20 -33.74
C GLN D 86 38.95 22.76 -33.34
N GLU D 87 38.90 22.51 -32.04
CA GLU D 87 38.48 21.22 -31.51
C GLU D 87 37.01 20.96 -31.82
N ALA D 88 36.17 21.99 -31.66
CA ALA D 88 34.72 21.90 -31.88
C ALA D 88 34.37 21.53 -33.32
N LEU D 89 35.16 22.04 -34.26
CA LEU D 89 34.98 21.77 -35.69
C LEU D 89 35.09 20.28 -36.05
N GLY D 90 35.88 19.53 -35.29
CA GLY D 90 36.08 18.10 -35.55
C GLY D 90 35.11 17.19 -34.80
N VAL D 91 33.98 17.75 -34.40
CA VAL D 91 33.03 17.06 -33.54
C VAL D 91 31.60 17.26 -34.06
N ALA D 92 30.72 16.30 -33.78
CA ALA D 92 29.32 16.37 -34.19
C ALA D 92 28.42 17.06 -33.15
N VAL D 93 28.69 16.84 -31.87
CA VAL D 93 27.86 17.39 -30.77
C VAL D 93 28.72 18.22 -29.79
N ILE D 94 28.28 19.45 -29.53
CA ILE D 94 29.00 20.36 -28.63
C ILE D 94 28.13 20.72 -27.42
N GLY D 95 28.61 20.39 -26.22
CA GLY D 95 27.98 20.80 -24.98
C GLY D 95 28.73 21.99 -24.39
N ILE D 96 27.98 22.99 -23.93
CA ILE D 96 28.55 24.19 -23.30
C ILE D 96 27.89 24.42 -21.93
N ASP D 97 28.69 24.31 -20.87
CA ASP D 97 28.24 24.55 -19.51
C ASP D 97 28.53 26.00 -19.08
N GLU D 98 27.58 26.61 -18.38
CA GLU D 98 27.69 28.01 -17.93
C GLU D 98 27.92 28.96 -19.11
N GLY D 99 27.06 28.86 -20.12
CA GLY D 99 27.16 29.65 -21.33
C GLY D 99 27.13 31.15 -21.13
N GLN D 100 26.48 31.59 -20.04
CA GLN D 100 26.35 33.01 -19.72
C GLN D 100 27.70 33.74 -19.59
N PHE D 101 28.76 32.99 -19.29
CA PHE D 101 30.08 33.58 -19.01
C PHE D 101 30.99 33.75 -20.24
N PHE D 102 30.62 33.14 -21.37
CA PHE D 102 31.37 33.32 -22.62
C PHE D 102 30.84 34.52 -23.40
N PRO D 103 31.71 35.52 -23.65
CA PRO D 103 31.27 36.74 -24.38
C PRO D 103 30.88 36.44 -25.83
N ASP D 104 31.47 35.39 -26.40
CA ASP D 104 31.23 35.01 -27.79
C ASP D 104 30.22 33.86 -27.97
N ILE D 105 29.37 33.64 -26.96
CA ILE D 105 28.37 32.57 -26.96
C ILE D 105 27.47 32.55 -28.22
N VAL D 106 26.92 33.71 -28.57
CA VAL D 106 26.02 33.80 -29.72
C VAL D 106 26.69 33.38 -31.03
N GLU D 107 27.83 34.00 -31.34
CA GLU D 107 28.46 33.77 -32.64
C GLU D 107 29.08 32.38 -32.79
N PHE D 108 29.58 31.83 -31.67
CA PHE D 108 30.06 30.44 -31.66
C PHE D 108 28.92 29.45 -31.92
N CYS D 109 27.85 29.55 -31.12
CA CYS D 109 26.70 28.64 -31.22
C CYS D 109 26.06 28.70 -32.60
N GLU D 110 25.88 29.92 -33.10
CA GLU D 110 25.26 30.12 -34.42
C GLU D 110 26.13 29.57 -35.56
N ALA D 111 27.43 29.85 -35.54
CA ALA D 111 28.37 29.33 -36.55
C ALA D 111 28.50 27.80 -36.55
N MET D 112 28.52 27.21 -35.35
CA MET D 112 28.61 25.76 -35.22
C MET D 112 27.32 25.04 -35.61
N ALA D 113 26.17 25.62 -35.28
CA ALA D 113 24.88 25.08 -35.72
C ALA D 113 24.71 25.21 -37.24
N ASN D 114 25.14 26.34 -37.80
CA ASN D 114 25.11 26.52 -39.25
C ASN D 114 26.09 25.62 -40.00
N ALA D 115 27.16 25.19 -39.31
CA ALA D 115 28.10 24.21 -39.87
C ALA D 115 27.60 22.77 -39.67
N GLY D 116 26.41 22.62 -39.11
CA GLY D 116 25.76 21.32 -39.01
C GLY D 116 25.98 20.56 -37.71
N LYS D 117 26.50 21.25 -36.70
CA LYS D 117 26.67 20.65 -35.37
C LYS D 117 25.42 20.82 -34.52
N THR D 118 25.18 19.87 -33.62
CA THR D 118 24.21 20.03 -32.55
C THR D 118 24.91 20.70 -31.37
N VAL D 119 24.43 21.89 -31.00
CA VAL D 119 25.00 22.65 -29.88
C VAL D 119 23.98 22.73 -28.74
N ILE D 120 24.38 22.25 -27.57
CA ILE D 120 23.52 22.21 -26.38
C ILE D 120 24.15 23.09 -25.29
N VAL D 121 23.36 24.01 -24.75
CA VAL D 121 23.87 25.03 -23.84
C VAL D 121 23.13 25.05 -22.49
N ALA D 122 23.87 24.85 -21.41
CA ALA D 122 23.37 25.06 -20.06
C ALA D 122 23.78 26.46 -19.58
N ALA D 123 22.81 27.23 -19.13
CA ALA D 123 23.07 28.61 -18.71
C ALA D 123 22.02 29.21 -17.80
N LEU D 124 22.49 30.08 -16.91
CA LEU D 124 21.62 30.98 -16.16
C LEU D 124 20.99 31.98 -17.14
N ASP D 125 19.68 32.15 -17.04
CA ASP D 125 18.97 33.19 -17.79
C ASP D 125 19.14 34.56 -17.11
N GLY D 126 19.28 34.53 -15.79
CA GLY D 126 19.33 35.75 -15.01
C GLY D 126 20.42 35.80 -13.96
N THR D 127 20.89 37.01 -13.70
CA THR D 127 21.83 37.32 -12.63
C THR D 127 21.11 37.32 -11.28
N PHE D 128 21.85 37.61 -10.21
CA PHE D 128 21.29 37.79 -8.87
C PHE D 128 20.27 38.94 -8.80
N GLN D 129 20.32 39.83 -9.79
CA GLN D 129 19.40 40.96 -9.88
C GLN D 129 18.16 40.65 -10.73
N ARG D 130 18.07 39.39 -11.16
CA ARG D 130 17.04 38.93 -12.10
C ARG D 130 17.06 39.74 -13.41
N LYS D 131 18.26 40.08 -13.86
CA LYS D 131 18.48 40.72 -15.15
C LYS D 131 19.11 39.71 -16.11
N PRO D 132 18.99 39.94 -17.43
CA PRO D 132 19.64 39.05 -18.40
C PRO D 132 21.13 38.88 -18.07
N PHE D 133 21.61 37.64 -18.14
CA PHE D 133 23.00 37.34 -17.80
C PHE D 133 23.87 37.37 -19.06
N GLY D 134 24.65 38.45 -19.19
CA GLY D 134 25.46 38.69 -20.37
C GLY D 134 24.62 38.65 -21.63
N ALA D 135 25.09 37.89 -22.62
CA ALA D 135 24.45 37.80 -23.95
C ALA D 135 23.56 36.56 -24.12
N ILE D 136 23.35 35.81 -23.04
CA ILE D 136 22.70 34.49 -23.14
C ILE D 136 21.33 34.47 -23.82
N LEU D 137 20.50 35.48 -23.58
CA LEU D 137 19.14 35.49 -24.12
C LEU D 137 19.08 35.75 -25.63
N ASN D 138 20.16 36.30 -26.19
CA ASN D 138 20.28 36.47 -27.63
C ASN D 138 20.29 35.13 -28.39
N LEU D 139 20.59 34.05 -27.67
CA LEU D 139 20.48 32.69 -28.23
C LEU D 139 19.04 32.26 -28.51
N VAL D 140 18.09 32.80 -27.74
CA VAL D 140 16.71 32.30 -27.76
C VAL D 140 16.03 32.38 -29.14
N PRO D 141 16.08 33.56 -29.82
CA PRO D 141 15.57 33.65 -31.19
C PRO D 141 16.35 32.80 -32.20
N LEU D 142 17.56 32.39 -31.83
CA LEU D 142 18.40 31.56 -32.69
C LEU D 142 18.22 30.05 -32.47
N ALA D 143 17.50 29.69 -31.40
CA ALA D 143 17.47 28.30 -30.93
C ALA D 143 16.19 27.55 -31.32
N GLU D 144 16.36 26.29 -31.72
CA GLU D 144 15.19 25.48 -32.02
C GLU D 144 14.53 24.88 -30.78
N SER D 145 15.31 24.75 -29.71
CA SER D 145 14.78 24.31 -28.42
C SER D 145 15.19 25.22 -27.25
N VAL D 146 14.21 25.66 -26.48
CA VAL D 146 14.46 26.45 -25.26
C VAL D 146 13.58 25.98 -24.11
N VAL D 147 14.20 25.73 -22.96
CA VAL D 147 13.49 25.33 -21.76
C VAL D 147 14.05 26.09 -20.54
N LYS D 148 13.19 26.35 -19.56
CA LYS D 148 13.62 26.88 -18.27
C LYS D 148 13.33 25.88 -17.15
N LEU D 149 14.40 25.36 -16.54
CA LEU D 149 14.26 24.39 -15.47
C LEU D 149 13.90 25.07 -14.16
N THR D 150 13.54 24.24 -13.19
CA THR D 150 13.07 24.68 -11.89
C THR D 150 13.98 24.11 -10.81
N ALA D 151 14.16 24.87 -9.74
CA ALA D 151 14.85 24.43 -8.53
C ALA D 151 13.86 24.32 -7.36
N VAL D 152 14.36 23.91 -6.18
CA VAL D 152 13.58 24.00 -4.94
C VAL D 152 13.97 25.28 -4.20
N CYS D 153 12.97 26.02 -3.68
CA CYS D 153 13.25 27.21 -2.88
C CYS D 153 13.96 26.82 -1.60
N MET D 154 15.14 27.37 -1.38
CA MET D 154 15.94 27.04 -0.20
C MET D 154 15.41 27.69 1.08
N GLU D 155 14.43 28.57 0.94
CA GLU D 155 13.90 29.32 2.08
C GLU D 155 12.45 28.96 2.47
N CYS D 156 11.65 28.49 1.51
CA CYS D 156 10.28 28.04 1.80
C CYS D 156 9.95 26.69 1.18
N PHE D 157 10.88 26.17 0.38
CA PHE D 157 10.81 24.82 -0.19
C PHE D 157 9.73 24.59 -1.25
N ARG D 158 9.09 25.68 -1.70
CA ARG D 158 8.28 25.63 -2.93
C ARG D 158 9.21 25.65 -4.17
N GLU D 159 8.65 25.85 -5.36
CA GLU D 159 9.46 25.89 -6.58
C GLU D 159 10.23 27.20 -6.70
N ALA D 160 11.48 27.11 -7.14
CA ALA D 160 12.39 28.26 -7.28
C ALA D 160 12.75 28.56 -8.73
N ALA D 161 12.67 29.84 -9.11
CA ALA D 161 12.96 30.30 -10.47
C ALA D 161 14.13 31.28 -10.54
N TYR D 162 14.67 31.67 -9.38
CA TYR D 162 15.64 32.77 -9.28
C TYR D 162 16.83 32.40 -8.43
N SER D 163 17.91 33.15 -8.59
CA SER D 163 19.12 32.99 -7.79
C SER D 163 19.32 34.23 -6.93
N LYS D 164 19.33 34.04 -5.62
CA LYS D 164 19.48 35.15 -4.68
C LYS D 164 20.86 35.16 -4.06
N ARG D 165 21.57 36.28 -4.26
CA ARG D 165 22.90 36.47 -3.68
C ARG D 165 22.78 36.71 -2.18
N LEU D 166 23.60 35.99 -1.40
CA LEU D 166 23.53 36.05 0.06
C LEU D 166 24.30 37.22 0.68
N GLY D 167 25.45 37.57 0.09
CA GLY D 167 26.30 38.65 0.59
C GLY D 167 26.02 40.01 -0.01
N THR D 168 27.01 40.91 0.08
CA THR D 168 26.82 42.32 -0.32
C THR D 168 27.52 42.71 -1.62
N GLU D 169 28.27 41.78 -2.21
CA GLU D 169 28.99 42.08 -3.46
C GLU D 169 28.05 42.57 -4.58
N LYS D 170 28.56 43.49 -5.39
CA LYS D 170 27.73 44.18 -6.38
C LYS D 170 28.08 43.83 -7.83
N GLU D 171 29.29 43.32 -8.05
CA GLU D 171 29.71 42.90 -9.38
C GLU D 171 28.95 41.64 -9.81
N VAL D 172 28.60 41.58 -11.09
CA VAL D 172 27.81 40.46 -11.62
C VAL D 172 28.47 39.11 -11.38
N GLU D 173 29.73 38.97 -11.81
CA GLU D 173 30.46 37.71 -11.67
C GLU D 173 31.10 37.51 -10.29
N VAL D 174 30.46 36.68 -9.48
CA VAL D 174 31.05 36.17 -8.24
C VAL D 174 30.82 34.65 -8.20
N ILE D 175 31.89 33.90 -8.42
CA ILE D 175 31.81 32.44 -8.44
C ILE D 175 31.45 31.92 -7.03
N GLY D 176 30.49 31.00 -6.96
CA GLY D 176 30.08 30.43 -5.69
C GLY D 176 28.97 29.39 -5.83
N GLY D 177 28.79 28.59 -4.79
CA GLY D 177 27.69 27.62 -4.72
C GLY D 177 26.66 28.06 -3.71
N ALA D 178 26.10 27.08 -2.98
CA ALA D 178 25.04 27.34 -1.99
C ALA D 178 25.54 28.15 -0.78
N ASP D 179 26.87 28.27 -0.63
CA ASP D 179 27.45 29.16 0.37
C ASP D 179 27.23 30.64 0.02
N LYS D 180 27.08 30.96 -1.27
CA LYS D 180 26.94 32.34 -1.73
C LYS D 180 25.57 32.70 -2.33
N TYR D 181 24.80 31.68 -2.73
CA TYR D 181 23.50 31.89 -3.37
C TYR D 181 22.44 30.92 -2.85
N HIS D 182 21.19 31.37 -2.82
CA HIS D 182 20.03 30.48 -2.66
C HIS D 182 19.18 30.48 -3.93
N SER D 183 18.76 29.30 -4.37
CA SER D 183 17.65 29.21 -5.32
C SER D 183 16.40 29.61 -4.55
N VAL D 184 15.51 30.36 -5.19
CA VAL D 184 14.48 31.09 -4.48
C VAL D 184 13.23 31.32 -5.35
N CYS D 185 12.05 31.27 -4.72
CA CYS D 185 10.81 31.67 -5.37
C CYS D 185 10.69 33.19 -5.36
N ARG D 186 9.64 33.71 -5.99
CA ARG D 186 9.37 35.15 -6.07
C ARG D 186 9.26 35.82 -4.70
N LEU D 187 8.45 35.26 -3.81
CA LEU D 187 8.20 35.86 -2.50
C LEU D 187 9.48 35.91 -1.66
N CYS D 188 10.25 34.83 -1.69
CA CYS D 188 11.49 34.75 -0.93
C CYS D 188 12.61 35.61 -1.51
N TYR D 189 12.54 35.88 -2.81
CA TYR D 189 13.49 36.79 -3.46
C TYR D 189 13.42 38.19 -2.87
N PHE D 190 12.20 38.67 -2.65
CA PHE D 190 11.95 40.05 -2.22
C PHE D 190 11.90 40.25 -0.70
N LYS D 191 12.24 39.20 0.07
CA LYS D 191 12.27 39.31 1.53
C LYS D 191 13.52 40.02 2.02
N ARG E 18 -1.78 -39.94 12.33
CA ARG E 18 -1.90 -38.81 11.36
C ARG E 18 -0.92 -37.68 11.65
N GLY E 19 -0.26 -37.21 10.60
CA GLY E 19 0.71 -36.14 10.68
C GLY E 19 0.07 -34.77 10.54
N GLN E 20 0.77 -33.75 11.06
CA GLN E 20 0.28 -32.38 11.08
C GLN E 20 1.39 -31.37 11.39
N ILE E 21 1.18 -30.12 10.99
CA ILE E 21 2.06 -29.00 11.38
C ILE E 21 1.29 -27.99 12.24
N GLN E 22 1.86 -27.68 13.40
CA GLN E 22 1.34 -26.62 14.27
C GLN E 22 2.39 -25.51 14.33
N VAL E 23 1.92 -24.26 14.20
CA VAL E 23 2.84 -23.13 14.26
C VAL E 23 2.47 -22.21 15.43
N ILE E 24 3.50 -21.88 16.21
CA ILE E 24 3.37 -20.94 17.32
C ILE E 24 4.20 -19.72 16.97
N LEU E 25 3.51 -18.66 16.56
CA LEU E 25 4.14 -17.41 16.21
C LEU E 25 4.06 -16.41 17.36
N GLY E 26 4.73 -15.28 17.20
CA GLY E 26 4.67 -14.21 18.18
C GLY E 26 5.91 -13.35 18.21
N PRO E 27 5.86 -12.22 18.91
CA PRO E 27 7.06 -11.40 19.08
C PRO E 27 8.02 -12.05 20.07
N MET E 28 9.16 -11.42 20.31
CA MET E 28 10.05 -11.85 21.37
C MET E 28 9.35 -11.70 22.72
N PHE E 29 9.76 -12.53 23.68
CA PHE E 29 9.31 -12.45 25.08
C PHE E 29 7.84 -12.85 25.30
N SER E 30 7.25 -13.56 24.33
CA SER E 30 5.87 -14.01 24.42
C SER E 30 5.73 -15.45 24.94
N GLY E 31 6.86 -16.08 25.21
CA GLY E 31 6.89 -17.46 25.70
C GLY E 31 6.57 -18.53 24.68
N LYS E 32 6.98 -18.32 23.41
CA LYS E 32 6.79 -19.32 22.33
C LYS E 32 7.47 -20.66 22.62
N SER E 33 8.69 -20.60 23.16
CA SER E 33 9.47 -21.80 23.53
C SER E 33 8.78 -22.63 24.60
N THR E 34 8.20 -21.93 25.56
CA THR E 34 7.49 -22.54 26.68
C THR E 34 6.22 -23.24 26.20
N GLU E 35 5.49 -22.60 25.28
CA GLU E 35 4.30 -23.21 24.69
C GLU E 35 4.66 -24.43 23.84
N LEU E 36 5.76 -24.34 23.10
CA LEU E 36 6.31 -25.47 22.36
C LEU E 36 6.57 -26.66 23.29
N MET E 37 7.31 -26.41 24.37
CA MET E 37 7.61 -27.48 25.34
C MET E 37 6.35 -28.03 26.02
N ARG E 38 5.40 -27.15 26.33
CA ARG E 38 4.12 -27.59 26.91
C ARG E 38 3.40 -28.59 26.01
N ARG E 39 3.31 -28.26 24.72
CA ARG E 39 2.64 -29.13 23.75
C ARG E 39 3.38 -30.46 23.58
N VAL E 40 4.71 -30.39 23.45
CA VAL E 40 5.55 -31.59 23.28
C VAL E 40 5.47 -32.53 24.49
N ARG E 41 5.56 -31.96 25.70
CA ARG E 41 5.51 -32.74 26.94
C ARG E 41 4.20 -33.50 27.14
N ARG E 42 3.10 -32.98 26.61
CA ARG E 42 1.81 -33.67 26.64
C ARG E 42 1.87 -35.03 25.95
N PHE E 43 2.53 -35.06 24.79
CA PHE E 43 2.78 -36.29 24.03
C PHE E 43 3.80 -37.20 24.73
N GLN E 44 4.88 -36.60 25.23
CA GLN E 44 5.96 -37.35 25.85
C GLN E 44 5.44 -38.15 27.06
N ILE E 45 4.62 -37.50 27.88
CA ILE E 45 4.05 -38.11 29.07
C ILE E 45 3.07 -39.24 28.72
N ALA E 46 2.54 -39.21 27.50
CA ALA E 46 1.66 -40.28 27.00
C ALA E 46 2.43 -41.37 26.26
N GLN E 47 3.76 -41.34 26.43
CA GLN E 47 4.69 -42.38 25.93
C GLN E 47 5.06 -42.28 24.45
N TYR E 48 4.76 -41.14 23.83
CA TYR E 48 5.26 -40.86 22.49
C TYR E 48 6.76 -40.58 22.53
N LYS E 49 7.48 -41.03 21.49
CA LYS E 49 8.87 -40.63 21.30
C LYS E 49 8.90 -39.21 20.73
N CYS E 50 9.74 -38.38 21.32
CA CYS E 50 9.82 -36.96 20.96
C CYS E 50 11.25 -36.52 20.68
N LEU E 51 11.38 -35.53 19.80
CA LEU E 51 12.65 -34.85 19.54
C LEU E 51 12.40 -33.35 19.49
N VAL E 52 13.24 -32.60 20.20
CA VAL E 52 13.21 -31.15 20.12
C VAL E 52 14.49 -30.64 19.47
N ILE E 53 14.33 -29.85 18.41
CA ILE E 53 15.45 -29.23 17.71
C ILE E 53 15.50 -27.74 18.04
N LYS E 54 16.71 -27.24 18.32
CA LYS E 54 16.91 -25.82 18.57
C LYS E 54 17.98 -25.26 17.64
N TYR E 55 17.90 -23.97 17.35
CA TYR E 55 18.87 -23.27 16.51
C TYR E 55 20.22 -23.12 17.22
N ALA E 56 21.26 -23.70 16.62
CA ALA E 56 22.58 -23.82 17.24
C ALA E 56 23.25 -22.49 17.59
N LYS E 57 23.04 -21.49 16.75
CA LYS E 57 23.69 -20.18 16.93
C LYS E 57 23.09 -19.28 18.02
N ASP E 58 21.97 -19.71 18.60
CA ASP E 58 21.42 -19.01 19.76
C ASP E 58 21.78 -19.79 21.02
N THR E 59 22.78 -19.28 21.73
CA THR E 59 23.31 -19.92 22.94
C THR E 59 23.07 -19.07 24.19
N ARG E 60 21.84 -18.59 24.34
CA ARG E 60 21.46 -17.78 25.51
C ARG E 60 21.09 -18.68 26.70
N ALA E 75 17.26 -32.25 23.17
CA ALA E 75 17.32 -30.88 22.66
C ALA E 75 18.49 -30.69 21.70
N LEU E 76 18.36 -31.24 20.49
CA LEU E 76 19.42 -31.23 19.49
C LEU E 76 19.63 -29.88 18.80
N PRO E 77 20.84 -29.31 18.91
CA PRO E 77 21.18 -28.09 18.18
C PRO E 77 21.44 -28.36 16.70
N ALA E 78 21.02 -27.44 15.85
CA ALA E 78 21.21 -27.55 14.39
C ALA E 78 21.12 -26.19 13.71
N CYS E 79 21.63 -26.11 12.49
CA CYS E 79 21.52 -24.93 11.65
C CYS E 79 20.75 -25.27 10.39
N LEU E 80 20.67 -26.56 10.11
CA LEU E 80 19.97 -27.09 8.94
C LEU E 80 19.22 -28.30 9.45
N LEU E 81 17.91 -28.33 9.20
CA LEU E 81 17.06 -29.42 9.67
C LEU E 81 17.38 -30.76 8.99
N ARG E 82 17.92 -30.68 7.78
CA ARG E 82 18.35 -31.86 7.03
C ARG E 82 19.47 -32.63 7.76
N ASP E 83 20.29 -31.93 8.53
CA ASP E 83 21.37 -32.55 9.31
C ASP E 83 20.87 -33.43 10.45
N VAL E 84 19.56 -33.35 10.69
CA VAL E 84 18.96 -33.99 11.84
C VAL E 84 17.74 -34.84 11.47
N ALA E 85 17.52 -35.01 10.17
CA ALA E 85 16.35 -35.72 9.63
C ALA E 85 16.27 -37.20 10.01
N GLN E 86 17.42 -37.85 10.13
CA GLN E 86 17.47 -39.28 10.49
C GLN E 86 16.99 -39.53 11.92
N GLU E 87 17.41 -38.65 12.84
CA GLU E 87 16.89 -38.65 14.21
C GLU E 87 15.38 -38.38 14.23
N ALA E 88 14.95 -37.41 13.42
CA ALA E 88 13.54 -37.03 13.30
C ALA E 88 12.64 -38.15 12.75
N LEU E 89 13.18 -38.92 11.80
CA LEU E 89 12.49 -40.07 11.22
C LEU E 89 12.09 -41.18 12.22
N GLY E 90 12.89 -41.34 13.28
CA GLY E 90 12.66 -42.40 14.26
C GLY E 90 11.86 -41.94 15.46
N VAL E 91 11.12 -40.85 15.27
CA VAL E 91 10.38 -40.18 16.34
C VAL E 91 8.95 -39.85 15.86
N ALA E 92 8.00 -39.80 16.80
CA ALA E 92 6.60 -39.52 16.47
C ALA E 92 6.26 -38.02 16.51
N VAL E 93 6.94 -37.27 17.38
CA VAL E 93 6.69 -35.84 17.59
C VAL E 93 7.98 -35.02 17.47
N ILE E 94 7.96 -34.01 16.60
CA ILE E 94 9.12 -33.14 16.41
C ILE E 94 8.81 -31.67 16.78
N GLY E 95 9.54 -31.16 17.77
CA GLY E 95 9.48 -29.75 18.14
C GLY E 95 10.65 -28.99 17.56
N ILE E 96 10.39 -27.80 17.02
CA ILE E 96 11.43 -26.95 16.46
C ILE E 96 11.34 -25.53 17.04
N ASP E 97 12.40 -25.14 17.75
CA ASP E 97 12.49 -23.80 18.34
C ASP E 97 13.26 -22.83 17.45
N GLU E 98 12.79 -21.59 17.38
CA GLU E 98 13.38 -20.54 16.53
C GLU E 98 13.42 -20.97 15.06
N GLY E 99 12.25 -21.45 14.58
CA GLY E 99 12.10 -21.99 13.23
C GLY E 99 12.42 -21.03 12.11
N GLN E 100 12.35 -19.73 12.39
CA GLN E 100 12.67 -18.68 11.41
C GLN E 100 14.12 -18.72 10.91
N PHE E 101 15.01 -19.34 11.69
CA PHE E 101 16.44 -19.39 11.37
C PHE E 101 16.83 -20.59 10.51
N PHE E 102 15.91 -21.53 10.32
CA PHE E 102 16.19 -22.70 9.48
C PHE E 102 15.74 -22.42 8.05
N PRO E 103 16.68 -22.47 7.09
CA PRO E 103 16.33 -22.20 5.69
C PRO E 103 15.52 -23.32 5.01
N ASP E 104 15.58 -24.53 5.56
CA ASP E 104 14.80 -25.64 5.02
C ASP E 104 13.54 -25.96 5.86
N ILE E 105 13.07 -24.95 6.60
CA ILE E 105 11.93 -25.11 7.51
C ILE E 105 10.67 -25.65 6.81
N VAL E 106 10.32 -25.08 5.67
CA VAL E 106 9.11 -25.44 4.91
C VAL E 106 9.13 -26.91 4.47
N GLU E 107 10.17 -27.29 3.71
CA GLU E 107 10.29 -28.62 3.14
C GLU E 107 10.41 -29.74 4.20
N PHE E 108 11.14 -29.45 5.28
CA PHE E 108 11.29 -30.39 6.38
C PHE E 108 9.96 -30.71 7.08
N CYS E 109 9.24 -29.66 7.48
CA CYS E 109 7.98 -29.81 8.23
C CYS E 109 6.92 -30.49 7.40
N GLU E 110 6.88 -30.16 6.12
CA GLU E 110 5.94 -30.75 5.17
C GLU E 110 6.23 -32.25 4.97
N ALA E 111 7.49 -32.57 4.66
CA ALA E 111 7.95 -33.94 4.51
C ALA E 111 7.65 -34.78 5.75
N MET E 112 7.98 -34.25 6.92
CA MET E 112 7.78 -35.00 8.17
C MET E 112 6.30 -35.21 8.52
N ALA E 113 5.48 -34.18 8.33
CA ALA E 113 4.04 -34.30 8.54
C ALA E 113 3.38 -35.28 7.56
N ASN E 114 3.82 -35.25 6.30
CA ASN E 114 3.33 -36.21 5.30
C ASN E 114 3.82 -37.65 5.56
N ALA E 115 4.89 -37.78 6.33
CA ALA E 115 5.38 -39.07 6.81
C ALA E 115 4.73 -39.51 8.13
N GLY E 116 3.75 -38.74 8.60
CA GLY E 116 2.96 -39.12 9.79
C GLY E 116 3.42 -38.54 11.11
N LYS E 117 4.41 -37.64 11.08
CA LYS E 117 4.90 -36.98 12.30
C LYS E 117 4.01 -35.79 12.70
N THR E 118 3.89 -35.55 14.00
CA THR E 118 3.36 -34.29 14.51
C THR E 118 4.53 -33.30 14.68
N VAL E 119 4.52 -32.24 13.89
CA VAL E 119 5.58 -31.23 13.91
C VAL E 119 5.07 -29.92 14.51
N ILE E 120 5.76 -29.45 15.55
CA ILE E 120 5.38 -28.25 16.26
C ILE E 120 6.54 -27.25 16.20
N VAL E 121 6.22 -26.03 15.75
CA VAL E 121 7.22 -25.01 15.47
C VAL E 121 6.96 -23.72 16.25
N ALA E 122 7.93 -23.30 17.06
CA ALA E 122 7.96 -21.97 17.66
C ALA E 122 8.81 -21.07 16.78
N ALA E 123 8.30 -19.87 16.49
CA ALA E 123 9.03 -18.93 15.64
C ALA E 123 8.54 -17.51 15.72
N LEU E 124 9.48 -16.58 15.55
CA LEU E 124 9.18 -15.18 15.26
C LEU E 124 8.50 -15.09 13.89
N ASP E 125 7.40 -14.37 13.81
CA ASP E 125 6.74 -14.11 12.53
C ASP E 125 7.38 -12.93 11.80
N GLY E 126 7.88 -11.96 12.58
CA GLY E 126 8.51 -10.76 12.05
C GLY E 126 9.89 -10.46 12.62
N THR E 127 10.70 -9.76 11.84
CA THR E 127 12.00 -9.27 12.29
C THR E 127 11.81 -7.93 13.01
N PHE E 128 12.93 -7.36 13.47
CA PHE E 128 12.93 -6.02 14.08
C PHE E 128 12.31 -4.93 13.19
N GLN E 129 12.16 -5.24 11.89
CA GLN E 129 11.58 -4.32 10.93
C GLN E 129 10.12 -4.65 10.59
N ARG E 130 9.50 -5.53 11.37
CA ARG E 130 8.13 -6.02 11.16
C ARG E 130 7.88 -6.55 9.73
N LYS E 131 8.86 -7.28 9.21
CA LYS E 131 8.74 -7.94 7.92
C LYS E 131 8.91 -9.45 8.10
N PRO E 132 8.44 -10.27 7.12
CA PRO E 132 8.54 -11.73 7.29
C PRO E 132 9.95 -12.18 7.67
N PHE E 133 10.05 -13.05 8.68
CA PHE E 133 11.34 -13.55 9.16
C PHE E 133 11.71 -14.85 8.47
N GLY E 134 12.63 -14.78 7.51
CA GLY E 134 13.01 -15.96 6.71
C GLY E 134 11.82 -16.48 5.93
N ALA E 135 11.69 -17.81 5.87
CA ALA E 135 10.64 -18.47 5.08
C ALA E 135 9.51 -19.03 5.95
N ILE E 136 9.43 -18.57 7.20
CA ILE E 136 8.54 -19.16 8.19
C ILE E 136 7.03 -19.06 7.86
N LEU E 137 6.62 -17.95 7.26
CA LEU E 137 5.21 -17.73 6.93
C LEU E 137 4.70 -18.66 5.84
N ASN E 138 5.63 -19.21 5.04
CA ASN E 138 5.30 -20.23 4.04
C ASN E 138 4.82 -21.54 4.67
N LEU E 139 5.04 -21.70 5.98
CA LEU E 139 4.44 -22.82 6.71
C LEU E 139 2.92 -22.67 6.87
N VAL E 140 2.45 -21.44 6.97
CA VAL E 140 1.04 -21.15 7.30
C VAL E 140 0.00 -21.87 6.41
N PRO E 141 0.12 -21.75 5.06
CA PRO E 141 -0.83 -22.50 4.19
C PRO E 141 -0.71 -24.02 4.29
N LEU E 142 0.39 -24.49 4.86
CA LEU E 142 0.66 -25.92 5.00
C LEU E 142 0.23 -26.50 6.35
N ALA E 143 -0.14 -25.60 7.28
CA ALA E 143 -0.31 -25.94 8.69
C ALA E 143 -1.77 -26.12 9.08
N GLU E 144 -2.05 -27.12 9.91
CA GLU E 144 -3.40 -27.25 10.44
C GLU E 144 -3.72 -26.31 11.62
N SER E 145 -2.68 -25.88 12.34
CA SER E 145 -2.83 -25.00 13.49
C SER E 145 -1.83 -23.83 13.46
N VAL E 146 -2.35 -22.61 13.58
CA VAL E 146 -1.51 -21.39 13.64
C VAL E 146 -2.04 -20.40 14.68
N VAL E 147 -1.19 -19.98 15.62
CA VAL E 147 -1.51 -18.94 16.60
C VAL E 147 -0.39 -17.89 16.68
N LYS E 148 -0.75 -16.65 17.00
CA LYS E 148 0.23 -15.63 17.31
C LYS E 148 0.13 -15.26 18.78
N LEU E 149 1.20 -15.53 19.53
CA LEU E 149 1.23 -15.20 20.94
C LEU E 149 1.48 -13.71 21.15
N THR E 150 1.20 -13.28 22.37
CA THR E 150 1.28 -11.89 22.77
C THR E 150 2.33 -11.76 23.88
N ALA E 151 3.06 -10.64 23.86
CA ALA E 151 3.97 -10.28 24.94
C ALA E 151 3.44 -9.06 25.68
N VAL E 152 4.15 -8.63 26.72
CA VAL E 152 3.87 -7.37 27.39
C VAL E 152 4.80 -6.29 26.80
N CYS E 153 4.22 -5.15 26.43
CA CYS E 153 5.02 -4.01 25.95
C CYS E 153 5.90 -3.51 27.08
N MET E 154 7.21 -3.49 26.84
CA MET E 154 8.19 -3.10 27.85
C MET E 154 8.29 -1.60 28.05
N GLU E 155 7.56 -0.84 27.23
CA GLU E 155 7.64 0.62 27.26
C GLU E 155 6.36 1.31 27.77
N CYS E 156 5.20 0.69 27.55
CA CYS E 156 3.92 1.21 28.05
C CYS E 156 3.08 0.17 28.79
N PHE E 157 3.51 -1.09 28.70
CA PHE E 157 2.93 -2.20 29.48
C PHE E 157 1.54 -2.68 29.05
N ARG E 158 1.14 -2.33 27.82
CA ARG E 158 -0.03 -2.92 27.18
C ARG E 158 0.42 -4.17 26.41
N GLU E 159 -0.48 -4.79 25.65
CA GLU E 159 -0.15 -5.95 24.82
C GLU E 159 0.91 -5.62 23.77
N ALA E 160 1.84 -6.55 23.55
CA ALA E 160 2.90 -6.36 22.56
C ALA E 160 2.86 -7.41 21.44
N ALA E 161 2.95 -6.93 20.19
CA ALA E 161 2.88 -7.79 19.01
C ALA E 161 4.19 -7.84 18.20
N TYR E 162 5.13 -6.96 18.53
CA TYR E 162 6.33 -6.76 17.73
C TYR E 162 7.63 -6.75 18.56
N SER E 163 8.75 -6.92 17.87
CA SER E 163 10.08 -6.83 18.48
C SER E 163 10.83 -5.59 17.96
N LYS E 164 11.24 -4.73 18.90
CA LYS E 164 11.95 -3.49 18.58
C LYS E 164 13.43 -3.65 18.91
N ARG E 165 14.29 -3.41 17.92
CA ARG E 165 15.73 -3.43 18.15
C ARG E 165 16.13 -2.14 18.87
N LEU E 166 17.00 -2.28 19.87
CA LEU E 166 17.43 -1.13 20.66
C LEU E 166 18.62 -0.42 20.03
N GLY E 167 19.56 -1.20 19.51
CA GLY E 167 20.79 -0.66 18.92
C GLY E 167 20.64 -0.13 17.49
N THR E 168 21.77 -0.05 16.79
CA THR E 168 21.81 0.55 15.45
C THR E 168 22.14 -0.44 14.31
N GLU E 169 22.41 -1.69 14.64
CA GLU E 169 22.75 -2.69 13.61
C GLU E 169 21.61 -2.94 12.63
N LYS E 170 21.98 -3.16 11.37
CA LYS E 170 21.02 -3.25 10.27
C LYS E 170 20.83 -4.68 9.76
N GLU E 171 21.75 -5.57 10.13
CA GLU E 171 21.65 -6.98 9.76
C GLU E 171 20.52 -7.67 10.53
N VAL E 172 19.80 -8.56 9.85
CA VAL E 172 18.64 -9.23 10.42
C VAL E 172 19.01 -10.04 11.67
N GLU E 173 19.93 -10.98 11.50
CA GLU E 173 20.35 -11.85 12.60
C GLU E 173 21.31 -11.16 13.57
N VAL E 174 20.79 -10.87 14.77
CA VAL E 174 21.57 -10.42 15.92
C VAL E 174 21.00 -11.11 17.14
N ILE E 175 21.75 -12.08 17.68
CA ILE E 175 21.32 -12.86 18.83
C ILE E 175 21.37 -12.02 20.12
N GLY E 176 20.32 -12.13 20.94
CA GLY E 176 20.22 -11.36 22.18
C GLY E 176 18.86 -11.37 22.86
N GLY E 177 18.84 -10.90 24.11
CA GLY E 177 17.62 -10.89 24.92
C GLY E 177 17.10 -9.48 25.11
N ALA E 178 16.66 -9.18 26.33
CA ALA E 178 16.06 -7.89 26.68
C ALA E 178 17.04 -6.71 26.65
N ASP E 179 18.32 -7.00 26.48
CA ASP E 179 19.34 -5.96 26.36
C ASP E 179 19.49 -5.45 24.92
N LYS E 180 19.06 -6.27 23.96
CA LYS E 180 19.14 -5.90 22.55
C LYS E 180 17.78 -5.58 21.94
N TYR E 181 16.71 -6.10 22.55
CA TYR E 181 15.35 -5.92 22.05
C TYR E 181 14.34 -5.60 23.15
N HIS E 182 13.25 -4.94 22.74
CA HIS E 182 12.06 -4.75 23.58
C HIS E 182 10.83 -5.29 22.85
N SER E 183 10.02 -6.11 23.53
CA SER E 183 8.69 -6.42 23.01
C SER E 183 7.86 -5.16 23.13
N VAL E 184 7.19 -4.77 22.03
CA VAL E 184 6.45 -3.50 21.97
C VAL E 184 5.10 -3.59 21.27
N CYS E 185 4.22 -2.65 21.59
CA CYS E 185 2.97 -2.45 20.87
C CYS E 185 3.19 -1.56 19.65
N ARG E 186 2.14 -1.31 18.88
CA ARG E 186 2.20 -0.48 17.67
C ARG E 186 2.68 0.96 17.93
N LEU E 187 2.11 1.59 18.95
CA LEU E 187 2.47 2.98 19.27
C LEU E 187 3.94 3.12 19.68
N CYS E 188 4.39 2.25 20.58
CA CYS E 188 5.76 2.29 21.08
C CYS E 188 6.79 1.88 20.03
N TYR E 189 6.38 1.02 19.10
CA TYR E 189 7.23 0.65 17.96
C TYR E 189 7.62 1.88 17.14
N PHE E 190 6.67 2.80 16.95
CA PHE E 190 6.87 3.96 16.07
C PHE E 190 7.37 5.23 16.74
N LYS E 191 7.41 5.25 18.07
CA LYS E 191 7.85 6.43 18.84
C LYS E 191 9.25 6.88 18.43
N ARG F 18 -5.14 -1.61 37.64
CA ARG F 18 -6.28 -2.28 36.94
C ARG F 18 -6.15 -3.83 36.97
N GLY F 19 -6.97 -4.45 37.81
CA GLY F 19 -6.86 -5.88 38.08
C GLY F 19 -7.72 -6.79 37.24
N GLN F 20 -7.46 -8.09 37.34
CA GLN F 20 -8.19 -9.12 36.62
C GLN F 20 -7.94 -10.52 37.16
N ILE F 21 -8.80 -11.47 36.78
CA ILE F 21 -8.64 -12.89 37.07
C ILE F 21 -8.60 -13.69 35.77
N GLN F 22 -7.55 -14.50 35.63
CA GLN F 22 -7.44 -15.46 34.54
C GLN F 22 -7.46 -16.87 35.09
N VAL F 23 -8.27 -17.72 34.48
CA VAL F 23 -8.39 -19.12 34.90
C VAL F 23 -7.93 -20.07 33.79
N ILE F 24 -6.95 -20.90 34.12
CA ILE F 24 -6.45 -21.93 33.24
C ILE F 24 -6.94 -23.29 33.75
N LEU F 25 -7.96 -23.83 33.07
CA LEU F 25 -8.53 -25.13 33.43
C LEU F 25 -7.99 -26.25 32.53
N GLY F 26 -8.26 -27.49 32.95
CA GLY F 26 -7.94 -28.64 32.14
C GLY F 26 -7.81 -29.90 32.99
N PRO F 27 -7.67 -31.07 32.32
CA PRO F 27 -7.46 -32.29 33.07
C PRO F 27 -6.01 -32.35 33.56
N MET F 28 -5.67 -33.45 34.21
CA MET F 28 -4.28 -33.70 34.58
C MET F 28 -3.44 -33.84 33.32
N PHE F 29 -2.16 -33.50 33.43
CA PHE F 29 -1.17 -33.68 32.35
C PHE F 29 -1.45 -32.84 31.09
N SER F 30 -2.17 -31.74 31.26
CA SER F 30 -2.45 -30.82 30.15
C SER F 30 -1.50 -29.63 30.12
N GLY F 31 -0.66 -29.52 31.15
CA GLY F 31 0.37 -28.48 31.22
C GLY F 31 -0.12 -27.15 31.77
N LYS F 32 -1.12 -27.20 32.66
CA LYS F 32 -1.68 -26.00 33.28
C LYS F 32 -0.62 -25.19 34.03
N SER F 33 0.28 -25.89 34.72
CA SER F 33 1.39 -25.28 35.47
C SER F 33 2.33 -24.50 34.58
N THR F 34 2.61 -25.08 33.41
CA THR F 34 3.51 -24.50 32.41
C THR F 34 2.90 -23.24 31.78
N GLU F 35 1.61 -23.30 31.46
CA GLU F 35 0.91 -22.13 30.92
C GLU F 35 0.84 -21.00 31.96
N LEU F 36 0.61 -21.36 33.22
CA LEU F 36 0.68 -20.38 34.31
C LEU F 36 2.04 -19.68 34.33
N MET F 37 3.11 -20.47 34.31
CA MET F 37 4.47 -19.91 34.35
C MET F 37 4.85 -19.13 33.08
N ARG F 38 4.32 -19.54 31.93
CA ARG F 38 4.48 -18.77 30.69
C ARG F 38 3.89 -17.37 30.83
N ARG F 39 2.68 -17.31 31.39
CA ARG F 39 1.97 -16.05 31.56
C ARG F 39 2.62 -15.11 32.59
N VAL F 40 3.02 -15.68 33.74
CA VAL F 40 3.67 -14.92 34.81
C VAL F 40 4.99 -14.30 34.34
N ARG F 41 5.82 -15.10 33.67
CA ARG F 41 7.13 -14.65 33.16
C ARG F 41 7.06 -13.52 32.14
N ARG F 42 5.99 -13.49 31.33
CA ARG F 42 5.73 -12.38 30.42
C ARG F 42 5.69 -11.04 31.15
N PHE F 43 5.06 -11.04 32.32
CA PHE F 43 5.00 -9.86 33.19
C PHE F 43 6.34 -9.59 33.87
N GLN F 44 6.96 -10.66 34.37
CA GLN F 44 8.24 -10.59 35.08
C GLN F 44 9.34 -9.95 34.24
N ILE F 45 9.46 -10.42 32.99
CA ILE F 45 10.43 -9.91 32.02
C ILE F 45 10.22 -8.41 31.75
N ALA F 46 8.99 -7.93 31.95
CA ALA F 46 8.64 -6.53 31.77
C ALA F 46 8.71 -5.73 33.08
N GLN F 47 9.34 -6.32 34.09
CA GLN F 47 9.68 -5.66 35.36
C GLN F 47 8.57 -5.60 36.41
N TYR F 48 7.47 -6.34 36.17
CA TYR F 48 6.40 -6.49 37.15
C TYR F 48 6.88 -7.34 38.32
N LYS F 49 6.46 -6.97 39.53
CA LYS F 49 6.67 -7.79 40.72
C LYS F 49 5.65 -8.94 40.72
N CYS F 50 6.15 -10.16 40.83
CA CYS F 50 5.31 -11.36 40.72
C CYS F 50 5.45 -12.26 41.93
N LEU F 51 4.38 -13.00 42.22
CA LEU F 51 4.39 -14.02 43.26
C LEU F 51 3.69 -15.26 42.70
N VAL F 52 4.30 -16.42 42.89
CA VAL F 52 3.62 -17.68 42.59
C VAL F 52 3.32 -18.45 43.88
N ILE F 53 2.12 -19.01 43.95
CA ILE F 53 1.67 -19.81 45.09
C ILE F 53 1.36 -21.23 44.62
N LYS F 54 1.86 -22.21 45.38
CA LYS F 54 1.54 -23.61 45.11
C LYS F 54 0.88 -24.26 46.33
N TYR F 55 0.12 -25.31 46.08
CA TYR F 55 -0.50 -26.09 47.15
C TYR F 55 0.55 -26.94 47.85
N ALA F 56 0.65 -26.76 49.16
CA ALA F 56 1.71 -27.33 49.99
C ALA F 56 1.70 -28.86 50.09
N LYS F 57 0.52 -29.45 50.10
CA LYS F 57 0.38 -30.90 50.28
C LYS F 57 0.71 -31.73 49.04
N ASP F 58 1.06 -31.08 47.94
CA ASP F 58 1.51 -31.77 46.74
C ASP F 58 3.01 -31.55 46.52
N THR F 59 3.80 -32.49 47.02
CA THR F 59 5.26 -32.36 47.07
C THR F 59 5.99 -33.10 45.94
N ARG F 60 5.24 -33.47 44.90
CA ARG F 60 5.77 -34.22 43.76
C ARG F 60 6.92 -33.49 43.06
N ALA F 75 7.91 -18.76 44.74
CA ALA F 75 7.06 -19.94 44.65
C ALA F 75 6.68 -20.47 46.05
N LEU F 76 5.80 -19.74 46.73
CA LEU F 76 5.46 -20.03 48.13
C LEU F 76 4.46 -21.16 48.31
N PRO F 77 4.78 -22.13 49.18
CA PRO F 77 3.81 -23.19 49.50
C PRO F 77 2.74 -22.68 50.46
N ALA F 78 1.49 -23.10 50.26
CA ALA F 78 0.38 -22.69 51.13
C ALA F 78 -0.75 -23.71 51.14
N CYS F 79 -1.55 -23.70 52.21
CA CYS F 79 -2.77 -24.50 52.32
C CYS F 79 -4.02 -23.62 52.30
N LEU F 80 -3.85 -22.37 52.71
CA LEU F 80 -4.90 -21.36 52.62
C LEU F 80 -4.26 -20.11 52.02
N LEU F 81 -4.96 -19.48 51.07
CA LEU F 81 -4.46 -18.27 50.43
C LEU F 81 -4.37 -17.09 51.43
N ARG F 82 -5.25 -17.11 52.42
CA ARG F 82 -5.19 -16.20 53.57
C ARG F 82 -3.77 -16.08 54.13
N ASP F 83 -3.09 -17.22 54.23
CA ASP F 83 -1.75 -17.31 54.82
C ASP F 83 -0.67 -16.59 54.03
N VAL F 84 -1.03 -16.14 52.84
CA VAL F 84 -0.05 -15.61 51.91
C VAL F 84 -0.50 -14.23 51.37
N ALA F 85 -1.58 -13.71 51.95
CA ALA F 85 -2.22 -12.48 51.49
C ALA F 85 -1.42 -11.20 51.73
N GLN F 86 -0.66 -11.16 52.83
CA GLN F 86 0.23 -10.03 53.14
C GLN F 86 1.34 -9.90 52.09
N GLU F 87 1.95 -11.03 51.73
CA GLU F 87 2.93 -11.09 50.64
C GLU F 87 2.31 -10.63 49.32
N ALA F 88 1.10 -11.09 49.02
CA ALA F 88 0.40 -10.77 47.78
C ALA F 88 0.05 -9.28 47.65
N LEU F 89 -0.10 -8.61 48.77
CA LEU F 89 -0.36 -7.16 48.79
C LEU F 89 0.79 -6.35 48.19
N GLY F 90 2.01 -6.87 48.31
CA GLY F 90 3.20 -6.15 47.85
C GLY F 90 3.64 -6.49 46.43
N VAL F 91 2.73 -7.10 45.69
CA VAL F 91 3.04 -7.64 44.36
C VAL F 91 2.03 -7.13 43.30
N ALA F 92 2.40 -7.20 42.02
CA ALA F 92 1.51 -6.77 40.93
C ALA F 92 0.82 -7.96 40.24
N VAL F 93 1.52 -9.09 40.18
CA VAL F 93 1.04 -10.28 39.50
C VAL F 93 1.11 -11.48 40.44
N ILE F 94 -0.04 -12.14 40.65
CA ILE F 94 -0.14 -13.32 41.51
C ILE F 94 -0.52 -14.55 40.68
N GLY F 95 0.32 -15.59 40.76
CA GLY F 95 0.03 -16.88 40.15
C GLY F 95 -0.32 -17.91 41.20
N ILE F 96 -1.34 -18.73 40.91
CA ILE F 96 -1.78 -19.79 41.83
C ILE F 96 -1.82 -21.14 41.10
N ASP F 97 -1.01 -22.08 41.58
CA ASP F 97 -1.01 -23.44 41.06
C ASP F 97 -1.94 -24.35 41.88
N GLU F 98 -2.65 -25.24 41.18
CA GLU F 98 -3.58 -26.19 41.79
C GLU F 98 -4.65 -25.51 42.65
N GLY F 99 -5.29 -24.50 42.05
CA GLY F 99 -6.28 -23.65 42.72
C GLY F 99 -7.45 -24.38 43.34
N GLN F 100 -7.76 -25.57 42.82
CA GLN F 100 -8.87 -26.39 43.29
C GLN F 100 -8.76 -26.82 44.77
N PHE F 101 -7.54 -26.78 45.30
CA PHE F 101 -7.27 -27.23 46.67
C PHE F 101 -7.38 -26.12 47.71
N PHE F 102 -7.52 -24.87 47.27
CA PHE F 102 -7.69 -23.75 48.21
C PHE F 102 -9.15 -23.46 48.48
N PRO F 103 -9.60 -23.64 49.75
CA PRO F 103 -10.98 -23.40 50.16
C PRO F 103 -11.39 -21.94 49.97
N ASP F 104 -10.42 -21.04 50.03
CA ASP F 104 -10.68 -19.61 49.97
C ASP F 104 -10.29 -18.96 48.62
N ILE F 105 -10.25 -19.78 47.56
CA ILE F 105 -9.88 -19.33 46.21
C ILE F 105 -10.69 -18.13 45.69
N VAL F 106 -12.00 -18.14 45.93
CA VAL F 106 -12.91 -17.11 45.42
C VAL F 106 -12.71 -15.76 46.13
N GLU F 107 -12.72 -15.79 47.46
CA GLU F 107 -12.54 -14.60 48.27
C GLU F 107 -11.21 -13.91 47.95
N PHE F 108 -10.14 -14.70 47.92
CA PHE F 108 -8.78 -14.19 47.68
C PHE F 108 -8.61 -13.62 46.28
N CYS F 109 -9.02 -14.38 45.27
CA CYS F 109 -8.86 -13.96 43.87
C CYS F 109 -9.62 -12.69 43.56
N GLU F 110 -10.86 -12.62 44.04
CA GLU F 110 -11.72 -11.46 43.83
C GLU F 110 -11.19 -10.23 44.57
N ALA F 111 -10.84 -10.39 45.85
CA ALA F 111 -10.26 -9.29 46.65
C ALA F 111 -8.98 -8.72 46.05
N MET F 112 -8.08 -9.58 45.56
CA MET F 112 -6.82 -9.13 44.96
C MET F 112 -7.03 -8.44 43.61
N ALA F 113 -7.85 -9.01 42.74
CA ALA F 113 -8.18 -8.38 41.44
C ALA F 113 -8.86 -7.01 41.63
N ASN F 114 -9.71 -6.89 42.65
CA ASN F 114 -10.34 -5.61 42.96
C ASN F 114 -9.36 -4.59 43.54
N ALA F 115 -8.22 -5.08 44.04
CA ALA F 115 -7.16 -4.22 44.56
C ALA F 115 -6.14 -3.87 43.47
N GLY F 116 -6.40 -4.30 42.24
CA GLY F 116 -5.58 -3.94 41.09
C GLY F 116 -4.51 -4.96 40.70
N LYS F 117 -4.54 -6.13 41.30
CA LYS F 117 -3.59 -7.20 40.94
C LYS F 117 -4.11 -8.05 39.78
N THR F 118 -3.18 -8.53 38.95
CA THR F 118 -3.49 -9.53 37.94
C THR F 118 -3.33 -10.91 38.55
N VAL F 119 -4.44 -11.64 38.63
CA VAL F 119 -4.44 -12.94 39.30
C VAL F 119 -4.64 -14.07 38.28
N ILE F 120 -3.68 -14.99 38.26
CA ILE F 120 -3.64 -16.07 37.27
C ILE F 120 -3.72 -17.43 37.98
N VAL F 121 -4.75 -18.21 37.65
CA VAL F 121 -5.01 -19.46 38.35
C VAL F 121 -4.94 -20.68 37.43
N ALA F 122 -4.03 -21.60 37.73
CA ALA F 122 -4.05 -22.93 37.11
C ALA F 122 -4.77 -23.89 38.05
N ALA F 123 -5.68 -24.68 37.50
CA ALA F 123 -6.51 -25.58 38.30
C ALA F 123 -7.22 -26.64 37.47
N LEU F 124 -7.34 -27.83 38.04
CA LEU F 124 -8.27 -28.86 37.56
C LEU F 124 -9.71 -28.34 37.66
N ASP F 125 -10.48 -28.50 36.59
CA ASP F 125 -11.90 -28.14 36.59
C ASP F 125 -12.77 -29.25 37.20
N GLY F 126 -12.37 -30.50 36.95
CA GLY F 126 -13.09 -31.68 37.42
C GLY F 126 -12.27 -32.65 38.25
N THR F 127 -12.95 -33.31 39.20
CA THR F 127 -12.36 -34.41 39.95
C THR F 127 -12.32 -35.67 39.07
N PHE F 128 -11.84 -36.76 39.63
CA PHE F 128 -11.83 -38.07 38.97
C PHE F 128 -13.24 -38.55 38.57
N GLN F 129 -14.27 -37.93 39.16
CA GLN F 129 -15.67 -38.25 38.86
C GLN F 129 -16.30 -37.32 37.81
N ARG F 130 -15.49 -36.43 37.27
CA ARG F 130 -15.95 -35.36 36.37
C ARG F 130 -17.02 -34.50 37.03
N LYS F 131 -16.75 -34.12 38.29
CA LYS F 131 -17.57 -33.20 39.05
C LYS F 131 -16.74 -31.94 39.36
N PRO F 132 -17.42 -30.81 39.65
CA PRO F 132 -16.68 -29.59 40.02
C PRO F 132 -15.69 -29.86 41.16
N PHE F 133 -14.45 -29.41 40.97
CA PHE F 133 -13.38 -29.66 41.95
C PHE F 133 -13.32 -28.49 42.93
N GLY F 134 -13.88 -28.70 44.11
CA GLY F 134 -13.96 -27.66 45.14
C GLY F 134 -14.80 -26.47 44.68
N ALA F 135 -14.29 -25.27 44.94
CA ALA F 135 -14.99 -24.03 44.65
C ALA F 135 -14.47 -23.35 43.37
N ILE F 136 -13.60 -24.05 42.64
CA ILE F 136 -12.86 -23.46 41.53
C ILE F 136 -13.72 -22.83 40.43
N LEU F 137 -14.86 -23.48 40.11
CA LEU F 137 -15.72 -22.98 39.05
C LEU F 137 -16.48 -21.69 39.40
N ASN F 138 -16.57 -21.36 40.70
CA ASN F 138 -17.12 -20.07 41.12
C ASN F 138 -16.28 -18.88 40.65
N LEU F 139 -15.05 -19.14 40.24
CA LEU F 139 -14.19 -18.13 39.62
C LEU F 139 -14.65 -17.70 38.24
N VAL F 140 -15.17 -18.66 37.47
CA VAL F 140 -15.55 -18.41 36.06
C VAL F 140 -16.38 -17.11 35.85
N PRO F 141 -17.53 -16.95 36.56
CA PRO F 141 -18.31 -15.70 36.40
C PRO F 141 -17.61 -14.43 36.88
N LEU F 142 -16.52 -14.59 37.63
CA LEU F 142 -15.76 -13.48 38.17
C LEU F 142 -14.53 -13.15 37.31
N ALA F 143 -14.26 -13.99 36.32
CA ALA F 143 -13.01 -13.94 35.56
C ALA F 143 -13.14 -13.27 34.19
N GLU F 144 -12.17 -12.41 33.86
CA GLU F 144 -12.13 -11.81 32.53
C GLU F 144 -11.60 -12.77 31.45
N SER F 145 -10.97 -13.86 31.87
CA SER F 145 -10.37 -14.83 30.96
C SER F 145 -10.46 -16.27 31.49
N VAL F 146 -11.01 -17.17 30.66
CA VAL F 146 -11.12 -18.59 30.98
C VAL F 146 -10.81 -19.44 29.74
N VAL F 147 -9.89 -20.40 29.90
CA VAL F 147 -9.62 -21.41 28.88
C VAL F 147 -9.63 -22.81 29.49
N LYS F 148 -9.93 -23.82 28.66
CA LYS F 148 -9.72 -25.21 29.08
C LYS F 148 -8.72 -25.93 28.17
N LEU F 149 -7.63 -26.36 28.80
CA LEU F 149 -6.55 -27.01 28.08
C LEU F 149 -6.89 -28.46 27.81
N THR F 150 -6.07 -29.06 26.97
CA THR F 150 -6.25 -30.39 26.49
C THR F 150 -4.99 -31.17 26.84
N ALA F 151 -5.16 -32.44 27.18
CA ALA F 151 -4.06 -33.38 27.36
C ALA F 151 -4.13 -34.43 26.25
N VAL F 152 -3.23 -35.42 26.30
CA VAL F 152 -3.26 -36.55 25.39
C VAL F 152 -3.78 -37.76 26.15
N CYS F 153 -4.73 -38.47 25.53
CA CYS F 153 -5.29 -39.67 26.14
C CYS F 153 -4.21 -40.74 26.25
N MET F 154 -3.99 -41.20 27.47
CA MET F 154 -2.98 -42.20 27.75
C MET F 154 -3.41 -43.61 27.36
N GLU F 155 -4.61 -43.73 26.81
CA GLU F 155 -5.20 -45.03 26.51
C GLU F 155 -5.57 -45.27 25.04
N CYS F 156 -5.89 -44.21 24.30
CA CYS F 156 -6.11 -44.33 22.84
C CYS F 156 -5.35 -43.29 22.04
N PHE F 157 -4.76 -42.33 22.76
CA PHE F 157 -3.81 -41.33 22.23
C PHE F 157 -4.43 -40.17 21.45
N ARG F 158 -5.76 -40.08 21.48
CA ARG F 158 -6.47 -38.90 20.98
C ARG F 158 -6.48 -37.82 22.07
N GLU F 159 -7.25 -36.74 21.88
CA GLU F 159 -7.32 -35.66 22.86
C GLU F 159 -8.02 -36.06 24.16
N ALA F 160 -7.48 -35.60 25.29
CA ALA F 160 -8.02 -35.93 26.60
C ALA F 160 -8.55 -34.70 27.34
N ALA F 161 -9.75 -34.84 27.90
CA ALA F 161 -10.41 -33.75 28.62
C ALA F 161 -10.61 -34.07 30.10
N TYR F 162 -10.34 -35.30 30.49
CA TYR F 162 -10.70 -35.80 31.83
C TYR F 162 -9.55 -36.51 32.54
N SER F 163 -9.64 -36.54 33.86
CA SER F 163 -8.69 -37.29 34.67
C SER F 163 -9.37 -38.54 35.25
N LYS F 164 -8.81 -39.71 34.93
CA LYS F 164 -9.34 -41.00 35.37
C LYS F 164 -8.48 -41.58 36.49
N ARG F 165 -9.08 -41.90 37.64
CA ARG F 165 -8.37 -42.55 38.74
C ARG F 165 -8.12 -44.03 38.43
N LEU F 166 -6.91 -44.50 38.74
CA LEU F 166 -6.52 -45.89 38.47
C LEU F 166 -6.90 -46.84 39.61
N GLY F 167 -6.67 -46.42 40.85
CA GLY F 167 -6.98 -47.24 42.03
C GLY F 167 -8.44 -47.21 42.48
N THR F 168 -8.67 -47.61 43.72
CA THR F 168 -10.05 -47.80 44.22
C THR F 168 -10.46 -46.84 45.33
N GLU F 169 -9.57 -45.92 45.70
CA GLU F 169 -9.89 -44.91 46.72
C GLU F 169 -11.07 -44.04 46.28
N LYS F 170 -11.90 -43.68 47.27
CA LYS F 170 -13.17 -43.00 47.00
C LYS F 170 -13.16 -41.53 47.41
N GLU F 171 -12.16 -41.13 48.18
CA GLU F 171 -12.05 -39.72 48.58
C GLU F 171 -11.48 -38.86 47.45
N VAL F 172 -11.92 -37.61 47.40
CA VAL F 172 -11.53 -36.69 46.33
C VAL F 172 -10.02 -36.47 46.27
N GLU F 173 -9.45 -35.98 47.37
CA GLU F 173 -8.02 -35.65 47.44
C GLU F 173 -7.13 -36.88 47.57
N VAL F 174 -6.51 -37.27 46.46
CA VAL F 174 -5.45 -38.26 46.47
C VAL F 174 -4.33 -37.75 45.57
N ILE F 175 -3.23 -37.35 46.21
CA ILE F 175 -2.06 -36.81 45.52
C ILE F 175 -1.36 -37.93 44.76
N GLY F 176 -0.96 -37.63 43.52
CA GLY F 176 -0.30 -38.62 42.67
C GLY F 176 -0.14 -38.13 41.24
N GLY F 177 0.70 -38.82 40.48
CA GLY F 177 0.94 -38.50 39.07
C GLY F 177 0.39 -39.59 38.16
N ALA F 178 1.15 -39.94 37.13
CA ALA F 178 0.72 -40.91 36.11
C ALA F 178 0.61 -42.36 36.62
N ASP F 179 1.14 -42.62 37.81
CA ASP F 179 1.00 -43.92 38.43
C ASP F 179 -0.38 -44.09 39.07
N LYS F 180 -1.03 -42.97 39.39
CA LYS F 180 -2.36 -42.97 40.04
C LYS F 180 -3.52 -42.51 39.14
N TYR F 181 -3.22 -41.78 38.07
CA TYR F 181 -4.23 -41.22 37.17
C TYR F 181 -3.79 -41.28 35.70
N HIS F 182 -4.78 -41.39 34.80
CA HIS F 182 -4.56 -41.22 33.37
C HIS F 182 -5.38 -40.03 32.85
N SER F 183 -4.78 -39.21 32.00
CA SER F 183 -5.56 -38.27 31.21
C SER F 183 -6.25 -39.11 30.14
N VAL F 184 -7.55 -38.90 29.95
CA VAL F 184 -8.34 -39.71 29.02
C VAL F 184 -9.41 -38.93 28.27
N CYS F 185 -9.80 -39.46 27.10
CA CYS F 185 -10.95 -38.95 26.35
C CYS F 185 -12.28 -39.46 26.95
N ARG F 186 -13.39 -39.06 26.34
CA ARG F 186 -14.72 -39.49 26.78
C ARG F 186 -14.90 -41.02 26.76
N LEU F 187 -14.52 -41.64 25.64
CA LEU F 187 -14.72 -43.08 25.45
C LEU F 187 -13.88 -43.94 26.40
N CYS F 188 -12.60 -43.56 26.58
CA CYS F 188 -11.71 -44.28 27.49
C CYS F 188 -12.09 -44.09 28.95
N TYR F 189 -12.67 -42.94 29.27
CA TYR F 189 -13.16 -42.70 30.63
C TYR F 189 -14.18 -43.75 31.05
N PHE F 190 -15.05 -44.13 30.12
CA PHE F 190 -16.16 -45.05 30.41
C PHE F 190 -15.89 -46.53 30.10
N LYS F 191 -14.69 -46.87 29.64
CA LYS F 191 -14.35 -48.27 29.34
C LYS F 191 -14.19 -49.12 30.60
N ARG G 18 -5.63 4.58 18.86
CA ARG G 18 -5.02 3.23 19.08
C ARG G 18 -5.56 2.18 18.11
N GLY G 19 -4.91 2.07 16.95
CA GLY G 19 -5.35 1.16 15.90
C GLY G 19 -4.70 -0.20 15.98
N GLN G 20 -5.17 -1.11 15.12
CA GLN G 20 -4.70 -2.49 15.11
C GLN G 20 -5.13 -3.26 13.87
N ILE G 21 -4.43 -4.35 13.57
CA ILE G 21 -4.85 -5.31 12.56
C ILE G 21 -5.10 -6.67 13.22
N GLN G 22 -6.27 -7.23 12.94
CA GLN G 22 -6.61 -8.59 13.34
C GLN G 22 -6.81 -9.44 12.09
N VAL G 23 -6.21 -10.62 12.07
CA VAL G 23 -6.27 -11.49 10.90
C VAL G 23 -6.95 -12.82 11.26
N ILE G 24 -7.98 -13.17 10.48
CA ILE G 24 -8.72 -14.42 10.62
C ILE G 24 -8.48 -15.29 9.38
N LEU G 25 -7.58 -16.26 9.53
CA LEU G 25 -7.24 -17.18 8.46
C LEU G 25 -8.02 -18.49 8.57
N GLY G 26 -7.86 -19.35 7.57
CA GLY G 26 -8.47 -20.67 7.57
C GLY G 26 -8.78 -21.09 6.15
N PRO G 27 -9.18 -22.36 5.97
CA PRO G 27 -9.62 -22.81 4.65
C PRO G 27 -11.02 -22.26 4.32
N MET G 28 -11.56 -22.67 3.18
CA MET G 28 -12.96 -22.38 2.88
C MET G 28 -13.83 -23.19 3.85
N PHE G 29 -15.05 -22.70 4.09
CA PHE G 29 -16.05 -23.38 4.94
C PHE G 29 -15.68 -23.42 6.43
N SER G 30 -14.70 -22.63 6.84
CA SER G 30 -14.34 -22.53 8.26
C SER G 30 -15.09 -21.42 9.02
N GLY G 31 -15.97 -20.69 8.33
CA GLY G 31 -16.75 -19.60 8.94
C GLY G 31 -15.98 -18.32 9.22
N LYS G 32 -14.96 -18.04 8.41
CA LYS G 32 -14.14 -16.81 8.54
C LYS G 32 -14.97 -15.52 8.47
N SER G 33 -15.92 -15.47 7.53
CA SER G 33 -16.80 -14.29 7.36
C SER G 33 -17.72 -14.06 8.56
N THR G 34 -18.20 -15.17 9.13
CA THR G 34 -19.05 -15.12 10.32
C THR G 34 -18.25 -14.60 11.53
N GLU G 35 -17.02 -15.08 11.68
CA GLU G 35 -16.13 -14.59 12.75
C GLU G 35 -15.83 -13.10 12.58
N LEU G 36 -15.61 -12.67 11.34
CA LEU G 36 -15.38 -11.27 11.03
C LEU G 36 -16.57 -10.40 11.50
N MET G 37 -17.77 -10.81 11.12
CA MET G 37 -18.98 -10.09 11.52
C MET G 37 -19.23 -10.13 13.03
N ARG G 38 -18.92 -11.26 13.66
CA ARG G 38 -19.03 -11.36 15.11
C ARG G 38 -18.21 -10.27 15.78
N ARG G 39 -16.93 -10.17 15.38
CA ARG G 39 -16.00 -9.18 15.94
C ARG G 39 -16.43 -7.73 15.66
N VAL G 40 -16.88 -7.45 14.45
CA VAL G 40 -17.34 -6.11 14.08
C VAL G 40 -18.58 -5.69 14.88
N ARG G 41 -19.55 -6.59 14.98
CA ARG G 41 -20.81 -6.32 15.69
C ARG G 41 -20.60 -6.02 17.19
N ARG G 42 -19.58 -6.63 17.79
CA ARG G 42 -19.18 -6.32 19.18
C ARG G 42 -18.89 -4.83 19.35
N PHE G 43 -18.18 -4.25 18.37
CA PHE G 43 -17.87 -2.82 18.40
C PHE G 43 -19.11 -2.00 18.04
N GLN G 44 -19.81 -2.44 17.00
CA GLN G 44 -21.03 -1.76 16.52
C GLN G 44 -22.06 -1.59 17.63
N ILE G 45 -22.33 -2.69 18.34
CA ILE G 45 -23.28 -2.70 19.45
C ILE G 45 -22.85 -1.75 20.59
N ALA G 46 -21.55 -1.45 20.66
CA ALA G 46 -21.02 -0.48 21.63
C ALA G 46 -20.91 0.95 21.06
N GLN G 47 -21.55 1.18 19.91
CA GLN G 47 -21.73 2.52 19.29
C GLN G 47 -20.58 3.05 18.39
N TYR G 48 -19.58 2.21 18.13
CA TYR G 48 -18.53 2.53 17.17
C TYR G 48 -19.10 2.62 15.76
N LYS G 49 -18.56 3.53 14.95
CA LYS G 49 -18.88 3.61 13.52
C LYS G 49 -18.11 2.52 12.81
N CYS G 50 -18.81 1.65 12.09
CA CYS G 50 -18.18 0.51 11.41
C CYS G 50 -18.39 0.52 9.90
N LEU G 51 -17.42 -0.03 9.19
CA LEU G 51 -17.52 -0.29 7.76
C LEU G 51 -17.05 -1.71 7.47
N VAL G 52 -17.82 -2.45 6.68
CA VAL G 52 -17.37 -3.75 6.19
C VAL G 52 -17.19 -3.68 4.68
N ILE G 53 -16.04 -4.18 4.21
CA ILE G 53 -15.72 -4.17 2.79
C ILE G 53 -15.63 -5.62 2.30
N LYS G 54 -16.37 -5.93 1.22
CA LYS G 54 -16.24 -7.25 0.60
C LYS G 54 -15.75 -7.16 -0.84
N TYR G 55 -15.22 -8.28 -1.34
CA TYR G 55 -14.65 -8.34 -2.68
C TYR G 55 -15.76 -8.38 -3.74
N ALA G 56 -15.75 -7.36 -4.59
CA ALA G 56 -16.81 -7.09 -5.57
C ALA G 56 -17.03 -8.22 -6.58
N LYS G 57 -15.95 -8.92 -6.94
CA LYS G 57 -16.03 -10.00 -7.93
C LYS G 57 -16.58 -11.32 -7.37
N ASP G 58 -16.61 -11.44 -6.04
CA ASP G 58 -17.27 -12.59 -5.42
C ASP G 58 -18.73 -12.26 -5.12
N THR G 59 -19.59 -12.67 -6.05
CA THR G 59 -21.01 -12.28 -6.03
C THR G 59 -21.90 -13.37 -5.44
N ARG G 60 -21.29 -14.44 -4.94
CA ARG G 60 -22.01 -15.57 -4.35
C ARG G 60 -22.98 -15.16 -3.25
N TYR G 61 -24.14 -15.81 -3.22
CA TYR G 61 -25.07 -15.68 -2.11
C TYR G 61 -24.57 -16.53 -0.95
N ALA G 75 -21.56 -1.58 4.01
CA ALA G 75 -21.24 -2.93 3.53
C ALA G 75 -20.88 -2.89 2.05
N LEU G 76 -19.76 -2.25 1.74
CA LEU G 76 -19.42 -1.87 0.38
C LEU G 76 -18.63 -2.92 -0.40
N PRO G 77 -18.99 -3.14 -1.68
CA PRO G 77 -18.14 -3.93 -2.56
C PRO G 77 -16.96 -3.11 -3.09
N ALA G 78 -15.81 -3.75 -3.28
CA ALA G 78 -14.63 -3.11 -3.86
C ALA G 78 -13.72 -4.13 -4.53
N CYS G 79 -12.99 -3.67 -5.55
CA CYS G 79 -11.92 -4.46 -6.17
C CYS G 79 -10.56 -4.02 -5.63
N LEU G 80 -10.51 -2.78 -5.18
CA LEU G 80 -9.36 -2.20 -4.50
C LEU G 80 -9.88 -1.50 -3.26
N LEU G 81 -9.19 -1.69 -2.14
CA LEU G 81 -9.58 -1.07 -0.87
C LEU G 81 -9.53 0.45 -0.95
N ARG G 82 -8.55 0.95 -1.69
CA ARG G 82 -8.38 2.35 -2.09
C ARG G 82 -9.67 2.98 -2.66
N ASP G 83 -10.45 2.17 -3.39
CA ASP G 83 -11.72 2.63 -3.98
C ASP G 83 -12.74 3.13 -2.96
N VAL G 84 -12.64 2.64 -1.73
CA VAL G 84 -13.54 3.08 -0.65
C VAL G 84 -12.79 3.73 0.51
N ALA G 85 -11.60 4.25 0.23
CA ALA G 85 -10.76 4.89 1.24
C ALA G 85 -11.45 6.09 1.90
N GLN G 86 -12.26 6.80 1.10
CA GLN G 86 -13.03 7.95 1.56
C GLN G 86 -14.00 7.56 2.67
N GLU G 87 -14.77 6.50 2.44
CA GLU G 87 -15.67 5.96 3.46
C GLU G 87 -14.92 5.42 4.70
N ALA G 88 -13.84 4.69 4.47
CA ALA G 88 -13.04 4.08 5.54
C ALA G 88 -12.45 5.09 6.52
N LEU G 89 -12.05 6.25 5.98
CA LEU G 89 -11.49 7.34 6.77
C LEU G 89 -12.41 7.90 7.85
N GLY G 90 -13.72 7.89 7.61
CA GLY G 90 -14.69 8.46 8.55
C GLY G 90 -15.23 7.45 9.56
N VAL G 91 -14.54 6.32 9.68
CA VAL G 91 -15.01 5.17 10.46
C VAL G 91 -13.95 4.76 11.49
N ALA G 92 -14.39 4.14 12.58
CA ALA G 92 -13.46 3.64 13.60
C ALA G 92 -13.04 2.18 13.42
N VAL G 93 -13.92 1.36 12.85
CA VAL G 93 -13.69 -0.08 12.71
C VAL G 93 -13.91 -0.54 11.26
N ILE G 94 -12.94 -1.25 10.70
CA ILE G 94 -13.04 -1.69 9.31
C ILE G 94 -12.93 -3.21 9.18
N GLY G 95 -14.02 -3.84 8.75
CA GLY G 95 -14.02 -5.26 8.44
C GLY G 95 -13.71 -5.49 6.98
N ILE G 96 -12.79 -6.40 6.69
CA ILE G 96 -12.48 -6.76 5.31
C ILE G 96 -12.68 -8.26 5.07
N ASP G 97 -13.55 -8.57 4.13
CA ASP G 97 -13.85 -9.95 3.77
C ASP G 97 -13.11 -10.35 2.48
N GLU G 98 -12.51 -11.55 2.51
CA GLU G 98 -11.71 -12.10 1.40
C GLU G 98 -10.49 -11.23 1.07
N GLY G 99 -9.73 -10.91 2.12
CA GLY G 99 -8.58 -10.01 2.03
C GLY G 99 -7.53 -10.35 0.97
N GLN G 100 -7.39 -11.64 0.66
CA GLN G 100 -6.39 -12.14 -0.29
C GLN G 100 -6.56 -11.65 -1.74
N PHE G 101 -7.76 -11.15 -2.07
CA PHE G 101 -8.06 -10.68 -3.42
C PHE G 101 -7.77 -9.20 -3.66
N PHE G 102 -7.52 -8.44 -2.58
CA PHE G 102 -7.23 -7.02 -2.69
C PHE G 102 -5.73 -6.79 -2.89
N PRO G 103 -5.34 -6.22 -4.05
CA PRO G 103 -3.92 -5.95 -4.34
C PRO G 103 -3.27 -5.02 -3.31
N ASP G 104 -4.06 -4.14 -2.71
CA ASP G 104 -3.55 -3.21 -1.71
C ASP G 104 -3.85 -3.61 -0.26
N ILE G 105 -4.03 -4.91 -0.01
CA ILE G 105 -4.38 -5.40 1.35
C ILE G 105 -3.38 -5.01 2.45
N VAL G 106 -2.09 -5.24 2.22
CA VAL G 106 -1.05 -4.94 3.20
C VAL G 106 -0.94 -3.45 3.52
N GLU G 107 -0.79 -2.62 2.50
CA GLU G 107 -0.58 -1.18 2.71
C GLU G 107 -1.83 -0.44 3.21
N PHE G 108 -3.01 -0.87 2.75
CA PHE G 108 -4.27 -0.29 3.23
C PHE G 108 -4.50 -0.55 4.72
N CYS G 109 -4.30 -1.80 5.14
CA CYS G 109 -4.49 -2.18 6.55
C CYS G 109 -3.53 -1.45 7.49
N GLU G 110 -2.25 -1.45 7.13
CA GLU G 110 -1.21 -0.77 7.92
C GLU G 110 -1.47 0.74 8.05
N ALA G 111 -1.83 1.38 6.93
CA ALA G 111 -2.17 2.80 6.90
C ALA G 111 -3.37 3.15 7.78
N MET G 112 -4.40 2.32 7.75
CA MET G 112 -5.61 2.56 8.54
C MET G 112 -5.39 2.30 10.03
N ALA G 113 -4.65 1.24 10.36
CA ALA G 113 -4.30 0.93 11.74
C ALA G 113 -3.43 2.03 12.35
N ASN G 114 -2.45 2.51 11.57
CA ASN G 114 -1.63 3.64 12.02
C ASN G 114 -2.43 4.95 12.12
N ALA G 115 -3.53 5.03 11.37
CA ALA G 115 -4.45 6.15 11.49
C ALA G 115 -5.45 5.99 12.65
N GLY G 116 -5.30 4.94 13.44
CA GLY G 116 -6.11 4.73 14.64
C GLY G 116 -7.33 3.83 14.50
N LYS G 117 -7.50 3.19 13.35
CA LYS G 117 -8.64 2.30 13.10
C LYS G 117 -8.35 0.87 13.52
N THR G 118 -9.36 0.19 14.05
CA THR G 118 -9.30 -1.26 14.25
C THR G 118 -9.67 -1.92 12.92
N VAL G 119 -8.73 -2.67 12.36
CA VAL G 119 -8.93 -3.35 11.07
C VAL G 119 -8.98 -4.86 11.30
N ILE G 120 -10.05 -5.47 10.80
CA ILE G 120 -10.31 -6.91 11.00
C ILE G 120 -10.45 -7.56 9.64
N VAL G 121 -9.61 -8.56 9.39
CA VAL G 121 -9.51 -9.17 8.06
C VAL G 121 -9.81 -10.65 8.09
N ALA G 122 -10.81 -11.06 7.31
CA ALA G 122 -11.06 -12.48 7.04
C ALA G 122 -10.43 -12.83 5.69
N ALA G 123 -9.65 -13.90 5.66
CA ALA G 123 -8.92 -14.26 4.45
C ALA G 123 -8.44 -15.71 4.42
N LEU G 124 -8.51 -16.30 3.23
CA LEU G 124 -7.84 -17.56 2.95
C LEU G 124 -6.33 -17.39 3.09
N ASP G 125 -5.69 -18.27 3.84
CA ASP G 125 -4.23 -18.25 3.95
C ASP G 125 -3.58 -18.94 2.74
N GLY G 126 -4.30 -19.89 2.15
CA GLY G 126 -3.76 -20.67 1.03
C GLY G 126 -4.68 -20.85 -0.16
N THR G 127 -4.08 -20.96 -1.34
CA THR G 127 -4.81 -21.30 -2.57
C THR G 127 -5.15 -22.78 -2.59
N PHE G 128 -5.76 -23.22 -3.69
CA PHE G 128 -6.07 -24.63 -3.91
C PHE G 128 -4.82 -25.51 -3.97
N GLN G 129 -3.65 -24.87 -4.13
CA GLN G 129 -2.37 -25.58 -4.15
C GLN G 129 -1.61 -25.54 -2.82
N ARG G 130 -2.28 -25.03 -1.78
CA ARG G 130 -1.68 -24.83 -0.44
C ARG G 130 -0.45 -23.92 -0.50
N LYS G 131 -0.51 -22.93 -1.37
CA LYS G 131 0.50 -21.88 -1.50
C LYS G 131 -0.10 -20.58 -0.97
N PRO G 132 0.75 -19.61 -0.57
CA PRO G 132 0.24 -18.32 -0.07
C PRO G 132 -0.70 -17.66 -1.07
N PHE G 133 -1.80 -17.10 -0.58
CA PHE G 133 -2.81 -16.48 -1.44
C PHE G 133 -2.55 -14.99 -1.54
N GLY G 134 -2.03 -14.57 -2.70
CA GLY G 134 -1.65 -13.17 -2.92
C GLY G 134 -0.61 -12.75 -1.89
N ALA G 135 -0.81 -11.56 -1.33
CA ALA G 135 0.12 -10.97 -0.36
C ALA G 135 -0.41 -11.01 1.08
N ILE G 136 -1.44 -11.83 1.33
CA ILE G 136 -2.11 -11.88 2.64
C ILE G 136 -1.18 -12.18 3.83
N LEU G 137 -0.22 -13.07 3.64
CA LEU G 137 0.67 -13.47 4.73
C LEU G 137 1.60 -12.35 5.20
N ASN G 138 1.79 -11.33 4.37
CA ASN G 138 2.57 -10.14 4.74
C ASN G 138 1.90 -9.29 5.80
N LEU G 139 0.59 -9.52 6.02
CA LEU G 139 -0.12 -8.89 7.14
C LEU G 139 0.33 -9.44 8.50
N VAL G 140 0.75 -10.70 8.53
CA VAL G 140 1.04 -11.40 9.79
C VAL G 140 2.06 -10.65 10.68
N PRO G 141 3.26 -10.29 10.15
CA PRO G 141 4.24 -9.52 10.94
C PRO G 141 3.74 -8.14 11.38
N LEU G 142 2.73 -7.62 10.68
CA LEU G 142 2.18 -6.30 10.97
C LEU G 142 0.99 -6.34 11.94
N ALA G 143 0.50 -7.54 12.25
CA ALA G 143 -0.78 -7.70 12.97
C ALA G 143 -0.61 -8.04 14.44
N GLU G 144 -1.52 -7.53 15.27
CA GLU G 144 -1.48 -7.84 16.70
C GLU G 144 -2.21 -9.16 17.04
N SER G 145 -3.13 -9.56 16.17
CA SER G 145 -3.93 -10.77 16.35
C SER G 145 -3.96 -11.60 15.07
N VAL G 146 -3.57 -12.86 15.17
CA VAL G 146 -3.60 -13.80 14.05
C VAL G 146 -4.11 -15.14 14.54
N VAL G 147 -5.13 -15.68 13.85
CA VAL G 147 -5.62 -17.03 14.12
C VAL G 147 -5.96 -17.76 12.81
N LYS G 148 -5.80 -19.08 12.80
CA LYS G 148 -6.29 -19.90 11.69
C LYS G 148 -7.43 -20.82 12.15
N LEU G 149 -8.61 -20.63 11.55
CA LEU G 149 -9.79 -21.43 11.89
C LEU G 149 -9.74 -22.78 11.17
N THR G 150 -10.58 -23.71 11.63
CA THR G 150 -10.69 -25.04 11.01
C THR G 150 -12.07 -25.23 10.38
N ALA G 151 -12.13 -26.09 9.38
CA ALA G 151 -13.40 -26.53 8.80
C ALA G 151 -13.58 -28.01 9.12
N VAL G 152 -14.70 -28.58 8.66
CA VAL G 152 -14.92 -30.01 8.69
C VAL G 152 -14.55 -30.59 7.31
N CYS G 153 -13.70 -31.62 7.29
CA CYS G 153 -13.31 -32.28 6.04
C CYS G 153 -14.54 -32.90 5.40
N MET G 154 -14.78 -32.55 4.14
CA MET G 154 -16.01 -32.97 3.46
C MET G 154 -15.91 -34.39 2.91
N GLU G 155 -14.75 -35.01 3.13
CA GLU G 155 -14.46 -36.32 2.55
C GLU G 155 -14.23 -37.42 3.60
N CYS G 156 -13.74 -37.04 4.79
CA CYS G 156 -13.56 -37.99 5.90
C CYS G 156 -14.13 -37.49 7.22
N PHE G 157 -14.56 -36.23 7.24
CA PHE G 157 -15.30 -35.64 8.38
C PHE G 157 -14.47 -35.42 9.66
N ARG G 158 -13.15 -35.46 9.52
CA ARG G 158 -12.25 -34.96 10.55
C ARG G 158 -12.06 -33.46 10.33
N GLU G 159 -11.23 -32.81 11.14
CA GLU G 159 -10.92 -31.38 10.95
C GLU G 159 -10.22 -31.12 9.62
N ALA G 160 -10.58 -30.01 8.98
CA ALA G 160 -10.02 -29.59 7.69
C ALA G 160 -9.26 -28.27 7.78
N ALA G 161 -8.09 -28.23 7.16
CA ALA G 161 -7.20 -27.06 7.16
C ALA G 161 -6.98 -26.46 5.77
N TYR G 162 -7.44 -27.16 4.73
CA TYR G 162 -7.11 -26.83 3.34
C TYR G 162 -8.33 -26.79 2.43
N SER G 163 -8.17 -26.13 1.27
CA SER G 163 -9.22 -26.05 0.27
C SER G 163 -8.80 -26.81 -1.00
N LYS G 164 -9.58 -27.82 -1.35
CA LYS G 164 -9.32 -28.65 -2.52
C LYS G 164 -10.24 -28.24 -3.67
N ARG G 165 -9.63 -27.92 -4.81
CA ARG G 165 -10.39 -27.60 -6.02
C ARG G 165 -10.94 -28.88 -6.65
N LEU G 166 -12.23 -28.88 -6.95
CA LEU G 166 -12.88 -30.07 -7.55
C LEU G 166 -12.62 -30.24 -9.05
N GLY G 167 -12.67 -29.15 -9.80
CA GLY G 167 -12.44 -29.19 -11.24
C GLY G 167 -10.97 -29.10 -11.64
N THR G 168 -10.72 -28.89 -12.93
CA THR G 168 -9.38 -28.96 -13.49
C THR G 168 -8.78 -27.60 -13.86
N GLU G 169 -9.47 -26.50 -13.54
CA GLU G 169 -8.93 -25.17 -13.87
C GLU G 169 -7.61 -24.88 -13.15
N LYS G 170 -6.78 -24.10 -13.83
CA LYS G 170 -5.38 -23.93 -13.48
C LYS G 170 -5.11 -22.56 -12.87
N GLU G 171 -5.95 -21.59 -13.19
CA GLU G 171 -5.83 -20.22 -12.66
C GLU G 171 -6.13 -20.19 -11.16
N VAL G 172 -5.50 -19.26 -10.45
CA VAL G 172 -5.74 -19.08 -9.01
C VAL G 172 -7.18 -18.63 -8.72
N GLU G 173 -7.59 -17.51 -9.30
CA GLU G 173 -8.93 -16.95 -9.06
C GLU G 173 -10.03 -17.72 -9.81
N VAL G 174 -10.73 -18.59 -9.09
CA VAL G 174 -11.96 -19.23 -9.55
C VAL G 174 -13.04 -19.11 -8.44
N ILE G 175 -13.97 -18.17 -8.63
CA ILE G 175 -15.04 -17.92 -7.67
C ILE G 175 -15.99 -19.11 -7.61
N GLY G 176 -16.28 -19.56 -6.40
CA GLY G 176 -17.20 -20.70 -6.22
C GLY G 176 -17.28 -21.16 -4.78
N GLY G 177 -18.31 -21.96 -4.49
CA GLY G 177 -18.52 -22.47 -3.14
C GLY G 177 -18.27 -23.96 -3.09
N ALA G 178 -19.13 -24.68 -2.37
CA ALA G 178 -19.04 -26.14 -2.24
C ALA G 178 -19.28 -26.87 -3.58
N ASP G 179 -19.83 -26.15 -4.55
CA ASP G 179 -19.97 -26.67 -5.91
C ASP G 179 -18.62 -26.83 -6.62
N LYS G 180 -17.63 -26.01 -6.23
CA LYS G 180 -16.32 -26.01 -6.89
C LYS G 180 -15.14 -26.40 -5.98
N TYR G 181 -15.36 -26.41 -4.66
CA TYR G 181 -14.30 -26.72 -3.70
C TYR G 181 -14.80 -27.58 -2.54
N HIS G 182 -13.91 -28.41 -2.00
CA HIS G 182 -14.11 -29.06 -0.69
C HIS G 182 -13.06 -28.59 0.32
N SER G 183 -13.47 -28.40 1.56
CA SER G 183 -12.53 -28.30 2.67
C SER G 183 -12.07 -29.72 3.00
N VAL G 184 -10.76 -29.90 3.18
CA VAL G 184 -10.17 -31.21 3.43
C VAL G 184 -9.06 -31.20 4.45
N CYS G 185 -8.85 -32.36 5.08
CA CYS G 185 -7.67 -32.59 5.90
C CYS G 185 -6.48 -32.90 5.00
N ARG G 186 -5.32 -33.06 5.62
CA ARG G 186 -4.07 -33.36 4.91
C ARG G 186 -4.15 -34.64 4.06
N LEU G 187 -4.70 -35.71 4.65
CA LEU G 187 -4.76 -37.01 3.98
C LEU G 187 -5.70 -37.01 2.78
N CYS G 188 -6.88 -36.42 2.94
CA CYS G 188 -7.83 -36.30 1.83
C CYS G 188 -7.35 -35.36 0.74
N TYR G 189 -6.52 -34.38 1.11
CA TYR G 189 -5.97 -33.45 0.13
C TYR G 189 -5.14 -34.18 -0.94
N PHE G 190 -4.35 -35.16 -0.51
CA PHE G 190 -3.45 -35.89 -1.41
C PHE G 190 -4.04 -37.16 -2.04
N LYS G 191 -5.28 -37.51 -1.69
CA LYS G 191 -5.90 -38.75 -2.18
C LYS G 191 -6.24 -38.68 -3.68
N ARG H 18 -18.11 -40.88 17.88
CA ARG H 18 -17.36 -40.15 18.94
C ARG H 18 -18.08 -38.85 19.29
N GLY H 19 -18.73 -38.85 20.46
CA GLY H 19 -19.51 -37.70 20.92
C GLY H 19 -18.69 -36.68 21.68
N GLN H 20 -19.28 -35.51 21.90
CA GLN H 20 -18.54 -34.35 22.35
C GLN H 20 -19.47 -33.27 22.91
N ILE H 21 -19.02 -32.56 23.95
CA ILE H 21 -19.65 -31.31 24.40
C ILE H 21 -18.65 -30.13 24.28
N GLN H 22 -19.10 -29.08 23.60
CA GLN H 22 -18.39 -27.82 23.52
C GLN H 22 -19.22 -26.73 24.17
N VAL H 23 -18.58 -25.88 24.98
CA VAL H 23 -19.27 -24.79 25.67
C VAL H 23 -18.67 -23.44 25.31
N ILE H 24 -19.54 -22.51 24.92
CA ILE H 24 -19.16 -21.14 24.58
C ILE H 24 -19.73 -20.19 25.63
N LEU H 25 -18.85 -19.72 26.51
CA LEU H 25 -19.24 -18.83 27.59
C LEU H 25 -18.94 -17.38 27.25
N GLY H 26 -19.43 -16.47 28.08
CA GLY H 26 -19.12 -15.06 27.97
C GLY H 26 -20.22 -14.19 28.52
N PRO H 27 -19.99 -12.86 28.60
CA PRO H 27 -21.08 -11.99 29.00
C PRO H 27 -22.07 -11.78 27.85
N MET H 28 -23.09 -10.97 28.09
CA MET H 28 -23.95 -10.52 27.01
C MET H 28 -23.16 -9.72 25.98
N PHE H 29 -23.64 -9.74 24.74
CA PHE H 29 -23.09 -8.92 23.65
C PHE H 29 -21.71 -9.34 23.17
N SER H 30 -21.30 -10.57 23.50
CA SER H 30 -19.97 -11.07 23.12
C SER H 30 -20.01 -11.94 21.85
N GLY H 31 -21.21 -12.10 21.29
CA GLY H 31 -21.40 -12.91 20.07
C GLY H 31 -21.42 -14.41 20.27
N LYS H 32 -21.89 -14.87 21.44
CA LYS H 32 -21.99 -16.30 21.74
C LYS H 32 -22.86 -17.09 20.75
N SER H 33 -24.07 -16.60 20.49
CA SER H 33 -25.01 -17.22 19.52
C SER H 33 -24.45 -17.29 18.10
N THR H 34 -23.68 -16.28 17.72
CA THR H 34 -23.00 -16.21 16.43
C THR H 34 -21.88 -17.26 16.34
N GLU H 35 -21.07 -17.37 17.38
CA GLU H 35 -20.05 -18.42 17.44
C GLU H 35 -20.70 -19.81 17.42
N LEU H 36 -21.82 -19.96 18.12
CA LEU H 36 -22.59 -21.21 18.10
C LEU H 36 -22.98 -21.59 16.66
N MET H 37 -23.59 -20.65 15.95
CA MET H 37 -24.00 -20.89 14.57
C MET H 37 -22.82 -21.11 13.63
N ARG H 38 -21.72 -20.38 13.84
CA ARG H 38 -20.50 -20.60 13.05
C ARG H 38 -20.06 -22.07 13.15
N ARG H 39 -19.96 -22.59 14.37
CA ARG H 39 -19.54 -23.98 14.60
C ARG H 39 -20.52 -25.01 14.02
N VAL H 40 -21.81 -24.77 14.20
CA VAL H 40 -22.84 -25.68 13.67
C VAL H 40 -22.87 -25.70 12.13
N ARG H 41 -22.80 -24.53 11.50
CA ARG H 41 -22.80 -24.42 10.03
C ARG H 41 -21.61 -25.13 9.36
N ARG H 42 -20.48 -25.22 10.06
CA ARG H 42 -19.33 -26.01 9.60
C ARG H 42 -19.67 -27.49 9.38
N PHE H 43 -20.47 -28.07 10.29
CA PHE H 43 -20.94 -29.44 10.16
C PHE H 43 -22.04 -29.58 9.10
N GLN H 44 -22.95 -28.62 9.07
CA GLN H 44 -24.08 -28.64 8.14
C GLN H 44 -23.61 -28.64 6.67
N ILE H 45 -22.65 -27.76 6.35
CA ILE H 45 -22.10 -27.65 4.99
C ILE H 45 -21.38 -28.94 4.55
N ALA H 46 -20.94 -29.73 5.54
CA ALA H 46 -20.32 -31.04 5.31
C ALA H 46 -21.34 -32.17 5.38
N GLN H 47 -22.62 -31.84 5.31
CA GLN H 47 -23.73 -32.81 5.17
C GLN H 47 -24.21 -33.50 6.45
N TYR H 48 -23.77 -33.02 7.62
CA TYR H 48 -24.29 -33.52 8.90
C TYR H 48 -25.71 -33.02 9.15
N LYS H 49 -26.56 -33.90 9.69
CA LYS H 49 -27.89 -33.49 10.15
C LYS H 49 -27.72 -32.70 11.45
N CYS H 50 -28.32 -31.52 11.49
CA CYS H 50 -28.14 -30.58 12.60
C CYS H 50 -29.46 -30.12 13.21
N LEU H 51 -29.47 -29.92 14.52
CA LEU H 51 -30.59 -29.30 15.24
C LEU H 51 -30.07 -28.17 16.11
N VAL H 52 -30.70 -27.00 16.01
CA VAL H 52 -30.40 -25.90 16.92
C VAL H 52 -31.61 -25.60 17.79
N ILE H 53 -31.38 -25.55 19.10
CA ILE H 53 -32.43 -25.35 20.08
C ILE H 53 -32.28 -23.96 20.72
N LYS H 54 -33.41 -23.28 20.84
CA LYS H 54 -33.45 -21.93 21.36
C LYS H 54 -34.37 -21.89 22.57
N TYR H 55 -34.08 -20.99 23.51
CA TYR H 55 -34.92 -20.82 24.69
C TYR H 55 -36.20 -20.08 24.33
N ALA H 56 -37.33 -20.79 24.42
CA ALA H 56 -38.64 -20.28 24.00
C ALA H 56 -39.05 -18.95 24.63
N LYS H 57 -38.70 -18.74 25.89
CA LYS H 57 -39.12 -17.50 26.59
C LYS H 57 -38.34 -16.25 26.18
N ASP H 58 -37.19 -16.40 25.51
CA ASP H 58 -36.48 -15.24 24.98
C ASP H 58 -36.99 -14.93 23.58
N THR H 59 -37.93 -13.99 23.52
CA THR H 59 -38.70 -13.72 22.30
C THR H 59 -38.16 -12.51 21.51
N ARG H 60 -37.00 -12.00 21.91
CA ARG H 60 -36.37 -10.85 21.24
C ARG H 60 -36.06 -11.15 19.77
N TYR H 61 -36.23 -10.14 18.91
CA TYR H 61 -35.86 -10.22 17.50
C TYR H 61 -34.36 -10.50 17.30
N SER H 62 -33.56 -10.02 18.26
CA SER H 62 -32.08 -10.04 18.23
C SER H 62 -31.34 -11.08 17.35
N SER H 63 -31.44 -12.41 17.50
CA SER H 63 -32.02 -13.29 18.58
C SER H 63 -32.96 -14.37 18.07
N SER H 64 -33.56 -14.14 16.89
CA SER H 64 -34.35 -15.17 16.22
C SER H 64 -33.42 -16.18 15.54
N MET H 73 -31.95 -27.11 8.13
CA MET H 73 -31.64 -27.33 9.53
C MET H 73 -32.88 -27.18 10.41
N GLU H 74 -33.11 -28.19 11.26
CA GLU H 74 -34.13 -28.10 12.30
C GLU H 74 -33.78 -27.00 13.30
N ALA H 75 -34.75 -26.12 13.57
CA ALA H 75 -34.61 -25.07 14.56
C ALA H 75 -35.86 -25.06 15.44
N LEU H 76 -35.67 -25.26 16.75
CA LEU H 76 -36.80 -25.45 17.67
C LEU H 76 -36.70 -24.64 18.96
N PRO H 77 -37.77 -23.90 19.30
CA PRO H 77 -37.84 -23.28 20.62
C PRO H 77 -38.19 -24.32 21.68
N ALA H 78 -37.66 -24.16 22.89
CA ALA H 78 -37.95 -25.09 23.99
C ALA H 78 -37.75 -24.43 25.36
N CYS H 79 -38.45 -24.95 26.37
CA CYS H 79 -38.23 -24.52 27.76
C CYS H 79 -37.57 -25.64 28.56
N LEU H 80 -37.56 -26.83 27.98
CA LEU H 80 -36.97 -28.00 28.59
C LEU H 80 -36.38 -28.82 27.46
N LEU H 81 -35.12 -29.22 27.61
CA LEU H 81 -34.44 -29.96 26.53
C LEU H 81 -35.06 -31.35 26.29
N ARG H 82 -35.53 -31.98 27.37
CA ARG H 82 -36.28 -33.24 27.32
C ARG H 82 -37.41 -33.20 26.29
N ASP H 83 -38.06 -32.05 26.15
CA ASP H 83 -39.15 -31.87 25.16
C ASP H 83 -38.73 -32.05 23.69
N VAL H 84 -37.43 -31.93 23.40
CA VAL H 84 -36.95 -32.09 22.02
C VAL H 84 -35.93 -33.24 21.88
N ALA H 85 -35.90 -34.12 22.88
CA ALA H 85 -34.98 -35.26 22.91
C ALA H 85 -35.17 -36.23 21.73
N GLN H 86 -36.42 -36.41 21.33
CA GLN H 86 -36.79 -37.27 20.21
C GLN H 86 -36.20 -36.74 18.90
N GLU H 87 -36.42 -35.45 18.65
CA GLU H 87 -35.81 -34.77 17.50
C GLU H 87 -34.28 -34.84 17.53
N ALA H 88 -33.69 -34.59 18.70
CA ALA H 88 -32.24 -34.62 18.90
C ALA H 88 -31.61 -35.97 18.61
N LEU H 89 -32.37 -37.05 18.85
CA LEU H 89 -31.90 -38.41 18.64
C LEU H 89 -31.63 -38.76 17.18
N GLY H 90 -32.38 -38.16 16.26
CA GLY H 90 -32.22 -38.42 14.83
C GLY H 90 -31.24 -37.50 14.13
N VAL H 91 -30.41 -36.82 14.93
CA VAL H 91 -29.51 -35.78 14.45
C VAL H 91 -28.08 -36.06 14.94
N ALA H 92 -27.07 -35.61 14.19
CA ALA H 92 -25.67 -35.82 14.58
C ALA H 92 -25.06 -34.65 15.37
N VAL H 93 -25.54 -33.44 15.11
CA VAL H 93 -25.00 -32.22 15.72
C VAL H 93 -26.13 -31.37 16.35
N ILE H 94 -25.96 -31.04 17.62
CA ILE H 94 -26.96 -30.27 18.37
C ILE H 94 -26.35 -28.97 18.89
N GLY H 95 -26.99 -27.85 18.54
CA GLY H 95 -26.62 -26.55 19.07
C GLY H 95 -27.67 -26.08 20.05
N ILE H 96 -27.22 -25.55 21.19
CA ILE H 96 -28.13 -25.01 22.20
C ILE H 96 -27.78 -23.56 22.53
N ASP H 97 -28.73 -22.65 22.30
CA ASP H 97 -28.57 -21.24 22.62
C ASP H 97 -29.19 -20.91 23.98
N GLU H 98 -28.51 -20.05 24.74
CA GLU H 98 -28.93 -19.63 26.09
C GLU H 98 -29.12 -20.84 27.02
N GLY H 99 -28.10 -21.71 27.04
CA GLY H 99 -28.13 -22.96 27.79
C GLY H 99 -28.38 -22.83 29.28
N GLN H 100 -28.05 -21.66 29.85
CA GLN H 100 -28.28 -21.37 31.28
C GLN H 100 -29.74 -21.47 31.71
N PHE H 101 -30.66 -21.29 30.76
CA PHE H 101 -32.08 -21.26 31.06
C PHE H 101 -32.74 -22.65 31.10
N PHE H 102 -32.02 -23.66 30.61
CA PHE H 102 -32.54 -25.02 30.62
C PHE H 102 -32.17 -25.74 31.92
N PRO H 103 -33.19 -26.21 32.68
CA PRO H 103 -32.92 -26.90 33.95
C PRO H 103 -32.24 -28.26 33.75
N ASP H 104 -32.53 -28.90 32.61
CA ASP H 104 -31.96 -30.20 32.29
C ASP H 104 -30.74 -30.14 31.36
N ILE H 105 -30.01 -29.02 31.39
CA ILE H 105 -28.85 -28.79 30.50
C ILE H 105 -27.77 -29.88 30.63
N VAL H 106 -27.42 -30.24 31.87
CA VAL H 106 -26.36 -31.21 32.13
C VAL H 106 -26.71 -32.61 31.66
N GLU H 107 -27.89 -33.11 32.04
CA GLU H 107 -28.26 -34.49 31.69
C GLU H 107 -28.50 -34.69 30.20
N PHE H 108 -29.07 -33.67 29.54
CA PHE H 108 -29.27 -33.70 28.09
C PHE H 108 -27.94 -33.73 27.34
N CYS H 109 -27.05 -32.78 27.64
CA CYS H 109 -25.77 -32.69 26.96
C CYS H 109 -24.90 -33.93 27.17
N GLU H 110 -24.83 -34.39 28.42
CA GLU H 110 -24.12 -35.62 28.75
C GLU H 110 -24.71 -36.84 28.03
N ALA H 111 -26.03 -37.00 28.08
CA ALA H 111 -26.72 -38.12 27.42
C ALA H 111 -26.49 -38.15 25.91
N MET H 112 -26.65 -36.99 25.25
CA MET H 112 -26.43 -36.87 23.81
C MET H 112 -24.97 -37.08 23.35
N ALA H 113 -24.01 -36.50 24.07
CA ALA H 113 -22.59 -36.73 23.77
C ALA H 113 -22.19 -38.20 23.94
N ASN H 114 -22.69 -38.83 24.99
CA ASN H 114 -22.45 -40.26 25.23
C ASN H 114 -23.12 -41.15 24.18
N ALA H 115 -24.17 -40.62 23.54
CA ALA H 115 -24.85 -41.32 22.46
C ALA H 115 -24.21 -41.04 21.10
N GLY H 116 -23.10 -40.30 21.11
CA GLY H 116 -22.32 -40.03 19.90
C GLY H 116 -22.54 -38.70 19.18
N LYS H 117 -23.41 -37.83 19.72
CA LYS H 117 -23.68 -36.52 19.13
C LYS H 117 -22.62 -35.48 19.54
N THR H 118 -22.39 -34.51 18.66
CA THR H 118 -21.61 -33.33 19.00
C THR H 118 -22.59 -32.25 19.47
N VAL H 119 -22.43 -31.85 20.74
CA VAL H 119 -23.30 -30.87 21.38
C VAL H 119 -22.52 -29.57 21.62
N ILE H 120 -23.08 -28.47 21.13
CA ILE H 120 -22.44 -27.16 21.23
C ILE H 120 -23.38 -26.21 21.96
N VAL H 121 -22.88 -25.62 23.04
CA VAL H 121 -23.71 -24.80 23.92
C VAL H 121 -23.19 -23.39 24.02
N ALA H 122 -24.05 -22.42 23.69
CA ALA H 122 -23.79 -21.01 23.96
C ALA H 122 -24.55 -20.65 25.22
N ALA H 123 -23.85 -20.03 26.18
CA ALA H 123 -24.48 -19.69 27.45
C ALA H 123 -23.73 -18.62 28.23
N LEU H 124 -24.51 -17.84 28.96
CA LEU H 124 -24.00 -16.96 30.00
C LEU H 124 -23.41 -17.80 31.12
N ASP H 125 -22.16 -17.50 31.48
CA ASP H 125 -21.53 -18.14 32.62
C ASP H 125 -22.06 -17.54 33.93
N GLY H 126 -22.30 -16.23 33.92
CA GLY H 126 -22.68 -15.50 35.12
C GLY H 126 -23.96 -14.69 34.99
N THR H 127 -24.61 -14.46 36.13
CA THR H 127 -25.79 -13.62 36.20
C THR H 127 -25.37 -12.16 36.30
N PHE H 128 -26.36 -11.26 36.39
CA PHE H 128 -26.13 -9.83 36.64
C PHE H 128 -25.37 -9.58 37.94
N GLN H 129 -25.31 -10.60 38.79
CA GLN H 129 -24.59 -10.55 40.05
C GLN H 129 -23.19 -11.19 40.01
N ARG H 130 -22.80 -11.67 38.82
CA ARG H 130 -21.53 -12.38 38.63
C ARG H 130 -21.45 -13.67 39.48
N LYS H 131 -22.63 -14.27 39.68
CA LYS H 131 -22.78 -15.59 40.29
C LYS H 131 -23.04 -16.61 39.18
N PRO H 132 -22.75 -17.91 39.44
CA PRO H 132 -23.05 -18.98 38.47
C PRO H 132 -24.50 -18.96 37.97
N PHE H 133 -24.68 -18.98 36.65
CA PHE H 133 -26.02 -18.91 36.06
C PHE H 133 -26.63 -20.30 35.98
N GLY H 134 -27.54 -20.58 36.93
CA GLY H 134 -28.17 -21.89 37.03
C GLY H 134 -27.18 -23.02 37.17
N ALA H 135 -27.34 -24.06 36.33
CA ALA H 135 -26.50 -25.26 36.39
C ALA H 135 -25.39 -25.31 35.33
N ILE H 136 -25.22 -24.21 34.59
CA ILE H 136 -24.33 -24.19 33.41
C ILE H 136 -22.87 -24.60 33.66
N LEU H 137 -22.33 -24.26 34.83
CA LEU H 137 -20.93 -24.55 35.12
C LEU H 137 -20.66 -26.04 35.41
N ASN H 138 -21.70 -26.81 35.75
CA ASN H 138 -21.59 -28.27 35.86
C ASN H 138 -21.21 -28.95 34.55
N LEU H 139 -21.46 -28.27 33.43
CA LEU H 139 -21.01 -28.74 32.12
C LEU H 139 -19.50 -28.72 31.96
N VAL H 140 -18.83 -27.77 32.61
CA VAL H 140 -17.39 -27.56 32.37
C VAL H 140 -16.55 -28.85 32.57
N PRO H 141 -16.67 -29.54 33.74
CA PRO H 141 -15.92 -30.81 33.92
C PRO H 141 -16.30 -31.91 32.94
N LEU H 142 -17.49 -31.79 32.33
CA LEU H 142 -17.98 -32.79 31.38
C LEU H 142 -17.61 -32.47 29.93
N ALA H 143 -17.14 -31.25 29.69
CA ALA H 143 -16.95 -30.75 28.34
C ALA H 143 -15.50 -30.94 27.87
N GLU H 144 -15.33 -31.33 26.62
CA GLU H 144 -13.97 -31.41 26.08
C GLU H 144 -13.48 -30.06 25.51
N SER H 145 -14.39 -29.10 25.39
CA SER H 145 -14.04 -27.76 24.91
C SER H 145 -14.81 -26.66 25.68
N VAL H 146 -14.07 -25.70 26.22
CA VAL H 146 -14.65 -24.58 26.95
C VAL H 146 -13.92 -23.27 26.63
N VAL H 147 -14.66 -22.28 26.20
CA VAL H 147 -14.10 -20.94 25.96
C VAL H 147 -14.97 -19.88 26.66
N LYS H 148 -14.36 -18.77 27.08
CA LYS H 148 -15.12 -17.60 27.51
C LYS H 148 -14.81 -16.41 26.62
N LEU H 149 -15.83 -15.93 25.93
CA LEU H 149 -15.71 -14.83 24.98
C LEU H 149 -15.75 -13.49 25.69
N THR H 150 -15.44 -12.45 24.95
CA THR H 150 -15.31 -11.12 25.48
C THR H 150 -16.23 -10.15 24.72
N ALA H 151 -16.79 -9.18 25.44
CA ALA H 151 -17.58 -8.12 24.84
C ALA H 151 -16.80 -6.79 24.87
N VAL H 152 -17.40 -5.73 24.33
CA VAL H 152 -16.84 -4.39 24.52
C VAL H 152 -17.60 -3.72 25.66
N CYS H 153 -16.87 -3.09 26.58
CA CYS H 153 -17.50 -2.34 27.66
C CYS H 153 -18.27 -1.16 27.09
N MET H 154 -19.57 -1.12 27.38
CA MET H 154 -20.42 -0.07 26.85
C MET H 154 -20.28 1.26 27.61
N GLU H 155 -19.41 1.29 28.61
CA GLU H 155 -19.24 2.47 29.45
C GLU H 155 -17.83 3.09 29.36
N CYS H 156 -16.81 2.27 29.18
CA CYS H 156 -15.43 2.77 29.00
C CYS H 156 -14.74 2.25 27.74
N PHE H 157 -15.38 1.29 27.07
CA PHE H 157 -14.95 0.77 25.75
C PHE H 157 -13.67 -0.09 25.77
N ARG H 158 -13.21 -0.45 26.96
CA ARG H 158 -12.19 -1.50 27.09
C ARG H 158 -12.89 -2.86 27.04
N GLU H 159 -12.12 -3.94 27.16
CA GLU H 159 -12.65 -5.31 27.11
C GLU H 159 -13.63 -5.59 28.26
N ALA H 160 -14.74 -6.27 27.94
CA ALA H 160 -15.79 -6.56 28.93
C ALA H 160 -16.00 -8.06 29.18
N ALA H 161 -16.18 -8.42 30.44
CA ALA H 161 -16.32 -9.81 30.86
C ALA H 161 -17.64 -10.08 31.57
N TYR H 162 -18.40 -9.02 31.86
CA TYR H 162 -19.57 -9.12 32.73
C TYR H 162 -20.82 -8.45 32.15
N SER H 163 -21.98 -8.80 32.70
CA SER H 163 -23.26 -8.20 32.33
C SER H 163 -23.83 -7.44 33.52
N LYS H 164 -24.04 -6.14 33.32
CA LYS H 164 -24.58 -5.26 34.36
C LYS H 164 -26.06 -4.98 34.10
N ARG H 165 -26.90 -5.29 35.09
CA ARG H 165 -28.32 -4.95 35.02
C ARG H 165 -28.49 -3.43 35.21
N LEU H 166 -29.37 -2.83 34.40
CA LEU H 166 -29.59 -1.38 34.45
C LEU H 166 -30.67 -0.99 35.45
N GLY H 167 -31.73 -1.80 35.54
CA GLY H 167 -32.85 -1.50 36.44
C GLY H 167 -32.68 -1.95 37.88
N THR H 168 -33.80 -2.09 38.59
CA THR H 168 -33.78 -2.41 40.02
C THR H 168 -34.36 -3.80 40.32
N GLU H 169 -34.84 -4.49 39.28
CA GLU H 169 -35.40 -5.84 39.48
C GLU H 169 -34.34 -6.80 40.00
N LYS H 170 -34.76 -7.69 40.91
CA LYS H 170 -33.81 -8.55 41.63
C LYS H 170 -33.90 -10.04 41.27
N GLU H 171 -34.95 -10.41 40.54
CA GLU H 171 -35.10 -11.77 40.04
C GLU H 171 -34.01 -12.08 39.01
N VAL H 172 -33.50 -13.30 39.02
CA VAL H 172 -32.43 -13.71 38.10
C VAL H 172 -32.86 -13.56 36.63
N GLU H 173 -33.98 -14.20 36.27
CA GLU H 173 -34.46 -14.17 34.89
C GLU H 173 -35.23 -12.90 34.52
N VAL H 174 -34.56 -12.03 33.77
CA VAL H 174 -35.19 -10.87 33.13
C VAL H 174 -34.70 -10.79 31.68
N ILE H 175 -35.57 -11.18 30.76
CA ILE H 175 -35.29 -11.12 29.32
C ILE H 175 -35.18 -9.66 28.89
N GLY H 176 -34.15 -9.35 28.09
CA GLY H 176 -33.92 -8.02 27.56
C GLY H 176 -32.55 -7.87 26.91
N GLY H 177 -32.37 -6.81 26.14
CA GLY H 177 -31.11 -6.52 25.45
C GLY H 177 -30.34 -5.37 26.07
N ALA H 178 -29.74 -4.54 25.22
CA ALA H 178 -28.93 -3.40 25.66
C ALA H 178 -29.74 -2.31 26.39
N ASP H 179 -31.07 -2.42 26.30
CA ASP H 179 -32.00 -1.58 27.05
C ASP H 179 -32.09 -1.95 28.53
N LYS H 180 -31.74 -3.19 28.87
CA LYS H 180 -31.82 -3.68 30.25
C LYS H 180 -30.45 -4.01 30.87
N TYR H 181 -29.45 -4.20 30.01
CA TYR H 181 -28.11 -4.64 30.43
C TYR H 181 -27.01 -3.93 29.65
N HIS H 182 -25.86 -3.74 30.30
CA HIS H 182 -24.62 -3.35 29.64
C HIS H 182 -23.56 -4.44 29.84
N SER H 183 -22.82 -4.75 28.77
CA SER H 183 -21.55 -5.46 28.94
C SER H 183 -20.53 -4.48 29.53
N VAL H 184 -19.79 -4.93 30.55
CA VAL H 184 -18.88 -4.06 31.29
C VAL H 184 -17.61 -4.79 31.73
N CYS H 185 -16.55 -4.01 31.93
CA CYS H 185 -15.33 -4.46 32.58
C CYS H 185 -15.55 -4.50 34.10
N ARG H 186 -14.54 -4.97 34.83
CA ARG H 186 -14.54 -5.01 36.30
C ARG H 186 -14.78 -3.63 36.93
N LEU H 187 -14.04 -2.62 36.47
CA LEU H 187 -14.13 -1.27 37.03
C LEU H 187 -15.52 -0.64 36.87
N CYS H 188 -16.07 -0.71 35.65
CA CYS H 188 -17.41 -0.17 35.39
C CYS H 188 -18.51 -0.96 36.07
N TYR H 189 -18.32 -2.26 36.26
CA TYR H 189 -19.26 -3.09 37.00
C TYR H 189 -19.50 -2.50 38.40
N PHE H 190 -18.43 -2.07 39.06
CA PHE H 190 -18.49 -1.61 40.45
C PHE H 190 -18.71 -0.10 40.66
N LYS H 191 -19.00 0.64 39.58
CA LYS H 191 -19.20 2.09 39.69
C LYS H 191 -20.49 2.45 40.40
PA TTP I . -12.27 14.14 -21.74
O1A TTP I . -11.33 13.26 -22.54
O2A TTP I . -11.61 14.75 -20.54
O3A TTP I . -12.99 15.26 -22.63
PB TTP I . -12.19 16.36 -23.51
O1B TTP I . -11.71 15.71 -24.78
O2B TTP I . -13.12 17.51 -23.81
O3B TTP I . -10.92 16.80 -22.60
PG TTP I . -10.54 18.33 -22.22
O1G TTP I . -11.69 19.00 -21.51
O2G TTP I . -10.23 19.07 -23.49
O3G TTP I . -9.36 18.33 -21.28
O5' TTP I . -13.51 13.20 -21.30
C5' TTP I . -14.61 13.75 -20.60
C4' TTP I . -15.75 12.76 -20.70
O4' TTP I . -15.36 11.51 -20.12
C3' TTP I . -16.94 13.30 -19.91
O3' TTP I . -18.10 13.17 -20.72
C2' TTP I . -17.04 12.40 -18.70
C1' TTP I . -16.34 11.13 -19.15
N1 TTP I . -15.79 10.33 -18.05
C2 TTP I . -16.32 9.04 -17.83
O2 TTP I . -17.25 8.62 -18.57
N3 TTP I . -15.86 8.25 -16.85
C4 TTP I . -14.87 8.67 -16.03
O4 TTP I . -14.46 7.92 -15.11
C5 TTP I . -14.29 10.02 -16.24
C5M TTP I . -13.19 10.54 -15.35
C6 TTP I . -14.79 10.82 -17.27
ZN ZN J . -7.08 20.02 -4.04
PA TTP K . 2.11 36.17 -33.22
O1A TTP K . 2.71 36.44 -31.85
O2A TTP K . 2.68 34.94 -33.85
O3A TTP K . 0.50 36.16 -33.17
PB TTP K . -0.41 34.97 -32.56
O1B TTP K . -0.85 35.35 -31.17
O2B TTP K . -1.61 34.70 -33.45
O3B TTP K . 0.54 33.66 -32.51
PG TTP K . 0.05 32.16 -32.85
O1G TTP K . -1.09 31.78 -31.95
O2G TTP K . 1.20 31.22 -32.62
O3G TTP K . -0.42 32.05 -34.27
O5' TTP K . 2.43 37.43 -34.16
C5' TTP K . 1.93 37.53 -35.49
C4' TTP K . 2.09 38.97 -35.93
O4' TTP K . 3.44 39.43 -35.78
C3' TTP K . 1.74 39.11 -37.41
O3' TTP K . 0.82 40.18 -37.54
C2' TTP K . 3.05 39.45 -38.09
C1' TTP K . 3.85 40.10 -36.98
N1 TTP K . 5.31 40.09 -37.14
C2 TTP K . 5.98 41.35 -37.27
O2 TTP K . 5.33 42.43 -37.26
N3 TTP K . 7.31 41.43 -37.41
C4 TTP K . 8.07 40.32 -37.43
O4 TTP K . 9.31 40.40 -37.55
C5 TTP K . 7.40 38.99 -37.29
C5M TTP K . 8.20 37.70 -37.30
C6 TTP K . 6.02 38.95 -37.14
ZN ZN L . 12.45 23.61 -43.65
PA TTP M . 16.59 0.84 -17.88
O1A TTP M . 15.36 1.21 -17.07
O2A TTP M . 16.55 1.41 -19.27
O3A TTP M . 17.95 1.17 -17.09
PB TTP M . 18.39 2.67 -16.69
O1B TTP M . 17.66 3.13 -15.44
O2B TTP M . 19.89 2.75 -16.50
O3B TTP M . 17.88 3.56 -17.93
PG TTP M . 18.70 4.79 -18.57
O1G TTP M . 19.20 5.69 -17.48
O2G TTP M . 17.81 5.50 -19.53
O3G TTP M . 19.88 4.23 -19.34
O5' TTP M . 16.58 -0.76 -18.00
C5' TTP M . 17.68 -1.43 -18.57
C4' TTP M . 17.57 -2.89 -18.17
O4' TTP M . 16.32 -3.46 -18.57
C3' TTP M . 18.66 -3.66 -18.88
O3' TTP M . 19.30 -4.47 -17.90
C2' TTP M . 17.96 -4.50 -19.93
C1' TTP M . 16.57 -4.66 -19.31
N1 TTP M . 15.49 -4.97 -20.28
C2 TTP M . 14.79 -6.20 -20.13
O2 TTP M . 15.09 -6.99 -19.22
N3 TTP M . 13.79 -6.54 -20.96
C4 TTP M . 13.42 -5.74 -21.96
O4 TTP M . 12.49 -6.08 -22.72
C5 TTP M . 14.13 -4.43 -22.13
C5M TTP M . 13.76 -3.48 -23.23
C6 TTP M . 15.16 -4.11 -21.25
ZN ZN N . 16.24 4.66 -36.69
PA TTP O . 25.47 27.15 -12.41
O1A TTP O . 25.89 25.94 -13.20
O2A TTP O . 24.23 27.79 -12.95
O3A TTP O . 25.26 26.84 -10.84
PB TTP O . 24.62 25.47 -10.27
O1B TTP O . 25.69 24.41 -10.13
O2B TTP O . 23.93 25.72 -8.96
O3B TTP O . 23.59 25.10 -11.46
PG TTP O . 22.98 23.66 -11.81
O1G TTP O . 22.60 22.94 -10.53
O2G TTP O . 23.90 22.82 -12.63
O3G TTP O . 21.72 23.96 -12.60
O5' TTP O . 26.65 28.24 -12.40
C5' TTP O . 26.46 29.45 -11.67
C4' TTP O . 27.77 30.20 -11.49
O4' TTP O . 27.54 31.58 -11.76
C3' TTP O . 28.24 30.12 -10.04
O3' TTP O . 29.66 30.01 -10.04
C2' TTP O . 27.79 31.43 -9.41
C1' TTP O . 27.79 32.36 -10.60
N1 TTP O . 26.84 33.47 -10.55
C2 TTP O . 27.38 34.76 -10.76
O2 TTP O . 28.60 34.89 -10.94
N3 TTP O . 26.60 35.84 -10.75
C4 TTP O . 25.29 35.75 -10.55
O4 TTP O . 24.60 36.79 -10.57
C5 TTP O . 24.68 34.41 -10.35
C5M TTP O . 23.19 34.25 -10.12
C6 TTP O . 25.52 33.30 -10.35
MG MG P . 26.13 24.04 -12.95
ZN ZN Q . 10.38 30.57 -1.25
PA TTP R . 12.81 -16.25 19.74
O1A TTP R . 12.18 -17.06 18.62
O2A TTP R . 11.87 -15.22 20.32
O3A TTP R . 13.43 -17.20 20.89
PB TTP R . 12.56 -18.04 21.97
O1B TTP R . 12.37 -19.45 21.47
O2B TTP R . 13.25 -18.07 23.30
O3B TTP R . 11.15 -17.25 22.05
PG TTP R . 10.31 -16.99 23.41
O1G TTP R . 11.01 -16.03 24.33
O2G TTP R . 10.15 -18.30 24.14
O3G TTP R . 8.97 -16.38 23.06
O5' TTP R . 14.09 -15.54 19.07
C5' TTP R . 15.06 -14.87 19.85
C4' TTP R . 16.30 -14.62 19.00
O4' TTP R . 15.98 -14.04 17.73
C3' TTP R . 17.19 -13.63 19.74
O3' TTP R . 18.48 -14.21 19.87
C2' TTP R . 17.24 -12.40 18.86
C1' TTP R . 16.86 -12.94 17.49
N1 TTP R . 16.31 -11.91 16.60
C2 TTP R . 17.06 -11.58 15.44
O2 TTP R . 18.14 -12.16 15.21
N3 TTP R . 16.63 -10.65 14.58
C4 TTP R . 15.48 -9.99 14.78
O4 TTP R . 15.12 -9.12 13.96
C5 TTP R . 14.68 -10.31 15.98
C5M TTP R . 13.38 -9.61 16.25
C6 TTP R . 15.15 -11.28 16.87
ZN ZN S . 3.61 0.18 24.20
PA TTP T . -2.97 -30.49 38.81
O1A TTP T . -3.81 -29.23 38.96
O2A TTP T . -3.28 -31.27 37.56
O3A TTP T . -1.40 -30.19 38.95
PB TTP T . -0.54 -29.26 37.95
O1B TTP T . -0.72 -27.79 38.30
O2B TTP T . 0.90 -29.66 38.05
O3B TTP T . -1.18 -29.53 36.50
PG TTP T . -0.35 -29.76 35.14
O1G TTP T . 0.62 -28.62 34.94
O2G TTP T . -1.31 -29.83 33.98
O3G TTP T . 0.38 -31.08 35.22
O5' TTP T . -3.23 -31.41 40.10
C5' TTP T . -2.74 -32.73 40.17
C4' TTP T . -2.95 -33.19 41.60
O4' TTP T . -4.34 -33.24 41.92
C3' TTP T . -2.37 -34.57 41.78
O3' TTP T . -1.70 -34.60 43.04
C2' TTP T . -3.58 -35.48 41.83
C1' TTP T . -4.64 -34.55 42.40
N1 TTP T . -6.02 -34.99 42.14
C2 TTP T . -6.86 -35.26 43.24
O2 TTP T . -6.42 -35.11 44.41
N3 TTP T . -8.13 -35.67 43.08
C4 TTP T . -8.65 -35.84 41.86
O4 TTP T . -9.83 -36.22 41.75
C5 TTP T . -7.79 -35.58 40.67
C5M TTP T . -8.32 -35.76 39.27
C6 TTP T . -6.47 -35.15 40.88
ZN ZN U . -8.96 -42.37 24.71
PA TTP V . -14.19 -17.64 1.37
O1A TTP V . -14.99 -16.58 2.10
O2A TTP V . -12.85 -17.89 2.00
O3A TTP V . -15.00 -19.03 1.23
PB TTP V . -16.11 -19.51 2.29
O1B TTP V . -17.33 -18.64 2.17
O2B TTP V . -16.45 -20.97 2.12
O3B TTP V . -15.32 -19.33 3.68
PG TTP V . -15.92 -19.05 5.15
O1G TTP V . -14.72 -19.16 6.06
O2G TTP V . -16.93 -20.10 5.54
O3G TTP V . -16.54 -17.68 5.24
O5' TTP V . -13.99 -17.20 -0.16
C5' TTP V . -13.13 -17.93 -1.02
C4' TTP V . -13.32 -17.47 -2.46
O4' TTP V . -12.06 -17.60 -3.10
C3' TTP V . -14.30 -18.35 -3.21
O3' TTP V . -15.07 -17.56 -4.13
C2' TTP V . -13.45 -19.31 -4.01
C1' TTP V . -12.16 -18.52 -4.19
N1 TTP V . -10.94 -19.31 -4.26
C2 TTP V . -10.06 -19.00 -5.33
O2 TTP V . -10.37 -18.12 -6.15
N3 TTP V . -8.90 -19.67 -5.47
C4 TTP V . -8.54 -20.63 -4.61
O4 TTP V . -7.46 -21.23 -4.78
C5 TTP V . -9.45 -20.96 -3.47
C5M TTP V . -9.09 -22.02 -2.47
C6 TTP V . -10.64 -20.25 -3.35
MG MG W . -16.97 -16.31 3.13
ZN ZN X . -10.29 -35.92 5.39
PA TTP Y . -27.55 -13.77 25.48
O1A TTP Y . -27.62 -14.53 24.18
O2A TTP Y . -26.42 -14.26 26.35
O3A TTP Y . -27.45 -12.16 25.25
PB TTP Y . -26.84 -11.55 23.89
O1B TTP Y . -27.87 -11.65 22.79
O2B TTP Y . -26.31 -10.15 24.08
O3B TTP Y . -25.65 -12.62 23.69
PG TTP Y . -24.60 -12.75 22.49
O1G TTP Y . -24.32 -11.40 21.88
O2G TTP Y . -25.10 -13.72 21.46
O3G TTP Y . -23.34 -13.25 23.15
O5' TTP Y . -28.94 -13.87 26.27
C5' TTP Y . -28.99 -13.54 27.65
C4' TTP Y . -30.44 -13.43 28.07
O4' TTP Y . -30.52 -13.68 29.48
C3' TTP Y . -31.01 -12.04 27.83
O3' TTP Y . -32.36 -12.17 27.37
C2' TTP Y . -31.02 -11.37 29.19
C1' TTP Y . -31.07 -12.56 30.15
N1 TTP Y . -30.36 -12.38 31.41
C2 TTP Y . -31.07 -12.71 32.59
O2 TTP Y . -32.27 -13.10 32.51
N3 TTP Y . -30.49 -12.60 33.79
C4 TTP Y . -29.23 -12.19 33.92
O4 TTP Y . -28.72 -12.10 35.05
C5 TTP Y . -28.45 -11.86 32.70
C5M TTP Y . -27.01 -11.40 32.80
C6 TTP Y . -29.08 -11.98 31.45
MG MG Z . -27.60 -14.28 22.16
ZN ZN AA . -15.51 -0.29 31.48
#